data_5EW5
#
_entry.id   5EW5
#
_cell.length_a   94.894
_cell.length_b   116.050
_cell.length_c   150.365
_cell.angle_alpha   90.00
_cell.angle_beta   93.72
_cell.angle_gamma   90.00
#
_symmetry.space_group_name_H-M   'P 1 21 1'
#
loop_
_entity.id
_entity.type
_entity.pdbx_description
1 polymer Colicin-E9
2 polymer 'Colicin-E9 immunity protein'
3 water water
#
loop_
_entity_poly.entity_id
_entity_poly.type
_entity_poly.pdbx_seq_one_letter_code
_entity_poly.pdbx_strand_id
1 'polypeptide(L)'
;MSGGDGRGHNTGAHSTSGNINGGPTGIGVSGGASDGSGWSSENNPWGGGSGSGIHWGGGSGRGNGGGNGNSGGGSGTGGN
LSAVAAPVAFGFPALSTPGAGGLAVSISASELSAAIAGIIAKLKKVNLKFTPFGVVLSSLIPSEIAKDDPNMMSKIVTSL
PADDITESPVSSLPLDKATVNVNVRVVDDVKDERQNISVVSGVPMSVPVVDAKPTERPGVFTASIPGAPVLNISVNDSTP
AVQTLSPGVTNNTDKDVRPAGFTQGGNTRDAVIRFPKDSGHNAVYVSVSDVLSPDQVKQRQDEENRRQQEWDATHPVEAA
ERNCERARAELNQANEDVARNQERQAKAVQVYNSRKSELDAANKTLADAIAEIKQFNRFAHDPMAGGHRMWQMAGLKAQR
AQTDVNNKQAAFDAAAKEKSDADAALSAAQERRKQKENKEKDAKDKCAMESKRNKPGKATGKGKPVGDKWLDDAGKDSGA
PIPDRIADKLRDKEFKSFDDFRKAVWEEVSKDPELSKNLNPSNKSSVSKGYSPFTPKNQQVGGRKVYELHHDKPISQGGE
VYDMDNIRVTTPKRHIDIHRGK
;
A,B,C,D
2 'polypeptide(L)'
;MELKHSISDYTEAEFLQLVTTICNADTSSEEELVKLVTHFEEMTEHPSGSDLIYYPKEGDDDSPSGIVNTVKQWRAANGK
SGFKQGLEHHHHHH
;
E,F,G,H
#
# COMPACT_ATOMS: atom_id res chain seq x y z
N ALA A 85 -52.06 1.58 42.77
CA ALA A 85 -51.06 0.78 43.56
C ALA A 85 -50.72 -0.56 42.87
N ALA A 86 -50.33 -0.50 41.60
CA ALA A 86 -50.03 -1.71 40.83
C ALA A 86 -49.11 -2.58 41.65
N PRO A 87 -49.48 -3.86 41.86
CA PRO A 87 -48.71 -4.70 42.76
C PRO A 87 -47.38 -5.20 42.16
N VAL A 88 -46.35 -5.31 42.99
CA VAL A 88 -45.05 -5.83 42.54
C VAL A 88 -44.95 -7.34 42.74
N ALA A 89 -44.50 -8.03 41.70
CA ALA A 89 -44.43 -9.49 41.76
C ALA A 89 -43.56 -9.96 42.90
N PHE A 90 -43.90 -11.13 43.42
CA PHE A 90 -43.20 -11.72 44.53
C PHE A 90 -41.85 -12.17 44.03
N GLY A 91 -40.79 -11.84 44.76
CA GLY A 91 -39.45 -12.31 44.43
C GLY A 91 -38.69 -11.47 43.40
N PHE A 92 -39.16 -10.25 43.13
CA PHE A 92 -38.55 -9.33 42.14
C PHE A 92 -38.18 -7.94 42.72
N PRO A 93 -36.96 -7.84 43.30
CA PRO A 93 -36.40 -6.70 43.98
C PRO A 93 -36.62 -5.41 43.26
N ALA A 94 -37.13 -4.43 43.99
CA ALA A 94 -37.43 -3.13 43.42
C ALA A 94 -37.13 -2.03 44.44
N LEU A 95 -36.89 -0.82 43.97
CA LEU A 95 -36.61 0.29 44.86
C LEU A 95 -37.90 0.81 45.41
N SER A 96 -37.97 1.02 46.72
CA SER A 96 -39.02 1.89 47.30
C SER A 96 -38.41 3.08 48.04
N THR A 97 -38.59 4.25 47.47
CA THR A 97 -38.22 5.49 48.12
C THR A 97 -39.09 5.54 49.38
N PRO A 98 -38.51 5.81 50.55
CA PRO A 98 -39.42 5.90 51.69
C PRO A 98 -40.23 7.22 51.71
N GLY A 99 -41.28 7.26 52.53
CA GLY A 99 -41.96 8.50 52.89
C GLY A 99 -41.66 8.79 54.34
N ALA A 100 -42.29 9.82 54.90
CA ALA A 100 -42.29 10.03 56.34
C ALA A 100 -43.10 8.90 56.95
N GLY A 101 -44.20 8.53 56.30
CA GLY A 101 -45.03 7.40 56.73
C GLY A 101 -44.44 6.01 56.52
N GLY A 102 -43.14 5.94 56.22
CA GLY A 102 -42.42 4.67 56.06
C GLY A 102 -42.31 4.25 54.60
N LEU A 103 -41.89 3.02 54.35
CA LEU A 103 -41.90 2.52 52.97
C LEU A 103 -43.31 2.22 52.54
N ALA A 104 -43.52 2.29 51.23
CA ALA A 104 -44.76 1.87 50.61
C ALA A 104 -44.50 0.64 49.77
N VAL A 105 -45.24 -0.42 50.06
CA VAL A 105 -45.17 -1.66 49.30
C VAL A 105 -46.61 -2.09 49.00
N SER A 106 -46.81 -2.64 47.80
CA SER A 106 -48.10 -3.21 47.44
C SER A 106 -47.89 -4.62 46.91
N ILE A 107 -48.39 -5.60 47.66
CA ILE A 107 -48.30 -7.01 47.26
C ILE A 107 -49.52 -7.42 46.41
N SER A 108 -49.46 -8.63 45.88
CA SER A 108 -50.60 -9.27 45.22
C SER A 108 -51.01 -10.56 45.97
N ALA A 109 -52.14 -11.13 45.59
CA ALA A 109 -52.54 -12.44 46.12
C ALA A 109 -51.93 -13.56 45.29
N SER A 110 -51.81 -13.32 43.97
CA SER A 110 -51.36 -14.28 42.96
C SER A 110 -50.00 -14.94 43.26
N GLU A 111 -49.91 -16.28 43.25
CA GLU A 111 -48.69 -16.98 43.73
C GLU A 111 -47.47 -16.81 42.84
N LEU A 112 -46.30 -17.00 43.45
CA LEU A 112 -45.02 -16.57 42.88
C LEU A 112 -44.68 -17.36 41.63
N SER A 113 -44.05 -16.67 40.66
CA SER A 113 -43.86 -17.23 39.31
C SER A 113 -43.02 -18.51 39.27
N ALA A 114 -43.07 -19.17 38.12
CA ALA A 114 -42.30 -20.38 37.91
C ALA A 114 -40.85 -20.15 38.31
N ALA A 115 -40.34 -18.99 37.92
CA ALA A 115 -38.95 -18.59 38.16
C ALA A 115 -38.45 -18.86 39.57
N ILE A 116 -39.05 -18.14 40.53
CA ILE A 116 -38.56 -18.07 41.90
C ILE A 116 -38.80 -19.42 42.58
N ALA A 117 -39.96 -20.01 42.29
CA ALA A 117 -40.30 -21.36 42.74
C ALA A 117 -39.21 -22.28 42.29
N GLY A 118 -38.90 -22.17 41.00
CA GLY A 118 -37.76 -22.84 40.41
C GLY A 118 -36.56 -22.69 41.33
N ILE A 119 -36.13 -21.45 41.55
CA ILE A 119 -34.97 -21.18 42.37
C ILE A 119 -35.08 -21.85 43.74
N ILE A 120 -36.24 -21.72 44.40
CA ILE A 120 -36.34 -22.21 45.77
C ILE A 120 -36.33 -23.74 45.81
N ALA A 121 -36.92 -24.35 44.77
CA ALA A 121 -36.90 -25.81 44.56
C ALA A 121 -35.48 -26.28 44.25
N LYS A 122 -34.87 -25.70 43.21
CA LYS A 122 -33.46 -25.93 42.88
C LYS A 122 -32.61 -25.80 44.14
N LEU A 123 -32.79 -24.67 44.83
CA LEU A 123 -31.95 -24.31 45.95
C LEU A 123 -32.19 -25.22 47.14
N LYS A 124 -33.37 -25.83 47.20
CA LYS A 124 -33.74 -26.72 48.30
C LYS A 124 -32.86 -27.96 48.39
N LYS A 125 -32.52 -28.51 47.23
CA LYS A 125 -31.77 -29.76 47.16
C LYS A 125 -30.34 -29.51 46.68
N PRO A 132 -23.17 -21.89 53.69
CA PRO A 132 -24.32 -21.11 53.19
C PRO A 132 -24.19 -20.68 51.72
N PHE A 133 -25.11 -21.14 50.86
CA PHE A 133 -25.08 -20.81 49.42
C PHE A 133 -26.33 -20.04 48.93
N GLY A 134 -26.35 -19.62 47.68
CA GLY A 134 -27.46 -18.80 47.20
C GLY A 134 -27.40 -18.40 45.74
N VAL A 135 -28.45 -17.71 45.30
CA VAL A 135 -28.67 -17.39 43.88
C VAL A 135 -29.01 -15.93 43.73
N VAL A 136 -28.40 -15.25 42.77
CA VAL A 136 -28.55 -13.81 42.69
C VAL A 136 -29.77 -13.39 41.93
N LEU A 137 -30.64 -12.63 42.57
CA LEU A 137 -31.79 -12.04 41.86
C LEU A 137 -31.34 -10.82 41.11
N SER A 138 -30.64 -9.92 41.80
CA SER A 138 -30.31 -8.62 41.24
C SER A 138 -28.94 -8.09 41.66
N SER A 139 -28.45 -7.11 40.92
CA SER A 139 -27.18 -6.43 41.20
C SER A 139 -27.53 -5.00 41.21
N LEU A 140 -26.87 -4.26 42.09
CA LEU A 140 -27.18 -2.86 42.30
C LEU A 140 -26.02 -1.99 41.88
N ILE A 141 -26.39 -0.82 41.38
CA ILE A 141 -25.47 0.09 40.76
C ILE A 141 -25.84 1.44 41.31
N PRO A 142 -25.15 1.87 42.37
CA PRO A 142 -25.49 3.14 43.01
C PRO A 142 -25.41 4.33 42.04
N SER A 143 -24.39 4.35 41.18
CA SER A 143 -24.27 5.37 40.15
C SER A 143 -25.61 5.71 39.54
N GLU A 144 -26.39 4.68 39.25
CA GLU A 144 -27.65 4.88 38.55
C GLU A 144 -28.78 5.20 39.52
N ILE A 145 -28.81 4.50 40.65
CA ILE A 145 -29.95 4.64 41.56
C ILE A 145 -30.08 6.08 41.97
N ALA A 146 -28.96 6.78 42.01
CA ALA A 146 -28.96 8.17 42.41
C ALA A 146 -29.44 9.13 41.31
N LYS A 147 -29.29 8.77 40.04
CA LYS A 147 -29.85 9.62 38.98
C LYS A 147 -31.30 10.00 39.30
N ASP A 148 -32.07 9.04 39.82
CA ASP A 148 -33.46 9.29 40.27
C ASP A 148 -33.60 9.56 41.78
N ASP A 149 -32.80 8.91 42.61
CA ASP A 149 -32.84 9.11 44.06
C ASP A 149 -31.50 9.73 44.48
N PRO A 150 -31.33 11.04 44.23
CA PRO A 150 -30.01 11.62 44.49
C PRO A 150 -29.62 11.47 45.93
N ASN A 151 -30.58 11.61 46.84
CA ASN A 151 -30.29 11.53 48.27
C ASN A 151 -29.83 10.17 48.78
N MET A 152 -30.04 9.12 48.00
CA MET A 152 -29.72 7.75 48.41
C MET A 152 -30.51 7.34 49.67
N MET A 153 -31.78 7.76 49.71
CA MET A 153 -32.73 7.35 50.76
C MET A 153 -33.42 6.01 50.45
N SER A 154 -33.44 5.63 49.17
CA SER A 154 -34.20 4.48 48.69
C SER A 154 -33.67 3.19 49.26
N LYS A 155 -34.58 2.28 49.62
CA LYS A 155 -34.19 0.96 50.04
C LYS A 155 -34.59 -0.01 48.93
N ILE A 156 -34.34 -1.29 49.17
CA ILE A 156 -34.67 -2.33 48.23
C ILE A 156 -35.46 -3.42 48.89
N VAL A 157 -36.72 -3.47 48.48
CA VAL A 157 -37.69 -4.38 48.99
C VAL A 157 -37.86 -5.53 48.03
N THR A 158 -38.12 -6.68 48.61
CA THR A 158 -38.32 -7.89 47.89
C THR A 158 -39.28 -8.62 48.77
N SER A 159 -40.20 -9.37 48.18
CA SER A 159 -41.20 -10.04 49.01
C SER A 159 -41.66 -11.40 48.50
N LEU A 160 -41.89 -12.33 49.44
CA LEU A 160 -42.37 -13.69 49.15
C LEU A 160 -43.54 -14.06 50.06
N PRO A 161 -44.45 -14.98 49.63
CA PRO A 161 -45.49 -15.40 50.53
C PRO A 161 -44.91 -16.44 51.50
N ALA A 162 -45.08 -16.17 52.79
CA ALA A 162 -44.38 -16.87 53.86
C ALA A 162 -44.35 -18.41 53.81
N ASP A 163 -45.43 -19.01 53.34
CA ASP A 163 -45.53 -20.48 53.38
C ASP A 163 -44.47 -21.17 52.51
N ASP A 164 -44.10 -20.53 51.40
CA ASP A 164 -43.04 -21.02 50.51
C ASP A 164 -41.66 -20.99 51.16
N ILE A 165 -41.49 -20.14 52.17
CA ILE A 165 -40.26 -20.07 52.91
C ILE A 165 -40.26 -21.06 54.05
N THR A 166 -41.34 -21.06 54.83
CA THR A 166 -41.37 -21.72 56.13
C THR A 166 -41.93 -23.13 56.09
N GLU A 167 -41.26 -24.05 56.80
CA GLU A 167 -41.69 -25.46 56.88
C GLU A 167 -42.99 -25.61 57.68
N SER A 168 -43.09 -24.91 58.81
CA SER A 168 -44.30 -24.89 59.62
C SER A 168 -45.18 -23.71 59.23
N PRO A 169 -46.36 -23.99 58.65
CA PRO A 169 -47.28 -22.91 58.28
C PRO A 169 -47.38 -21.86 59.37
N VAL A 170 -47.46 -20.60 58.96
CA VAL A 170 -47.45 -19.50 59.91
C VAL A 170 -48.71 -19.51 60.76
N SER A 171 -49.82 -19.97 60.17
CA SER A 171 -51.09 -20.15 60.89
C SER A 171 -50.89 -20.99 62.14
N SER A 172 -50.43 -22.23 61.94
CA SER A 172 -50.21 -23.16 63.05
C SER A 172 -48.94 -22.81 63.81
N LEU A 173 -48.93 -21.65 64.42
CA LEU A 173 -47.78 -21.19 65.12
C LEU A 173 -48.33 -20.46 66.30
N PRO A 174 -47.76 -20.71 67.48
CA PRO A 174 -48.08 -19.92 68.68
C PRO A 174 -48.00 -18.40 68.48
N LEU A 175 -48.86 -17.66 69.16
CA LEU A 175 -48.77 -16.20 69.18
C LEU A 175 -47.60 -15.66 70.04
N ASP A 176 -46.99 -16.50 70.88
CA ASP A 176 -45.86 -16.08 71.74
C ASP A 176 -44.54 -15.96 70.97
N LYS A 177 -44.38 -16.78 69.91
CA LYS A 177 -43.18 -16.82 69.06
C LYS A 177 -42.97 -15.50 68.33
N ALA A 178 -41.74 -14.99 68.43
CA ALA A 178 -41.35 -13.78 67.72
C ALA A 178 -40.54 -14.13 66.48
N THR A 179 -40.04 -15.37 66.41
CA THR A 179 -39.13 -15.80 65.34
C THR A 179 -39.47 -17.17 64.76
N VAL A 180 -39.99 -17.20 63.52
CA VAL A 180 -40.23 -18.46 62.83
C VAL A 180 -39.02 -18.89 62.00
N ASN A 181 -38.80 -20.19 61.94
CA ASN A 181 -37.69 -20.73 61.17
C ASN A 181 -38.04 -20.67 59.70
N VAL A 182 -37.00 -20.46 58.87
CA VAL A 182 -37.17 -20.37 57.42
C VAL A 182 -36.13 -21.21 56.69
N ASN A 183 -36.50 -21.70 55.51
CA ASN A 183 -35.64 -22.55 54.68
C ASN A 183 -34.74 -21.76 53.72
N VAL A 184 -35.11 -20.51 53.45
CA VAL A 184 -34.36 -19.62 52.57
C VAL A 184 -34.64 -18.20 53.02
N ARG A 185 -33.79 -17.25 52.65
CA ARG A 185 -34.07 -15.85 52.91
C ARG A 185 -33.61 -14.98 51.77
N VAL A 186 -34.16 -13.77 51.70
CA VAL A 186 -33.68 -12.81 50.72
C VAL A 186 -32.83 -11.76 51.40
N VAL A 187 -31.60 -11.68 50.92
CA VAL A 187 -30.50 -11.09 51.65
C VAL A 187 -29.61 -10.37 50.66
N ASP A 188 -29.06 -9.23 51.08
CA ASP A 188 -28.06 -8.56 50.26
C ASP A 188 -26.69 -9.23 50.44
N ASP A 189 -25.99 -9.41 49.32
CA ASP A 189 -24.70 -10.05 49.31
C ASP A 189 -23.80 -9.14 48.50
N VAL A 190 -22.50 -9.28 48.68
CA VAL A 190 -21.55 -8.50 47.89
C VAL A 190 -20.62 -9.45 47.22
N LYS A 191 -20.74 -9.50 45.90
CA LYS A 191 -19.94 -10.41 45.10
C LYS A 191 -19.59 -9.71 43.80
N ASP A 192 -18.41 -10.01 43.31
CA ASP A 192 -17.89 -9.37 42.11
C ASP A 192 -18.14 -7.85 42.08
N GLU A 193 -17.74 -7.18 43.16
CA GLU A 193 -17.62 -5.72 43.20
C GLU A 193 -18.93 -4.92 43.04
N ARG A 194 -20.09 -5.58 43.12
CA ARG A 194 -21.35 -4.88 43.24
C ARG A 194 -22.06 -5.45 44.44
N GLN A 195 -22.83 -4.59 45.11
CA GLN A 195 -23.80 -5.09 46.10
C GLN A 195 -24.90 -5.81 45.31
N ASN A 196 -25.43 -6.90 45.84
CA ASN A 196 -26.54 -7.54 45.15
C ASN A 196 -27.51 -8.29 46.04
N ILE A 197 -28.77 -8.28 45.67
CA ILE A 197 -29.84 -8.91 46.43
C ILE A 197 -29.96 -10.34 46.00
N SER A 198 -30.08 -11.26 46.95
CA SER A 198 -30.10 -12.67 46.57
C SER A 198 -30.73 -13.63 47.57
N VAL A 199 -31.11 -14.79 47.05
CA VAL A 199 -31.85 -15.81 47.76
C VAL A 199 -30.85 -16.77 48.34
N VAL A 200 -30.86 -16.88 49.66
CA VAL A 200 -29.84 -17.57 50.41
C VAL A 200 -30.44 -18.86 50.96
N SER A 201 -29.60 -19.78 51.45
CA SER A 201 -30.06 -21.09 51.92
C SER A 201 -28.92 -21.95 52.46
N GLY A 202 -29.24 -23.21 52.78
CA GLY A 202 -28.23 -24.23 53.04
C GLY A 202 -27.85 -24.41 54.50
N VAL A 203 -28.35 -23.52 55.35
CA VAL A 203 -28.18 -23.64 56.78
C VAL A 203 -29.53 -23.42 57.47
N PRO A 204 -29.56 -23.64 58.80
CA PRO A 204 -30.58 -23.17 59.75
C PRO A 204 -30.72 -21.65 59.82
N MET A 205 -31.91 -21.14 59.48
CA MET A 205 -32.18 -19.71 59.55
C MET A 205 -33.56 -19.45 60.18
N SER A 206 -33.77 -18.22 60.64
CA SER A 206 -34.97 -17.90 61.37
C SER A 206 -35.09 -16.41 61.54
N VAL A 207 -36.28 -15.88 61.38
CA VAL A 207 -36.46 -14.45 61.26
C VAL A 207 -37.56 -13.88 62.15
N PRO A 208 -37.45 -12.58 62.47
CA PRO A 208 -38.53 -11.83 63.10
C PRO A 208 -39.88 -12.13 62.46
N VAL A 209 -40.93 -12.15 63.29
CA VAL A 209 -42.32 -12.32 62.86
C VAL A 209 -43.08 -11.18 63.46
N VAL A 210 -43.75 -10.36 62.66
CA VAL A 210 -44.41 -9.19 63.22
C VAL A 210 -45.80 -9.03 62.66
N ASP A 211 -46.71 -8.58 63.53
CA ASP A 211 -48.12 -8.49 63.20
C ASP A 211 -48.36 -7.15 62.57
N ALA A 212 -49.33 -7.09 61.67
CA ALA A 212 -49.60 -5.88 60.90
C ALA A 212 -50.87 -5.16 61.37
N LYS A 213 -50.69 -4.09 62.12
CA LYS A 213 -51.81 -3.25 62.55
C LYS A 213 -52.48 -2.64 61.29
N PRO A 214 -53.84 -2.53 61.30
CA PRO A 214 -54.55 -1.89 60.19
C PRO A 214 -54.52 -0.38 60.29
N THR A 215 -55.14 0.29 59.33
CA THR A 215 -55.16 1.75 59.33
C THR A 215 -56.45 2.27 58.71
N GLU A 216 -56.67 3.58 58.85
CA GLU A 216 -57.81 4.27 58.25
C GLU A 216 -58.14 3.71 56.87
N ARG A 217 -57.12 3.55 56.05
CA ARG A 217 -57.31 3.14 54.65
C ARG A 217 -57.77 1.69 54.61
N PRO A 218 -58.59 1.33 53.60
CA PRO A 218 -59.19 -0.01 53.55
C PRO A 218 -58.31 -1.05 52.86
N GLY A 219 -57.83 -2.03 53.63
CA GLY A 219 -56.89 -3.04 53.12
C GLY A 219 -55.47 -2.50 53.02
N VAL A 220 -54.94 -2.01 54.15
CA VAL A 220 -53.65 -1.32 54.22
C VAL A 220 -53.13 -1.33 55.65
N PHE A 221 -52.02 -2.01 55.91
CA PHE A 221 -51.61 -2.27 57.27
C PHE A 221 -50.22 -1.73 57.54
N THR A 222 -49.79 -1.68 58.80
CA THR A 222 -48.42 -1.23 59.10
C THR A 222 -47.64 -2.26 59.91
N ALA A 223 -46.76 -2.96 59.21
CA ALA A 223 -45.73 -3.77 59.85
C ALA A 223 -44.56 -2.87 60.13
N SER A 224 -43.98 -3.02 61.31
CA SER A 224 -42.76 -2.31 61.64
C SER A 224 -41.74 -3.33 62.09
N ILE A 225 -40.78 -3.58 61.21
CA ILE A 225 -39.72 -4.51 61.47
C ILE A 225 -38.59 -3.76 62.15
N PRO A 226 -38.13 -4.30 63.28
CA PRO A 226 -37.02 -3.67 63.97
C PRO A 226 -35.93 -3.30 62.97
N GLY A 227 -35.50 -2.03 62.96
CA GLY A 227 -34.32 -1.63 62.20
C GLY A 227 -34.56 -1.22 60.75
N ALA A 228 -35.80 -1.33 60.30
CA ALA A 228 -36.20 -0.78 59.02
C ALA A 228 -37.15 0.39 59.28
N PRO A 229 -37.58 1.09 58.24
CA PRO A 229 -38.67 2.04 58.49
C PRO A 229 -40.04 1.36 58.61
N VAL A 230 -41.06 2.13 58.99
CA VAL A 230 -42.44 1.63 59.00
C VAL A 230 -42.83 1.13 57.60
N LEU A 231 -43.12 -0.15 57.51
CA LEU A 231 -43.38 -0.78 56.24
C LEU A 231 -44.90 -0.89 56.08
N ASN A 232 -45.53 0.12 55.46
CA ASN A 232 -46.99 0.04 55.25
C ASN A 232 -47.41 -0.64 53.92
N ILE A 233 -48.12 -1.76 54.09
CA ILE A 233 -48.41 -2.72 53.05
C ILE A 233 -49.79 -2.44 52.46
N SER A 234 -50.10 -3.04 51.32
CA SER A 234 -51.39 -2.87 50.70
C SER A 234 -51.69 -4.01 49.73
N VAL A 235 -52.62 -4.90 50.09
CA VAL A 235 -52.97 -6.05 49.21
C VAL A 235 -53.81 -5.59 48.01
N ASN A 236 -53.64 -6.26 46.86
CA ASN A 236 -54.30 -5.92 45.62
C ASN A 236 -54.30 -7.09 44.62
N ASP A 237 -55.46 -7.70 44.42
CA ASP A 237 -55.61 -8.79 43.44
C ASP A 237 -56.53 -8.37 42.27
N SER A 238 -56.70 -7.05 42.10
CA SER A 238 -57.55 -6.49 41.04
C SER A 238 -56.75 -6.21 39.78
N THR A 239 -55.68 -5.44 39.96
CA THR A 239 -54.78 -5.10 38.88
C THR A 239 -53.83 -6.28 38.65
N PRO A 240 -53.51 -6.55 37.35
CA PRO A 240 -52.53 -7.58 37.04
C PRO A 240 -51.09 -7.18 37.42
N ALA A 241 -50.36 -8.18 37.91
CA ALA A 241 -49.09 -8.00 38.57
C ALA A 241 -48.04 -7.45 37.63
N VAL A 242 -47.11 -6.72 38.21
CA VAL A 242 -46.07 -6.04 37.48
C VAL A 242 -44.76 -6.40 38.14
N GLN A 243 -43.68 -6.26 37.36
CA GLN A 243 -42.28 -6.34 37.80
C GLN A 243 -41.70 -4.97 37.50
N THR A 244 -41.26 -4.24 38.51
CA THR A 244 -40.78 -2.86 38.29
C THR A 244 -39.33 -2.89 37.82
N LEU A 245 -38.97 -1.89 37.01
CA LEU A 245 -37.69 -1.84 36.29
C LEU A 245 -36.99 -0.48 36.44
N SER A 246 -35.84 -0.51 37.11
CA SER A 246 -35.18 0.72 37.53
C SER A 246 -33.75 0.64 37.06
N PRO A 247 -33.22 1.73 36.50
CA PRO A 247 -31.91 1.63 35.84
C PRO A 247 -30.81 1.12 36.76
N GLY A 248 -30.99 1.28 38.08
CA GLY A 248 -30.01 0.84 39.04
C GLY A 248 -30.04 -0.65 39.29
N VAL A 249 -31.22 -1.22 39.36
CA VAL A 249 -31.38 -2.60 39.79
C VAL A 249 -31.40 -3.46 38.54
N THR A 250 -30.45 -4.38 38.39
CA THR A 250 -30.41 -5.25 37.20
C THR A 250 -30.92 -6.63 37.54
N ASN A 251 -31.21 -7.44 36.51
CA ASN A 251 -31.76 -8.80 36.70
C ASN A 251 -30.87 -9.92 36.16
N ASN A 252 -29.78 -10.22 36.90
CA ASN A 252 -28.74 -11.18 36.49
C ASN A 252 -29.25 -12.55 36.11
N THR A 253 -29.24 -12.85 34.80
CA THR A 253 -29.77 -14.10 34.24
C THR A 253 -29.13 -15.33 34.84
N ASP A 254 -27.80 -15.29 34.95
CA ASP A 254 -27.04 -16.41 35.49
C ASP A 254 -27.61 -16.72 36.86
N LYS A 255 -28.40 -17.80 36.93
CA LYS A 255 -28.98 -18.27 38.19
C LYS A 255 -28.30 -19.57 38.61
N ASP A 256 -26.98 -19.52 38.66
CA ASP A 256 -26.21 -20.63 39.20
C ASP A 256 -26.20 -20.47 40.71
N VAL A 257 -26.19 -21.58 41.41
CA VAL A 257 -26.03 -21.58 42.85
C VAL A 257 -24.56 -21.41 43.14
N ARG A 258 -24.21 -20.39 43.89
CA ARG A 258 -22.82 -20.13 44.21
C ARG A 258 -22.74 -20.12 45.69
N PRO A 259 -21.55 -20.33 46.25
CA PRO A 259 -21.42 -20.10 47.67
C PRO A 259 -21.74 -18.65 47.99
N ALA A 260 -22.15 -18.35 49.21
CA ALA A 260 -22.62 -17.02 49.55
C ALA A 260 -21.69 -16.31 50.48
N GLY A 261 -21.99 -15.03 50.67
CA GLY A 261 -21.17 -14.17 51.50
C GLY A 261 -21.12 -14.59 52.96
N PHE A 262 -19.93 -14.47 53.53
CA PHE A 262 -19.76 -14.49 54.98
C PHE A 262 -20.46 -13.32 55.63
N THR A 263 -20.43 -12.16 54.98
CA THR A 263 -21.05 -10.94 55.50
C THR A 263 -22.49 -10.80 55.03
N GLN A 264 -23.05 -11.87 54.49
CA GLN A 264 -24.40 -11.80 53.92
C GLN A 264 -25.38 -11.21 54.93
N GLY A 265 -26.13 -10.21 54.51
CA GLY A 265 -27.25 -9.73 55.32
C GLY A 265 -26.91 -8.51 56.11
N GLY A 266 -25.63 -8.13 56.06
CA GLY A 266 -25.10 -7.01 56.84
C GLY A 266 -25.80 -5.68 56.67
N ASN A 267 -26.66 -5.54 55.67
CA ASN A 267 -27.51 -4.35 55.55
C ASN A 267 -28.91 -4.73 55.12
N THR A 268 -29.46 -5.75 55.78
CA THR A 268 -30.76 -6.24 55.46
C THR A 268 -31.54 -6.46 56.74
N ARG A 269 -32.84 -6.20 56.65
CA ARG A 269 -33.77 -6.50 57.71
C ARG A 269 -35.00 -7.20 57.08
N ASP A 270 -35.26 -8.42 57.51
CA ASP A 270 -36.41 -9.12 57.00
C ASP A 270 -37.30 -9.58 58.14
N ALA A 271 -38.46 -10.06 57.75
CA ALA A 271 -39.44 -10.59 58.68
C ALA A 271 -40.61 -11.24 57.93
N VAL A 272 -41.12 -12.34 58.46
CA VAL A 272 -42.43 -12.82 58.05
C VAL A 272 -43.43 -11.93 58.75
N ILE A 273 -44.36 -11.37 57.99
CA ILE A 273 -45.38 -10.51 58.56
C ILE A 273 -46.72 -11.20 58.47
N ARG A 274 -47.44 -11.28 59.57
CA ARG A 274 -48.79 -11.84 59.57
C ARG A 274 -49.84 -10.78 59.78
N PHE A 275 -51.00 -11.02 59.18
CA PHE A 275 -52.10 -10.10 59.23
C PHE A 275 -53.05 -10.55 60.36
N PRO A 276 -54.00 -9.68 60.79
CA PRO A 276 -54.92 -10.11 61.83
C PRO A 276 -55.96 -11.07 61.26
N LYS A 277 -56.50 -11.95 62.11
CA LYS A 277 -57.26 -13.10 61.65
C LYS A 277 -58.48 -12.79 60.76
N ASP A 278 -59.21 -11.71 61.06
CA ASP A 278 -60.37 -11.32 60.23
C ASP A 278 -59.99 -10.38 59.08
N SER A 279 -58.97 -10.78 58.32
CA SER A 279 -58.59 -10.09 57.08
C SER A 279 -58.52 -11.05 55.89
N GLY A 280 -58.18 -12.32 56.15
CA GLY A 280 -58.10 -13.34 55.09
C GLY A 280 -56.93 -13.18 54.13
N HIS A 281 -55.91 -12.43 54.56
CA HIS A 281 -54.70 -12.15 53.78
C HIS A 281 -53.58 -13.08 54.20
N ASN A 282 -52.95 -13.77 53.25
CA ASN A 282 -51.84 -14.66 53.61
C ASN A 282 -50.65 -13.92 54.21
N ALA A 283 -49.93 -14.60 55.10
CA ALA A 283 -48.70 -14.04 55.67
C ALA A 283 -47.68 -13.88 54.56
N VAL A 284 -46.94 -12.79 54.65
CA VAL A 284 -46.01 -12.36 53.61
C VAL A 284 -44.64 -12.15 54.23
N TYR A 285 -43.61 -12.55 53.48
CA TYR A 285 -42.22 -12.36 53.88
C TYR A 285 -41.72 -11.10 53.24
N VAL A 286 -40.96 -10.31 53.97
CA VAL A 286 -40.37 -9.15 53.36
C VAL A 286 -38.97 -8.90 53.86
N SER A 287 -38.00 -8.78 52.95
CA SER A 287 -36.69 -8.27 53.36
C SER A 287 -36.54 -6.88 52.79
N VAL A 288 -35.87 -6.04 53.56
CA VAL A 288 -35.63 -4.66 53.21
C VAL A 288 -34.16 -4.32 53.41
N SER A 289 -33.42 -4.14 52.30
CA SER A 289 -31.94 -3.94 52.35
C SER A 289 -31.56 -2.52 51.97
N ASP A 290 -30.49 -2.02 52.58
CA ASP A 290 -29.95 -0.70 52.27
C ASP A 290 -29.22 -0.78 50.95
N VAL A 291 -29.19 0.33 50.23
CA VAL A 291 -28.37 0.38 49.05
C VAL A 291 -27.04 0.92 49.46
N LEU A 292 -26.01 0.08 49.42
CA LEU A 292 -24.67 0.51 49.78
C LEU A 292 -24.11 1.41 48.68
N SER A 293 -23.36 2.43 49.09
CA SER A 293 -22.57 3.27 48.18
C SER A 293 -21.29 2.53 47.88
N PRO A 294 -20.58 2.93 46.81
CA PRO A 294 -19.46 2.13 46.36
C PRO A 294 -18.36 2.08 47.38
N ASP A 295 -18.19 3.15 48.16
CA ASP A 295 -17.20 3.13 49.23
C ASP A 295 -17.55 2.00 50.19
N GLN A 296 -18.83 1.94 50.58
CA GLN A 296 -19.34 0.91 51.51
C GLN A 296 -19.30 -0.50 50.98
N VAL A 297 -19.23 -0.61 49.67
CA VAL A 297 -19.20 -1.89 49.00
C VAL A 297 -17.80 -2.40 48.99
N LYS A 298 -16.86 -1.50 48.75
CA LYS A 298 -15.46 -1.87 48.84
C LYS A 298 -15.16 -2.34 50.25
N GLN A 299 -15.81 -1.75 51.24
CA GLN A 299 -15.65 -2.16 52.62
C GLN A 299 -16.15 -3.56 52.85
N ARG A 300 -17.37 -3.83 52.41
CA ARG A 300 -17.91 -5.17 52.54
C ARG A 300 -17.04 -6.13 51.79
N GLN A 301 -16.73 -5.78 50.54
CA GLN A 301 -15.83 -6.60 49.74
C GLN A 301 -14.57 -6.93 50.52
N ASP A 302 -13.96 -5.94 51.15
CA ASP A 302 -12.71 -6.14 51.89
C ASP A 302 -12.95 -7.15 52.99
N GLU A 303 -13.92 -6.85 53.86
CA GLU A 303 -14.30 -7.71 54.97
C GLU A 303 -14.63 -9.11 54.47
N GLU A 304 -15.22 -9.20 53.29
CA GLU A 304 -15.59 -10.48 52.74
C GLU A 304 -14.33 -11.29 52.42
N ASN A 305 -13.32 -10.61 51.89
CA ASN A 305 -12.06 -11.27 51.52
C ASN A 305 -11.26 -11.74 52.72
N ARG A 306 -11.26 -10.93 53.77
CA ARG A 306 -10.58 -11.28 55.03
C ARG A 306 -11.18 -12.51 55.73
N ARG A 307 -12.49 -12.63 55.71
CA ARG A 307 -13.14 -13.74 56.36
C ARG A 307 -12.86 -14.99 55.54
N GLN A 308 -12.79 -14.82 54.24
CA GLN A 308 -12.42 -15.92 53.37
C GLN A 308 -11.03 -16.47 53.67
N GLN A 309 -10.07 -15.58 53.96
CA GLN A 309 -8.71 -15.97 54.38
C GLN A 309 -8.76 -16.88 55.59
N GLU A 310 -9.39 -16.40 56.67
CA GLU A 310 -9.55 -17.18 57.91
C GLU A 310 -10.03 -18.57 57.55
N TRP A 311 -11.24 -18.62 56.98
CA TRP A 311 -11.88 -19.89 56.67
C TRP A 311 -10.94 -20.77 55.85
N ASP A 312 -10.13 -20.16 54.99
CA ASP A 312 -9.18 -20.92 54.18
C ASP A 312 -8.07 -21.57 55.01
N ALA A 313 -7.57 -20.90 56.05
CA ALA A 313 -6.54 -21.45 56.94
C ALA A 313 -7.08 -22.44 57.98
N THR A 314 -8.35 -22.29 58.35
CA THR A 314 -8.98 -23.20 59.32
C THR A 314 -9.79 -24.31 58.64
N HIS A 315 -9.70 -24.41 57.31
CA HIS A 315 -10.29 -25.51 56.56
C HIS A 315 -9.38 -25.92 55.42
N PRO A 316 -8.15 -26.33 55.73
CA PRO A 316 -7.27 -26.72 54.61
C PRO A 316 -7.88 -27.86 53.81
N VAL A 317 -8.57 -28.75 54.52
CA VAL A 317 -9.10 -29.99 53.96
C VAL A 317 -9.68 -29.75 52.57
N GLU A 318 -10.34 -28.61 52.41
CA GLU A 318 -11.17 -28.29 51.26
C GLU A 318 -10.95 -26.88 50.75
N ALA A 319 -10.02 -26.14 51.33
CA ALA A 319 -9.64 -24.85 50.77
C ALA A 319 -8.93 -25.18 49.48
N ALA A 320 -8.07 -26.18 49.58
CA ALA A 320 -7.36 -26.73 48.46
C ALA A 320 -8.32 -27.31 47.42
N GLU A 321 -9.33 -28.03 47.89
CA GLU A 321 -10.30 -28.66 46.98
C GLU A 321 -11.11 -27.61 46.22
N ARG A 322 -11.14 -26.37 46.73
CA ARG A 322 -11.72 -25.22 46.01
C ARG A 322 -10.83 -24.71 44.87
N ASN A 323 -9.56 -24.41 45.16
CA ASN A 323 -8.58 -24.02 44.13
C ASN A 323 -8.57 -24.95 42.92
N CYS A 324 -8.49 -26.25 43.17
CA CYS A 324 -8.61 -27.26 42.12
C CYS A 324 -9.78 -27.07 41.19
N GLU A 325 -10.84 -26.46 41.69
CA GLU A 325 -11.94 -26.09 40.82
C GLU A 325 -11.56 -24.82 40.04
N ARG A 326 -11.02 -23.81 40.71
CA ARG A 326 -10.66 -22.57 40.01
C ARG A 326 -9.56 -22.80 38.99
N ALA A 327 -8.60 -23.66 39.33
CA ALA A 327 -7.44 -23.91 38.47
C ALA A 327 -7.80 -24.78 37.27
N ARG A 328 -8.82 -25.62 37.45
CA ARG A 328 -9.38 -26.44 36.38
C ARG A 328 -10.28 -25.61 35.49
N ALA A 329 -11.07 -24.74 36.08
CA ALA A 329 -11.91 -23.85 35.29
C ALA A 329 -11.08 -22.91 34.43
N GLU A 330 -10.07 -22.29 35.05
CA GLU A 330 -9.17 -21.38 34.34
C GLU A 330 -8.50 -22.09 33.16
N LEU A 331 -8.16 -23.37 33.35
CA LEU A 331 -7.54 -24.18 32.30
C LEU A 331 -8.50 -24.47 31.17
N ASN A 332 -9.67 -24.97 31.52
CA ASN A 332 -10.69 -25.32 30.55
C ASN A 332 -11.07 -24.11 29.69
N GLN A 333 -11.01 -22.93 30.31
CA GLN A 333 -11.33 -21.67 29.63
C GLN A 333 -10.18 -21.33 28.70
N ALA A 334 -8.96 -21.35 29.22
CA ALA A 334 -7.77 -21.04 28.43
C ALA A 334 -7.61 -21.93 27.21
N ASN A 335 -7.95 -23.21 27.35
CA ASN A 335 -7.99 -24.16 26.22
C ASN A 335 -8.93 -23.72 25.11
N GLU A 336 -10.13 -23.29 25.47
CA GLU A 336 -11.06 -22.75 24.49
C GLU A 336 -10.43 -21.56 23.80
N ASP A 337 -9.68 -20.75 24.55
CA ASP A 337 -9.03 -19.59 23.98
C ASP A 337 -8.13 -19.98 22.82
N VAL A 338 -7.37 -21.05 23.00
CA VAL A 338 -6.54 -21.57 21.94
C VAL A 338 -7.39 -21.90 20.74
N ALA A 339 -8.46 -22.65 21.00
CA ALA A 339 -9.39 -23.06 19.97
C ALA A 339 -9.97 -21.89 19.17
N ARG A 340 -10.47 -20.88 19.86
CA ARG A 340 -11.01 -19.70 19.17
C ARG A 340 -9.91 -18.94 18.40
N ASN A 341 -8.71 -18.93 18.92
CA ASN A 341 -7.60 -18.30 18.22
C ASN A 341 -7.26 -19.04 16.96
N GLN A 342 -7.13 -20.36 17.05
CA GLN A 342 -6.92 -21.21 15.88
C GLN A 342 -7.92 -20.95 14.78
N GLU A 343 -9.19 -20.85 15.15
CA GLU A 343 -10.22 -20.51 14.19
C GLU A 343 -9.89 -19.19 13.48
N ARG A 344 -9.53 -18.17 14.24
CA ARG A 344 -9.24 -16.86 13.65
C ARG A 344 -8.01 -16.91 12.77
N GLN A 345 -7.02 -17.70 13.17
CA GLN A 345 -5.75 -17.74 12.49
C GLN A 345 -5.79 -18.65 11.30
N ALA A 346 -6.52 -19.75 11.42
CA ALA A 346 -6.75 -20.60 10.27
C ALA A 346 -7.66 -19.89 9.28
N LYS A 347 -8.56 -19.05 9.79
CA LYS A 347 -9.36 -18.25 8.91
C LYS A 347 -8.51 -17.17 8.25
N ALA A 348 -7.49 -16.67 8.92
CA ALA A 348 -6.72 -15.58 8.34
C ALA A 348 -5.78 -16.08 7.25
N VAL A 349 -5.43 -17.35 7.33
CA VAL A 349 -4.60 -17.97 6.32
C VAL A 349 -5.34 -18.06 4.99
N GLN A 350 -6.62 -18.44 4.97
CA GLN A 350 -7.35 -18.49 3.67
C GLN A 350 -7.55 -17.08 3.08
N VAL A 351 -8.03 -16.14 3.90
CA VAL A 351 -8.17 -14.75 3.47
C VAL A 351 -6.86 -14.23 2.88
N TYR A 352 -5.73 -14.61 3.48
CA TYR A 352 -4.43 -14.17 2.96
C TYR A 352 -4.27 -14.73 1.56
N ASN A 353 -4.42 -16.05 1.47
CA ASN A 353 -4.23 -16.76 0.23
C ASN A 353 -5.17 -16.28 -0.87
N SER A 354 -6.42 -16.10 -0.52
CA SER A 354 -7.41 -15.62 -1.45
C SER A 354 -7.00 -14.22 -2.00
N ARG A 355 -6.84 -13.26 -1.08
CA ARG A 355 -6.49 -11.86 -1.43
C ARG A 355 -5.19 -11.76 -2.21
N LYS A 356 -4.26 -12.67 -1.91
CA LYS A 356 -2.98 -12.78 -2.59
C LYS A 356 -3.13 -13.10 -4.04
N SER A 357 -4.00 -14.06 -4.35
CA SER A 357 -4.26 -14.46 -5.74
C SER A 357 -5.15 -13.47 -6.45
N GLU A 358 -6.08 -12.87 -5.74
CA GLU A 358 -6.86 -11.79 -6.31
C GLU A 358 -5.91 -10.70 -6.86
N LEU A 359 -4.88 -10.39 -6.08
CA LEU A 359 -3.87 -9.40 -6.44
C LEU A 359 -3.10 -9.85 -7.67
N ASP A 360 -2.51 -11.05 -7.60
CA ASP A 360 -1.70 -11.61 -8.69
C ASP A 360 -2.44 -11.47 -10.02
N ALA A 361 -3.63 -12.03 -10.06
CA ALA A 361 -4.48 -11.88 -11.20
C ALA A 361 -4.53 -10.44 -11.65
N ALA A 362 -4.91 -9.55 -10.73
CA ALA A 362 -5.06 -8.14 -11.05
C ALA A 362 -3.77 -7.49 -11.52
N ASN A 363 -2.64 -8.09 -11.15
CA ASN A 363 -1.33 -7.60 -11.57
C ASN A 363 -0.93 -8.06 -12.96
N LYS A 364 -1.41 -9.24 -13.35
CA LYS A 364 -1.29 -9.71 -14.74
C LYS A 364 -2.17 -8.85 -15.65
N THR A 365 -3.40 -8.63 -15.26
CA THR A 365 -4.23 -7.72 -15.99
C THR A 365 -3.59 -6.35 -16.25
N LEU A 366 -2.83 -5.84 -15.30
CA LEU A 366 -2.17 -4.56 -15.53
C LEU A 366 -1.09 -4.69 -16.59
N ALA A 367 -0.26 -5.73 -16.45
CA ALA A 367 0.83 -6.03 -17.38
C ALA A 367 0.34 -6.19 -18.80
N ASP A 368 -0.83 -6.83 -18.91
CA ASP A 368 -1.48 -7.05 -20.20
C ASP A 368 -1.86 -5.66 -20.75
N ALA A 369 -2.70 -4.93 -20.03
CA ALA A 369 -3.07 -3.58 -20.45
C ALA A 369 -1.90 -2.64 -20.69
N ILE A 370 -0.81 -2.78 -19.95
CA ILE A 370 0.33 -1.86 -20.10
C ILE A 370 1.20 -2.23 -21.28
N ALA A 371 1.09 -3.47 -21.75
CA ALA A 371 1.74 -3.88 -23.00
C ALA A 371 0.92 -3.35 -24.17
N GLU A 372 -0.40 -3.42 -24.03
CA GLU A 372 -1.35 -2.98 -25.03
C GLU A 372 -1.20 -1.50 -25.33
N ILE A 373 -0.67 -0.74 -24.39
CA ILE A 373 -0.48 0.68 -24.59
C ILE A 373 0.85 0.91 -25.32
N LYS A 374 1.83 0.05 -25.04
CA LYS A 374 3.14 0.06 -25.71
C LYS A 374 2.97 -0.23 -27.18
N GLN A 375 2.08 -1.20 -27.44
CA GLN A 375 1.70 -1.61 -28.78
C GLN A 375 1.38 -0.38 -29.61
N PHE A 376 0.32 0.33 -29.21
CA PHE A 376 -0.21 1.46 -29.98
C PHE A 376 0.49 2.77 -29.64
N ASN A 377 1.63 2.67 -29.00
CA ASN A 377 2.36 3.87 -28.64
C ASN A 377 2.58 4.74 -29.87
N ARG A 378 2.89 4.07 -30.97
CA ARG A 378 3.07 4.66 -32.28
C ARG A 378 2.09 5.78 -32.57
N PHE A 379 0.80 5.48 -32.34
CA PHE A 379 -0.29 6.35 -32.76
C PHE A 379 -0.50 7.53 -31.79
N ALA A 380 0.46 7.69 -30.88
CA ALA A 380 0.38 8.64 -29.78
C ALA A 380 0.31 10.11 -30.19
N HIS A 381 1.08 10.49 -31.21
CA HIS A 381 1.08 11.87 -31.73
C HIS A 381 0.37 12.04 -33.08
N ASP A 382 -0.31 11.00 -33.57
CA ASP A 382 -1.07 11.12 -34.82
C ASP A 382 -2.52 11.11 -34.42
N PRO A 383 -3.09 12.29 -34.16
CA PRO A 383 -4.44 12.33 -33.67
C PRO A 383 -5.54 11.90 -34.63
N MET A 384 -5.22 11.66 -35.89
CA MET A 384 -6.24 11.26 -36.88
C MET A 384 -5.91 9.90 -37.45
N ALA A 385 -5.66 8.95 -36.57
CA ALA A 385 -5.36 7.62 -37.04
C ALA A 385 -6.27 6.68 -36.29
N GLY A 386 -6.49 5.51 -36.86
CA GLY A 386 -7.30 4.50 -36.20
C GLY A 386 -6.77 4.37 -34.79
N GLY A 387 -5.46 4.12 -34.71
CA GLY A 387 -4.75 3.84 -33.46
C GLY A 387 -4.90 4.83 -32.33
N HIS A 388 -5.03 6.11 -32.62
CA HIS A 388 -5.08 7.08 -31.56
C HIS A 388 -6.38 7.01 -30.79
N ARG A 389 -7.33 6.20 -31.24
CA ARG A 389 -8.44 5.76 -30.38
C ARG A 389 -7.95 4.56 -29.63
N MET A 390 -7.52 3.54 -30.37
CA MET A 390 -7.09 2.28 -29.75
C MET A 390 -6.03 2.52 -28.67
N TRP A 391 -5.27 3.61 -28.79
CA TRP A 391 -4.30 3.99 -27.77
C TRP A 391 -4.98 4.53 -26.54
N GLN A 392 -5.73 5.63 -26.71
CA GLN A 392 -6.53 6.20 -25.61
C GLN A 392 -7.32 5.13 -24.87
N MET A 393 -7.90 4.19 -25.62
CA MET A 393 -8.61 3.05 -25.03
C MET A 393 -7.70 2.27 -24.09
N ALA A 394 -6.47 2.04 -24.49
CA ALA A 394 -5.54 1.33 -23.63
C ALA A 394 -5.15 2.17 -22.43
N GLY A 395 -5.13 3.49 -22.59
CA GLY A 395 -4.91 4.39 -21.46
C GLY A 395 -5.90 4.04 -20.38
N LEU A 396 -7.18 4.18 -20.70
CA LEU A 396 -8.26 3.77 -19.80
C LEU A 396 -8.17 2.35 -19.30
N LYS A 397 -7.92 1.40 -20.17
CA LYS A 397 -7.87 0.03 -19.69
C LYS A 397 -6.90 0.00 -18.52
N ALA A 398 -5.72 0.61 -18.69
CA ALA A 398 -4.68 0.64 -17.66
C ALA A 398 -4.99 1.38 -16.35
N GLN A 399 -5.54 2.59 -16.39
CA GLN A 399 -5.85 3.30 -15.13
C GLN A 399 -6.88 2.53 -14.34
N ARG A 400 -7.84 1.92 -15.04
CA ARG A 400 -8.79 1.03 -14.41
C ARG A 400 -7.98 -0.12 -13.80
N ALA A 401 -7.34 -0.92 -14.65
CA ALA A 401 -6.55 -2.07 -14.18
C ALA A 401 -5.59 -1.71 -13.08
N GLN A 402 -5.16 -0.45 -13.09
CA GLN A 402 -4.21 0.08 -12.10
C GLN A 402 -4.90 0.35 -10.76
N THR A 403 -6.01 1.10 -10.80
CA THR A 403 -6.81 1.32 -9.59
C THR A 403 -7.16 -0.02 -8.96
N ASP A 404 -7.58 -0.97 -9.78
CA ASP A 404 -7.86 -2.30 -9.26
C ASP A 404 -6.68 -2.82 -8.46
N VAL A 405 -5.49 -2.80 -9.02
CA VAL A 405 -4.31 -3.29 -8.30
C VAL A 405 -4.10 -2.60 -6.93
N ASN A 406 -4.15 -1.28 -6.93
CA ASN A 406 -4.10 -0.52 -5.69
C ASN A 406 -5.07 -0.99 -4.61
N ASN A 407 -6.32 -1.25 -4.99
CA ASN A 407 -7.32 -1.83 -4.09
C ASN A 407 -7.04 -3.25 -3.64
N LYS A 408 -6.58 -4.10 -4.55
CA LYS A 408 -6.24 -5.44 -4.18
C LYS A 408 -5.04 -5.38 -3.27
N GLN A 409 -4.18 -4.38 -3.43
CA GLN A 409 -2.96 -4.30 -2.59
C GLN A 409 -3.29 -3.93 -1.13
N ALA A 410 -4.03 -2.85 -0.94
CA ALA A 410 -4.54 -2.49 0.40
C ALA A 410 -5.10 -3.69 1.10
N ALA A 411 -6.01 -4.37 0.39
CA ALA A 411 -6.69 -5.51 0.92
C ALA A 411 -5.75 -6.66 1.22
N PHE A 412 -4.75 -6.84 0.37
CA PHE A 412 -3.76 -7.87 0.61
C PHE A 412 -2.88 -7.51 1.82
N ASP A 413 -2.43 -6.27 1.87
CA ASP A 413 -1.66 -5.81 3.00
C ASP A 413 -2.46 -6.08 4.27
N ALA A 414 -3.67 -5.53 4.30
CA ALA A 414 -4.59 -5.72 5.41
C ALA A 414 -4.70 -7.16 5.84
N ALA A 415 -4.85 -8.05 4.87
CA ALA A 415 -4.93 -9.48 5.19
C ALA A 415 -3.64 -10.00 5.78
N ALA A 416 -2.53 -9.44 5.30
CA ALA A 416 -1.21 -9.82 5.77
C ALA A 416 -1.01 -9.40 7.21
N LYS A 417 -1.52 -8.23 7.54
CA LYS A 417 -1.53 -7.72 8.91
C LYS A 417 -2.29 -8.68 9.79
N GLU A 418 -3.56 -8.89 9.47
CA GLU A 418 -4.40 -9.80 10.24
C GLU A 418 -3.76 -11.14 10.50
N LYS A 419 -3.11 -11.68 9.49
CA LYS A 419 -2.49 -12.97 9.58
C LYS A 419 -1.34 -12.91 10.58
N SER A 420 -0.52 -11.87 10.53
CA SER A 420 0.58 -11.72 11.48
C SER A 420 0.07 -11.57 12.91
N ASP A 421 -0.87 -10.67 13.13
CA ASP A 421 -1.46 -10.52 14.46
C ASP A 421 -2.01 -11.86 14.97
N ALA A 422 -2.75 -12.55 14.12
CA ALA A 422 -3.35 -13.83 14.49
C ALA A 422 -2.31 -14.81 14.95
N ASP A 423 -1.20 -14.85 14.22
CA ASP A 423 -0.15 -15.79 14.51
C ASP A 423 0.39 -15.51 15.88
N ALA A 424 0.38 -14.25 16.28
CA ALA A 424 0.86 -13.89 17.59
C ALA A 424 -0.19 -14.18 18.63
N ALA A 425 -1.44 -13.89 18.34
CA ALA A 425 -2.50 -14.26 19.24
C ALA A 425 -2.41 -15.72 19.72
N LEU A 426 -2.13 -16.71 18.86
CA LEU A 426 -1.93 -18.11 19.35
C LEU A 426 -0.70 -18.26 20.21
N SER A 427 0.44 -17.76 19.72
CA SER A 427 1.65 -17.84 20.52
C SER A 427 1.32 -17.33 21.93
N ALA A 428 0.75 -16.13 22.02
CA ALA A 428 0.39 -15.52 23.30
C ALA A 428 -0.67 -16.34 23.99
N ALA A 429 -1.73 -16.67 23.28
CA ALA A 429 -2.84 -17.41 23.86
C ALA A 429 -2.45 -18.82 24.25
N GLN A 430 -1.53 -19.38 23.51
CA GLN A 430 -1.13 -20.76 23.73
C GLN A 430 -0.01 -20.84 24.77
N GLU A 431 0.71 -19.75 24.95
CA GLU A 431 1.57 -19.59 26.11
C GLU A 431 0.73 -19.56 27.37
N ARG A 432 -0.42 -18.89 27.33
CA ARG A 432 -1.29 -18.83 28.50
C ARG A 432 -1.75 -20.21 28.91
N ARG A 433 -2.10 -21.04 27.95
CA ARG A 433 -2.52 -22.40 28.26
C ARG A 433 -1.43 -23.21 28.96
N LYS A 434 -0.17 -22.97 28.61
CA LYS A 434 0.94 -23.72 29.23
C LYS A 434 1.06 -23.37 30.69
N GLN A 435 0.95 -22.08 31.02
CA GLN A 435 0.92 -21.67 32.42
C GLN A 435 -0.31 -22.25 33.13
N LYS A 436 -1.49 -22.13 32.53
CA LYS A 436 -2.72 -22.67 33.12
C LYS A 436 -2.72 -24.18 33.26
N GLU A 437 -1.97 -24.87 32.41
CA GLU A 437 -1.88 -26.31 32.50
C GLU A 437 -0.93 -26.73 33.62
N ASN A 438 0.04 -25.87 33.93
CA ASN A 438 0.94 -26.07 35.08
C ASN A 438 0.28 -25.79 36.40
N LYS A 439 -0.50 -24.71 36.44
CA LYS A 439 -1.28 -24.40 37.62
C LYS A 439 -2.16 -25.60 38.01
N GLU A 440 -2.91 -26.18 37.06
CA GLU A 440 -3.86 -27.25 37.36
C GLU A 440 -3.19 -28.54 37.78
N LYS A 441 -1.92 -28.71 37.45
CA LYS A 441 -1.18 -29.86 37.94
C LYS A 441 -0.87 -29.63 39.41
N ASP A 442 -0.12 -28.56 39.71
CA ASP A 442 0.21 -28.20 41.11
C ASP A 442 -0.99 -28.33 42.03
N ALA A 443 -2.11 -27.73 41.62
CA ALA A 443 -3.35 -27.81 42.37
C ALA A 443 -3.76 -29.25 42.64
N LYS A 444 -3.93 -30.06 41.60
CA LYS A 444 -4.40 -31.47 41.75
C LYS A 444 -3.48 -32.37 42.57
N ASP A 445 -2.19 -32.03 42.63
CA ASP A 445 -1.23 -32.73 43.48
C ASP A 445 -1.49 -32.40 44.95
N LYS A 446 -1.60 -31.10 45.23
CA LYS A 446 -1.96 -30.62 46.57
C LYS A 446 -3.36 -31.11 47.03
N CYS A 447 -4.33 -31.14 46.12
CA CYS A 447 -5.69 -31.63 46.44
C CYS A 447 -5.74 -33.07 46.90
N ALA A 448 -4.73 -33.87 46.56
CA ALA A 448 -4.69 -35.27 46.99
C ALA A 448 -3.89 -35.47 48.27
N MET A 449 -2.82 -34.71 48.44
CA MET A 449 -2.08 -34.68 49.71
C MET A 449 -2.90 -34.07 50.87
N GLU A 450 -3.64 -33.01 50.59
CA GLU A 450 -4.50 -32.41 51.59
C GLU A 450 -5.80 -33.24 51.72
N SER A 451 -5.97 -34.22 50.84
CA SER A 451 -7.08 -35.17 50.93
C SER A 451 -6.76 -36.32 51.88
N LYS A 452 -5.46 -36.57 52.11
CA LYS A 452 -5.03 -37.67 53.00
C LYS A 452 -5.50 -37.44 54.43
N ARG A 453 -5.39 -36.20 54.88
CA ARG A 453 -5.86 -35.82 56.19
C ARG A 453 -7.37 -35.94 56.32
N ASN A 454 -8.03 -36.57 55.36
CA ASN A 454 -9.45 -36.89 55.49
C ASN A 454 -9.69 -38.38 55.18
N LYS A 455 -8.60 -39.16 55.22
CA LYS A 455 -8.62 -40.61 55.04
C LYS A 455 -7.86 -41.32 56.18
N PRO A 456 -8.37 -42.48 56.62
CA PRO A 456 -7.90 -43.19 57.82
C PRO A 456 -6.38 -43.39 57.95
N GLY A 457 -5.94 -43.72 59.18
CA GLY A 457 -4.51 -43.98 59.47
C GLY A 457 -4.24 -44.26 60.94
N LYS A 458 -3.02 -44.69 61.26
CA LYS A 458 -2.64 -45.03 62.63
C LYS A 458 -1.68 -43.99 63.23
N ALA A 459 -1.88 -43.66 64.49
CA ALA A 459 -1.07 -42.63 65.16
C ALA A 459 0.33 -43.12 65.47
N THR A 460 1.32 -42.24 65.35
CA THR A 460 2.70 -42.65 65.54
C THR A 460 3.54 -41.54 66.12
N GLY A 461 4.67 -41.91 66.72
CA GLY A 461 5.62 -40.95 67.29
C GLY A 461 5.73 -41.14 68.79
N LYS A 462 6.65 -40.44 69.43
CA LYS A 462 6.75 -40.48 70.89
C LYS A 462 6.40 -39.17 71.56
N GLY A 463 6.53 -38.06 70.87
CA GLY A 463 6.26 -36.77 71.49
C GLY A 463 7.42 -36.39 72.39
N LYS A 464 7.16 -35.54 73.38
CA LYS A 464 8.20 -35.05 74.29
C LYS A 464 7.66 -34.64 75.66
N PRO A 465 8.51 -34.74 76.70
CA PRO A 465 8.04 -34.31 78.01
C PRO A 465 7.65 -32.85 78.02
N VAL A 466 6.75 -32.51 78.95
CA VAL A 466 6.17 -31.19 79.04
C VAL A 466 6.05 -30.86 80.52
N GLY A 467 5.61 -29.64 80.83
CA GLY A 467 5.41 -29.19 82.21
C GLY A 467 4.00 -28.75 82.53
N ASP A 468 3.88 -27.93 83.56
CA ASP A 468 2.59 -27.37 83.95
C ASP A 468 2.21 -26.30 82.93
N LYS A 469 3.20 -25.58 82.40
CA LYS A 469 2.98 -24.54 81.40
C LYS A 469 2.93 -25.10 79.97
N TRP A 470 2.19 -26.18 79.79
CA TRP A 470 2.10 -26.84 78.49
C TRP A 470 1.45 -25.91 77.48
N LEU A 471 0.20 -25.54 77.74
CA LEU A 471 -0.54 -24.63 76.87
C LEU A 471 0.10 -23.24 76.79
N ASP A 472 0.80 -22.84 77.85
CA ASP A 472 1.56 -21.58 77.79
C ASP A 472 2.60 -21.63 76.69
N ASP A 473 3.28 -22.77 76.57
CA ASP A 473 4.32 -22.97 75.55
C ASP A 473 3.78 -22.90 74.12
N ALA A 474 2.51 -23.25 73.93
CA ALA A 474 1.90 -23.14 72.60
C ALA A 474 1.91 -21.72 72.04
N GLY A 475 2.23 -20.72 72.88
CA GLY A 475 2.36 -19.33 72.42
C GLY A 475 3.77 -18.76 72.47
N LYS A 476 4.78 -19.63 72.54
CA LYS A 476 6.19 -19.23 72.57
C LYS A 476 6.92 -20.04 71.48
N ASP A 477 8.13 -19.62 71.10
CA ASP A 477 9.03 -20.42 70.23
C ASP A 477 8.36 -20.98 68.97
N SER A 478 8.57 -22.27 68.70
CA SER A 478 7.88 -22.98 67.61
C SER A 478 6.72 -23.79 68.16
N GLY A 479 6.06 -23.23 69.17
CA GLY A 479 4.93 -23.88 69.80
C GLY A 479 5.33 -25.00 70.73
N ALA A 480 4.34 -25.53 71.44
CA ALA A 480 4.52 -26.68 72.31
C ALA A 480 4.34 -27.90 71.43
N PRO A 481 5.02 -29.01 71.76
CA PRO A 481 4.81 -30.26 71.04
C PRO A 481 3.68 -31.08 71.66
N ILE A 482 3.36 -32.20 71.02
CA ILE A 482 2.48 -33.17 71.64
C ILE A 482 3.23 -33.71 72.86
N PRO A 483 2.52 -33.93 73.98
CA PRO A 483 3.21 -34.48 75.15
C PRO A 483 3.41 -36.01 75.06
N ASP A 484 4.60 -36.45 75.49
CA ASP A 484 4.91 -37.87 75.56
C ASP A 484 3.72 -38.66 76.10
N ARG A 485 3.25 -38.29 77.28
CA ARG A 485 2.23 -39.04 77.98
C ARG A 485 0.98 -39.23 77.12
N ILE A 486 0.69 -38.21 76.30
CA ILE A 486 -0.42 -38.25 75.33
C ILE A 486 -0.11 -39.19 74.16
N ALA A 487 1.10 -39.08 73.62
CA ALA A 487 1.53 -39.94 72.52
C ALA A 487 1.30 -41.41 72.85
N ASP A 488 1.82 -41.81 74.02
CA ASP A 488 1.72 -43.18 74.54
C ASP A 488 0.28 -43.72 74.51
N LYS A 489 -0.66 -42.92 75.02
CA LYS A 489 -2.06 -43.37 75.12
C LYS A 489 -2.73 -43.53 73.74
N LEU A 490 -2.24 -42.80 72.75
CA LEU A 490 -2.85 -42.75 71.42
C LEU A 490 -2.27 -43.70 70.38
N ARG A 491 -0.96 -43.91 70.45
CA ARG A 491 -0.21 -44.64 69.42
C ARG A 491 -0.89 -45.93 68.97
N ASP A 492 -0.69 -46.27 67.69
CA ASP A 492 -1.27 -47.47 67.04
C ASP A 492 -2.80 -47.50 66.93
N LYS A 493 -3.49 -46.50 67.47
CA LYS A 493 -4.95 -46.49 67.42
C LYS A 493 -5.34 -46.02 66.02
N GLU A 494 -6.47 -46.52 65.50
CA GLU A 494 -6.95 -46.11 64.16
C GLU A 494 -8.05 -45.04 64.22
N PHE A 495 -7.83 -43.98 63.42
CA PHE A 495 -8.67 -42.80 63.36
C PHE A 495 -9.24 -42.61 61.96
N LYS A 496 -10.55 -42.39 61.87
CA LYS A 496 -11.20 -42.21 60.58
C LYS A 496 -10.73 -40.97 59.83
N SER A 497 -10.29 -39.94 60.55
CA SER A 497 -9.82 -38.70 59.94
C SER A 497 -9.04 -37.87 60.95
N PHE A 498 -8.09 -37.06 60.47
CA PHE A 498 -7.26 -36.25 61.36
C PHE A 498 -8.07 -35.33 62.23
N ASP A 499 -9.23 -34.90 61.73
CA ASP A 499 -10.18 -34.16 62.55
C ASP A 499 -10.48 -34.96 63.82
N ASP A 500 -10.75 -36.25 63.67
CA ASP A 500 -11.02 -37.11 64.83
C ASP A 500 -9.79 -37.23 65.75
N PHE A 501 -8.59 -37.25 65.17
CA PHE A 501 -7.34 -37.33 65.95
C PHE A 501 -7.12 -36.13 66.88
N ARG A 502 -7.53 -34.95 66.44
CA ARG A 502 -7.47 -33.75 67.27
C ARG A 502 -8.45 -33.92 68.45
N LYS A 503 -9.71 -34.17 68.13
CA LYS A 503 -10.77 -34.36 69.12
C LYS A 503 -10.32 -35.30 70.22
N ALA A 504 -9.60 -36.33 69.79
CA ALA A 504 -9.08 -37.34 70.69
C ALA A 504 -7.91 -36.84 71.50
N VAL A 505 -6.99 -36.10 70.89
CA VAL A 505 -5.86 -35.52 71.64
C VAL A 505 -6.33 -34.66 72.81
N TRP A 506 -7.33 -33.83 72.58
CA TRP A 506 -7.88 -32.99 73.62
C TRP A 506 -8.55 -33.83 74.69
N GLU A 507 -9.24 -34.90 74.29
CA GLU A 507 -9.85 -35.83 75.26
C GLU A 507 -8.87 -36.54 76.21
N GLU A 508 -7.63 -36.70 75.78
CA GLU A 508 -6.56 -37.20 76.65
C GLU A 508 -5.90 -36.08 77.45
N VAL A 509 -6.11 -34.85 77.04
CA VAL A 509 -5.67 -33.70 77.79
C VAL A 509 -6.68 -33.35 78.86
N SER A 510 -7.97 -33.56 78.61
CA SER A 510 -8.99 -33.25 79.62
C SER A 510 -8.84 -34.19 80.81
N LYS A 511 -8.46 -35.43 80.53
CA LYS A 511 -8.32 -36.43 81.59
C LYS A 511 -6.96 -36.40 82.28
N ASP A 512 -6.03 -35.57 81.81
CA ASP A 512 -4.72 -35.48 82.45
C ASP A 512 -4.62 -34.19 83.29
N PRO A 513 -4.60 -34.32 84.63
CA PRO A 513 -4.67 -33.20 85.58
C PRO A 513 -3.55 -32.17 85.45
N GLU A 514 -2.39 -32.59 84.98
CA GLU A 514 -1.21 -31.73 84.94
C GLU A 514 -1.12 -30.94 83.62
N LEU A 515 -1.54 -31.57 82.52
CA LEU A 515 -1.64 -30.88 81.24
C LEU A 515 -2.83 -29.94 81.26
N SER A 516 -3.93 -30.47 81.84
CA SER A 516 -5.19 -29.80 81.96
C SER A 516 -5.27 -28.89 83.18
N LYS A 517 -4.15 -28.71 83.87
CA LYS A 517 -4.08 -27.81 85.02
C LYS A 517 -4.45 -26.35 84.62
N ASN A 518 -4.18 -25.99 83.36
CA ASN A 518 -4.38 -24.61 82.86
C ASN A 518 -5.79 -24.32 82.32
N LEU A 519 -6.62 -25.36 82.22
CA LEU A 519 -7.96 -25.26 81.68
C LEU A 519 -8.95 -25.02 82.79
N ASN A 520 -9.96 -24.22 82.51
CA ASN A 520 -10.98 -23.88 83.50
C ASN A 520 -12.21 -24.75 83.33
N PRO A 521 -13.16 -24.68 84.30
CA PRO A 521 -14.36 -25.51 84.24
C PRO A 521 -15.11 -25.33 82.92
N SER A 522 -15.27 -24.07 82.49
CA SER A 522 -15.94 -23.72 81.22
C SER A 522 -15.17 -24.22 79.98
N ASN A 523 -13.84 -24.26 80.10
CA ASN A 523 -12.93 -24.73 79.05
C ASN A 523 -12.97 -26.24 78.95
N LYS A 524 -12.83 -26.89 80.11
CA LYS A 524 -12.99 -28.34 80.26
C LYS A 524 -14.30 -28.89 79.65
N SER A 525 -15.37 -28.10 79.69
CA SER A 525 -16.62 -28.49 79.06
C SER A 525 -16.43 -28.68 77.55
N SER A 526 -15.57 -27.88 76.94
CA SER A 526 -15.31 -27.98 75.51
C SER A 526 -14.38 -29.15 75.15
N VAL A 527 -13.24 -29.29 75.84
CA VAL A 527 -12.29 -30.38 75.53
C VAL A 527 -12.94 -31.77 75.54
N SER A 528 -13.71 -32.06 76.59
CA SER A 528 -14.36 -33.38 76.75
C SER A 528 -15.59 -33.52 75.80
N LYS A 529 -16.16 -32.41 75.35
CA LYS A 529 -17.17 -32.36 74.26
C LYS A 529 -16.48 -32.44 72.87
N GLY A 530 -15.17 -32.71 72.87
CA GLY A 530 -14.37 -32.83 71.64
C GLY A 530 -13.59 -31.56 71.35
N TYR A 531 -14.34 -30.46 71.23
CA TYR A 531 -13.88 -29.20 70.66
C TYR A 531 -12.51 -28.75 71.20
N SER A 532 -11.83 -27.94 70.40
CA SER A 532 -10.55 -27.40 70.79
C SER A 532 -10.74 -26.30 71.82
N PRO A 533 -9.95 -26.34 72.89
CA PRO A 533 -10.05 -25.37 73.99
C PRO A 533 -9.66 -23.98 73.57
N PHE A 534 -10.28 -22.98 74.19
CA PHE A 534 -10.04 -21.58 73.86
C PHE A 534 -8.73 -21.08 74.45
N THR A 535 -8.15 -20.10 73.77
CA THR A 535 -6.91 -19.47 74.22
C THR A 535 -7.25 -18.24 75.04
N PRO A 536 -6.22 -17.65 75.65
CA PRO A 536 -6.37 -16.29 76.19
C PRO A 536 -6.65 -15.32 75.07
N LYS A 537 -7.33 -14.22 75.38
CA LYS A 537 -7.56 -13.15 74.41
C LYS A 537 -6.27 -12.82 73.66
N ASN A 538 -5.24 -12.39 74.38
CA ASN A 538 -4.00 -11.95 73.72
C ASN A 538 -3.38 -12.94 72.69
N GLN A 539 -3.81 -14.21 72.72
CA GLN A 539 -3.39 -15.20 71.68
C GLN A 539 -4.41 -15.44 70.54
N GLN A 540 -5.54 -14.77 70.57
CA GLN A 540 -6.59 -14.95 69.57
C GLN A 540 -6.36 -14.00 68.41
N VAL A 541 -6.95 -14.34 67.26
CA VAL A 541 -6.89 -13.52 66.05
C VAL A 541 -8.24 -13.66 65.34
N GLY A 542 -9.00 -12.58 65.33
CA GLY A 542 -10.30 -12.59 64.69
C GLY A 542 -11.09 -13.80 65.13
N GLY A 543 -11.41 -14.67 64.18
CA GLY A 543 -12.30 -15.81 64.43
C GLY A 543 -11.58 -17.04 64.93
N ARG A 544 -10.24 -17.03 64.85
CA ARG A 544 -9.43 -18.11 65.37
C ARG A 544 -9.15 -17.82 66.85
N LYS A 545 -10.01 -18.37 67.70
CA LYS A 545 -9.93 -18.15 69.13
C LYS A 545 -9.47 -19.39 69.92
N VAL A 546 -9.17 -20.49 69.23
CA VAL A 546 -8.82 -21.74 69.92
C VAL A 546 -7.49 -22.39 69.48
N TYR A 547 -6.92 -23.16 70.39
CA TYR A 547 -5.64 -23.85 70.20
C TYR A 547 -5.70 -24.73 68.98
N GLU A 548 -4.63 -24.71 68.21
CA GLU A 548 -4.62 -25.32 66.90
C GLU A 548 -3.58 -26.41 66.87
N LEU A 549 -3.89 -27.48 66.15
CA LEU A 549 -2.90 -28.47 65.79
C LEU A 549 -2.44 -28.19 64.38
N HIS A 550 -1.13 -28.01 64.19
CA HIS A 550 -0.51 -27.80 62.88
C HIS A 550 0.53 -28.91 62.66
N HIS A 551 1.22 -28.89 61.51
CA HIS A 551 2.35 -29.80 61.27
C HIS A 551 3.63 -29.02 60.93
N ASP A 552 4.78 -29.60 61.29
CA ASP A 552 6.06 -29.00 60.94
C ASP A 552 6.30 -29.21 59.46
N LYS A 553 6.58 -30.45 59.10
CA LYS A 553 6.74 -30.87 57.71
C LYS A 553 5.32 -31.00 57.14
N PRO A 554 4.81 -29.95 56.45
CA PRO A 554 3.40 -29.85 56.06
C PRO A 554 2.84 -31.02 55.29
N ILE A 555 1.53 -31.10 55.25
CA ILE A 555 0.84 -32.20 54.61
C ILE A 555 0.96 -32.04 53.09
N SER A 556 1.00 -30.79 52.64
CA SER A 556 1.09 -30.45 51.21
C SER A 556 2.48 -30.71 50.62
N GLN A 557 3.49 -30.78 51.48
CA GLN A 557 4.81 -31.24 51.09
C GLN A 557 4.97 -32.70 51.57
N GLY A 558 3.93 -33.51 51.30
CA GLY A 558 3.90 -34.93 51.65
C GLY A 558 4.19 -35.36 53.09
N GLY A 559 4.13 -34.42 54.04
CA GLY A 559 4.49 -34.70 55.45
C GLY A 559 3.43 -35.49 56.20
N GLU A 560 3.87 -36.43 57.03
CA GLU A 560 2.96 -37.43 57.60
C GLU A 560 1.82 -36.77 58.32
N VAL A 561 0.60 -37.21 58.01
CA VAL A 561 -0.63 -36.66 58.60
C VAL A 561 -0.67 -36.89 60.11
N TYR A 562 -0.50 -38.15 60.50
CA TYR A 562 -0.75 -38.62 61.86
C TYR A 562 0.51 -38.76 62.74
N ASP A 563 1.67 -38.32 62.24
CA ASP A 563 2.94 -38.46 62.97
C ASP A 563 3.11 -37.41 64.07
N MET A 564 2.99 -37.85 65.32
CA MET A 564 2.93 -36.95 66.47
C MET A 564 4.25 -36.26 66.78
N ASP A 565 5.36 -36.78 66.25
CA ASP A 565 6.64 -36.09 66.35
C ASP A 565 6.56 -34.92 65.39
N ASN A 566 5.79 -35.08 64.32
CA ASN A 566 5.54 -34.00 63.37
C ASN A 566 4.76 -32.86 64.00
N ILE A 567 3.59 -33.19 64.55
CA ILE A 567 2.57 -32.22 65.02
C ILE A 567 3.06 -31.18 66.06
N ARG A 568 2.43 -30.00 66.04
CA ARG A 568 2.70 -28.94 67.03
C ARG A 568 1.44 -28.18 67.47
N VAL A 569 1.22 -28.08 68.78
CA VAL A 569 0.12 -27.28 69.29
C VAL A 569 0.61 -25.84 69.29
N THR A 570 -0.19 -24.96 68.70
CA THR A 570 0.09 -23.52 68.68
C THR A 570 -1.17 -22.73 68.93
N THR A 571 -1.02 -21.56 69.54
CA THR A 571 -2.13 -20.59 69.59
C THR A 571 -2.25 -19.88 68.24
N PRO A 572 -3.46 -19.45 67.87
CA PRO A 572 -3.62 -18.80 66.58
C PRO A 572 -2.54 -17.73 66.35
N LYS A 573 -2.38 -16.79 67.28
CA LYS A 573 -1.39 -15.74 67.10
C LYS A 573 -0.03 -16.34 66.84
N ARG A 574 0.35 -17.33 67.65
CA ARG A 574 1.72 -17.87 67.64
C ARG A 574 2.05 -18.43 66.29
N HIS A 575 1.16 -19.23 65.75
CA HIS A 575 1.35 -19.80 64.43
C HIS A 575 1.46 -18.69 63.38
N ILE A 576 0.53 -17.75 63.39
CA ILE A 576 0.59 -16.59 62.47
C ILE A 576 1.95 -15.92 62.49
N ASP A 577 2.45 -15.62 63.70
CA ASP A 577 3.77 -15.06 63.85
C ASP A 577 4.78 -16.00 63.22
N ILE A 578 4.77 -17.28 63.63
CA ILE A 578 5.79 -18.24 63.17
C ILE A 578 6.04 -18.16 61.64
N HIS A 579 4.98 -17.95 60.86
CA HIS A 579 5.08 -17.92 59.39
C HIS A 579 5.02 -16.48 58.83
N ARG A 580 6.16 -15.79 58.81
CA ARG A 580 6.30 -14.41 58.29
C ARG A 580 7.73 -14.10 57.84
N ALA B 85 42.62 23.87 -46.19
CA ALA B 85 42.46 22.44 -46.60
C ALA B 85 43.09 21.46 -45.58
N ALA B 86 42.62 21.51 -44.33
CA ALA B 86 43.08 20.58 -43.31
C ALA B 86 42.93 19.16 -43.86
N PRO B 87 43.98 18.32 -43.70
CA PRO B 87 44.01 17.01 -44.35
C PRO B 87 43.23 15.93 -43.59
N VAL B 88 42.66 14.97 -44.31
CA VAL B 88 41.96 13.86 -43.67
C VAL B 88 42.85 12.65 -43.53
N ALA B 89 42.89 12.11 -42.32
CA ALA B 89 43.76 10.99 -41.99
C ALA B 89 43.46 9.78 -42.83
N PHE B 90 44.50 9.03 -43.10
CA PHE B 90 44.40 7.88 -43.95
C PHE B 90 43.64 6.85 -43.16
N GLY B 91 42.60 6.29 -43.76
CA GLY B 91 41.85 5.16 -43.15
C GLY B 91 40.62 5.54 -42.34
N PHE B 92 40.16 6.78 -42.48
CA PHE B 92 39.05 7.28 -41.69
C PHE B 92 37.99 7.89 -42.61
N PRO B 93 37.06 7.04 -43.10
CA PRO B 93 36.01 7.37 -44.02
C PRO B 93 35.31 8.66 -43.69
N ALA B 94 35.07 9.47 -44.71
CA ALA B 94 34.42 10.75 -44.52
C ALA B 94 33.60 11.14 -45.75
N LEU B 95 32.60 11.98 -45.54
CA LEU B 95 31.78 12.48 -46.63
C LEU B 95 32.55 13.55 -47.35
N SER B 96 32.62 13.45 -48.69
CA SER B 96 32.96 14.63 -49.50
C SER B 96 31.83 14.92 -50.48
N THR B 97 31.11 15.99 -50.19
CA THR B 97 30.10 16.51 -51.11
C THR B 97 30.83 16.86 -52.42
N PRO B 98 30.31 16.42 -53.57
CA PRO B 98 31.07 16.76 -54.78
C PRO B 98 30.81 18.20 -55.21
N GLY B 99 31.66 18.72 -56.09
CA GLY B 99 31.42 19.97 -56.80
C GLY B 99 31.09 19.63 -58.23
N ALA B 100 31.08 20.63 -59.10
CA ALA B 100 31.05 20.40 -60.54
C ALA B 100 32.43 19.88 -60.94
N GLY B 101 33.48 20.51 -60.42
CA GLY B 101 34.86 20.06 -60.67
C GLY B 101 35.29 18.76 -60.00
N GLY B 102 34.32 17.97 -59.52
CA GLY B 102 34.55 16.65 -58.94
C GLY B 102 34.62 16.65 -57.41
N LEU B 103 35.02 15.53 -56.82
CA LEU B 103 35.22 15.48 -55.37
C LEU B 103 36.48 16.22 -54.97
N ALA B 104 36.47 16.74 -53.76
CA ALA B 104 37.64 17.38 -53.17
C ALA B 104 38.16 16.53 -52.04
N VAL B 105 39.40 16.07 -52.19
CA VAL B 105 40.08 15.32 -51.15
C VAL B 105 41.42 16.02 -50.85
N SER B 106 41.83 15.96 -49.58
CA SER B 106 43.08 16.53 -49.14
C SER B 106 43.80 15.50 -48.29
N ILE B 107 44.84 14.89 -48.87
CA ILE B 107 45.65 13.92 -48.15
C ILE B 107 46.79 14.59 -47.38
N SER B 108 47.37 13.86 -46.44
CA SER B 108 48.60 14.26 -45.73
C SER B 108 49.76 13.35 -46.15
N ALA B 109 50.98 13.75 -45.81
CA ALA B 109 52.15 12.91 -46.05
C ALA B 109 52.36 11.90 -44.92
N SER B 110 51.96 12.29 -43.71
CA SER B 110 52.26 11.58 -42.46
C SER B 110 51.65 10.18 -42.40
N GLU B 111 52.45 9.17 -42.06
CA GLU B 111 52.00 7.78 -42.25
C GLU B 111 50.83 7.36 -41.36
N LEU B 112 50.11 6.33 -41.82
CA LEU B 112 48.80 5.95 -41.26
C LEU B 112 48.93 5.46 -39.85
N SER B 113 47.93 5.79 -39.04
CA SER B 113 47.98 5.62 -37.58
C SER B 113 48.12 4.16 -37.13
N ALA B 114 48.43 4.01 -35.84
CA ALA B 114 48.60 2.68 -35.25
C ALA B 114 47.41 1.82 -35.60
N ALA B 115 46.23 2.40 -35.35
CA ALA B 115 44.93 1.77 -35.56
C ALA B 115 44.81 0.91 -36.85
N ILE B 116 44.91 1.60 -38.00
CA ILE B 116 44.66 1.03 -39.31
C ILE B 116 45.76 0.04 -39.69
N ALA B 117 46.99 0.37 -39.29
CA ALA B 117 48.15 -0.53 -39.43
C ALA B 117 47.85 -1.79 -38.65
N GLY B 118 47.47 -1.58 -37.38
CA GLY B 118 46.99 -2.64 -36.53
C GLY B 118 46.06 -3.54 -37.34
N ILE B 119 44.94 -2.96 -37.80
CA ILE B 119 43.99 -3.74 -38.61
C ILE B 119 44.67 -4.47 -39.77
N ILE B 120 45.42 -3.74 -40.61
CA ILE B 120 45.93 -4.37 -41.84
C ILE B 120 46.91 -5.50 -41.44
N ALA B 121 47.64 -5.28 -40.34
CA ALA B 121 48.51 -6.32 -39.80
C ALA B 121 47.66 -7.50 -39.34
N LYS B 122 46.74 -7.22 -38.41
CA LYS B 122 45.78 -8.21 -37.89
C LYS B 122 45.13 -9.03 -39.00
N LEU B 123 44.59 -8.29 -39.95
CA LEU B 123 43.84 -8.82 -41.06
C LEU B 123 44.72 -9.70 -41.92
N LYS B 124 45.97 -9.27 -42.14
CA LYS B 124 46.94 -9.99 -42.99
C LYS B 124 47.09 -11.46 -42.62
N LYS B 125 47.11 -11.76 -41.33
CA LYS B 125 47.33 -13.12 -40.87
C LYS B 125 46.03 -13.77 -40.34
N PRO B 132 36.36 -14.57 -48.36
CA PRO B 132 36.71 -13.13 -48.19
C PRO B 132 36.20 -12.54 -46.89
N PHE B 133 37.10 -12.03 -46.05
CA PHE B 133 36.69 -11.48 -44.73
C PHE B 133 37.02 -10.00 -44.57
N GLY B 134 36.76 -9.41 -43.41
CA GLY B 134 37.06 -7.99 -43.25
C GLY B 134 36.67 -7.37 -41.92
N VAL B 135 37.02 -6.10 -41.76
CA VAL B 135 36.85 -5.36 -40.52
C VAL B 135 36.17 -4.03 -40.82
N VAL B 136 35.21 -3.64 -40.00
CA VAL B 136 34.42 -2.45 -40.29
C VAL B 136 35.04 -1.18 -39.77
N LEU B 137 35.18 -0.19 -40.63
CA LEU B 137 35.66 1.13 -40.20
C LEU B 137 34.48 1.93 -39.73
N SER B 138 33.44 1.97 -40.55
CA SER B 138 32.31 2.85 -40.30
C SER B 138 30.94 2.28 -40.72
N SER B 139 29.88 2.75 -40.09
CA SER B 139 28.51 2.42 -40.48
C SER B 139 27.84 3.71 -40.88
N LEU B 140 26.95 3.62 -41.86
CA LEU B 140 26.34 4.80 -42.44
C LEU B 140 24.86 4.86 -42.19
N ILE B 141 24.40 6.08 -41.94
CA ILE B 141 23.06 6.36 -41.51
C ILE B 141 22.56 7.43 -42.45
N PRO B 142 21.90 7.02 -43.53
CA PRO B 142 21.40 7.98 -44.51
C PRO B 142 20.49 9.05 -43.88
N SER B 143 19.61 8.65 -42.95
CA SER B 143 18.72 9.58 -42.26
C SER B 143 19.47 10.81 -41.85
N GLU B 144 20.69 10.62 -41.34
CA GLU B 144 21.48 11.72 -40.84
C GLU B 144 22.19 12.47 -41.96
N ILE B 145 22.85 11.70 -42.81
CA ILE B 145 23.68 12.30 -43.85
C ILE B 145 22.86 13.31 -44.62
N ALA B 146 21.57 13.06 -44.78
CA ALA B 146 20.70 13.98 -45.47
C ALA B 146 20.31 15.26 -44.68
N LYS B 147 20.48 15.27 -43.36
CA LYS B 147 20.19 16.47 -42.58
C LYS B 147 21.06 17.62 -43.08
N ASP B 148 22.28 17.29 -43.48
CA ASP B 148 23.23 18.24 -44.10
C ASP B 148 23.29 18.16 -45.63
N ASP B 149 23.20 16.96 -46.19
CA ASP B 149 23.28 16.76 -47.62
C ASP B 149 21.92 16.25 -48.09
N PRO B 150 20.94 17.15 -48.19
CA PRO B 150 19.59 16.67 -48.47
C PRO B 150 19.53 16.00 -49.81
N ASN B 151 20.26 16.49 -50.79
CA ASN B 151 20.18 15.90 -52.12
C ASN B 151 20.61 14.42 -52.24
N MET B 152 21.40 13.96 -51.27
CA MET B 152 22.05 12.64 -51.31
C MET B 152 22.97 12.54 -52.53
N MET B 153 23.75 13.62 -52.72
CA MET B 153 24.85 13.67 -53.70
C MET B 153 26.20 13.17 -53.14
N SER B 154 26.39 13.33 -51.82
CA SER B 154 27.66 13.06 -51.15
C SER B 154 28.11 11.65 -51.36
N LYS B 155 29.42 11.48 -51.45
CA LYS B 155 30.02 10.15 -51.52
C LYS B 155 30.79 9.93 -50.23
N ILE B 156 31.44 8.76 -50.13
CA ILE B 156 32.29 8.40 -49.00
C ILE B 156 33.70 7.91 -49.42
N VAL B 157 34.62 8.83 -49.16
CA VAL B 157 35.99 8.69 -49.52
C VAL B 157 36.79 8.19 -48.35
N THR B 158 37.70 7.29 -48.67
CA THR B 158 38.61 6.72 -47.71
C THR B 158 39.88 6.57 -48.49
N SER B 159 41.01 6.81 -47.83
CA SER B 159 42.27 6.74 -48.56
C SER B 159 43.40 6.19 -47.73
N LEU B 160 44.31 5.49 -48.40
CA LEU B 160 45.44 4.81 -47.79
C LEU B 160 46.66 4.97 -48.67
N PRO B 161 47.88 5.01 -48.09
CA PRO B 161 49.03 5.13 -48.96
C PRO B 161 49.30 3.79 -49.63
N ALA B 162 49.42 3.81 -50.94
CA ALA B 162 49.46 2.59 -51.74
C ALA B 162 50.42 1.48 -51.28
N ASP B 163 51.56 1.84 -50.74
CA ASP B 163 52.58 0.82 -50.44
C ASP B 163 52.14 -0.14 -49.32
N ASP B 164 51.26 0.31 -48.43
CA ASP B 164 50.76 -0.55 -47.36
C ASP B 164 49.74 -1.58 -47.90
N ILE B 165 49.15 -1.27 -49.04
CA ILE B 165 48.23 -2.16 -49.70
C ILE B 165 48.96 -3.13 -50.63
N THR B 166 49.88 -2.60 -51.43
CA THR B 166 50.50 -3.34 -52.54
C THR B 166 51.80 -4.07 -52.23
N GLU B 167 51.89 -5.37 -52.53
CA GLU B 167 53.14 -6.15 -52.28
C GLU B 167 54.33 -5.65 -53.12
N SER B 168 54.07 -5.33 -54.40
CA SER B 168 55.07 -4.71 -55.28
C SER B 168 54.93 -3.21 -55.21
N PRO B 169 55.95 -2.51 -54.70
CA PRO B 169 55.91 -1.04 -54.70
C PRO B 169 55.45 -0.46 -56.04
N VAL B 170 54.66 0.60 -55.97
CA VAL B 170 54.02 1.13 -57.15
C VAL B 170 55.06 1.75 -58.05
N SER B 171 56.14 2.24 -57.43
CA SER B 171 57.33 2.70 -58.14
C SER B 171 57.78 1.66 -59.18
N SER B 172 58.22 0.49 -58.71
CA SER B 172 58.71 -0.57 -59.61
C SER B 172 57.59 -1.28 -60.36
N LEU B 173 56.86 -0.53 -61.17
CA LEU B 173 55.71 -1.07 -61.81
C LEU B 173 55.65 -0.49 -63.20
N PRO B 174 55.63 -1.35 -64.22
CA PRO B 174 55.53 -0.92 -65.63
C PRO B 174 54.50 0.18 -65.87
N LEU B 175 54.81 1.09 -66.76
CA LEU B 175 53.86 2.12 -67.15
C LEU B 175 52.66 1.53 -67.94
N ASP B 176 52.82 0.34 -68.53
CA ASP B 176 51.73 -0.26 -69.33
C ASP B 176 50.56 -0.82 -68.49
N LYS B 177 50.84 -1.23 -67.24
CA LYS B 177 49.84 -1.85 -66.33
C LYS B 177 48.79 -0.86 -65.90
N ALA B 178 47.53 -1.28 -66.02
CA ALA B 178 46.39 -0.49 -65.57
C ALA B 178 45.89 -1.01 -64.21
N THR B 179 46.40 -2.15 -63.75
CA THR B 179 45.91 -2.75 -62.53
C THR B 179 47.00 -3.41 -61.71
N VAL B 180 47.30 -2.82 -60.55
CA VAL B 180 48.22 -3.45 -59.59
C VAL B 180 47.44 -4.33 -58.62
N ASN B 181 48.05 -5.45 -58.21
CA ASN B 181 47.44 -6.33 -57.20
C ASN B 181 47.54 -5.73 -55.81
N VAL B 182 46.57 -6.05 -54.96
CA VAL B 182 46.49 -5.46 -53.63
C VAL B 182 46.11 -6.50 -52.59
N ASN B 183 46.66 -6.38 -51.40
CA ASN B 183 46.40 -7.33 -50.32
C ASN B 183 45.08 -7.08 -49.55
N VAL B 184 44.59 -5.85 -49.59
CA VAL B 184 43.37 -5.48 -48.91
C VAL B 184 42.68 -4.40 -49.73
N ARG B 185 41.43 -4.10 -49.44
CA ARG B 185 40.74 -2.98 -50.09
C ARG B 185 39.78 -2.29 -49.15
N VAL B 186 39.26 -1.14 -49.56
CA VAL B 186 38.28 -0.45 -48.75
C VAL B 186 37.01 -0.35 -49.57
N VAL B 187 35.99 -1.01 -49.03
CA VAL B 187 34.86 -1.50 -49.79
C VAL B 187 33.62 -1.37 -48.94
N ASP B 188 32.57 -0.80 -49.50
CA ASP B 188 31.33 -0.72 -48.77
C ASP B 188 30.72 -2.12 -48.69
N ASP B 189 30.13 -2.42 -47.55
CA ASP B 189 29.58 -3.71 -47.26
C ASP B 189 28.28 -3.45 -46.56
N VAL B 190 27.35 -4.38 -46.70
CA VAL B 190 26.09 -4.28 -45.98
C VAL B 190 25.99 -5.45 -45.03
N LYS B 191 25.92 -5.09 -43.75
CA LYS B 191 25.83 -6.07 -42.69
C LYS B 191 25.01 -5.47 -41.60
N ASP B 192 24.22 -6.29 -40.94
CA ASP B 192 23.34 -5.85 -39.86
C ASP B 192 22.54 -4.58 -40.19
N GLU B 193 21.92 -4.55 -41.37
CA GLU B 193 20.88 -3.56 -41.71
C GLU B 193 21.31 -2.10 -41.88
N ARG B 194 22.62 -1.84 -41.89
CA ARG B 194 23.19 -0.56 -42.32
C ARG B 194 24.17 -0.80 -43.44
N GLN B 195 24.31 0.17 -44.32
CA GLN B 195 25.44 0.14 -45.25
C GLN B 195 26.67 0.51 -44.42
N ASN B 196 27.82 -0.07 -44.72
CA ASN B 196 29.01 0.29 -43.95
C ASN B 196 30.31 0.17 -44.75
N ILE B 197 31.29 1.00 -44.43
CA ILE B 197 32.57 1.01 -45.15
C ILE B 197 33.59 0.18 -44.42
N SER B 198 34.32 -0.67 -45.13
CA SER B 198 35.19 -1.63 -44.44
C SER B 198 36.34 -2.25 -45.23
N VAL B 199 37.34 -2.68 -44.47
CA VAL B 199 38.61 -3.09 -45.00
C VAL B 199 38.47 -4.55 -45.21
N VAL B 200 38.72 -4.99 -46.42
CA VAL B 200 38.45 -6.34 -46.84
C VAL B 200 39.78 -7.03 -47.18
N SER B 201 39.77 -8.35 -47.29
CA SER B 201 40.99 -9.11 -47.49
C SER B 201 40.68 -10.58 -47.67
N GLY B 202 41.75 -11.40 -47.69
CA GLY B 202 41.66 -12.85 -47.66
C GLY B 202 41.70 -13.52 -49.02
N VAL B 203 41.44 -12.77 -50.08
CA VAL B 203 41.46 -13.31 -51.44
C VAL B 203 42.35 -12.45 -52.34
N PRO B 204 42.66 -12.97 -53.53
CA PRO B 204 43.24 -12.21 -54.63
C PRO B 204 42.37 -11.04 -55.03
N MET B 205 42.94 -9.84 -55.02
CA MET B 205 42.25 -8.62 -55.44
C MET B 205 43.20 -7.68 -56.17
N SER B 206 42.65 -6.77 -56.97
CA SER B 206 43.48 -5.94 -57.82
C SER B 206 42.69 -4.82 -58.44
N VAL B 207 43.26 -3.63 -58.41
CA VAL B 207 42.51 -2.41 -58.67
C VAL B 207 43.05 -1.55 -59.81
N PRO B 208 42.16 -0.74 -60.42
CA PRO B 208 42.57 0.31 -61.34
C PRO B 208 43.75 1.14 -60.80
N VAL B 209 44.63 1.56 -61.72
CA VAL B 209 45.79 2.42 -61.42
C VAL B 209 45.76 3.60 -62.35
N VAL B 210 45.66 4.80 -61.81
CA VAL B 210 45.48 5.94 -62.65
C VAL B 210 46.40 7.05 -62.22
N ASP B 211 46.92 7.74 -63.23
CA ASP B 211 47.92 8.79 -63.09
C ASP B 211 47.22 10.11 -62.91
N ALA B 212 47.80 10.99 -62.10
CA ALA B 212 47.15 12.25 -61.71
C ALA B 212 47.69 13.47 -62.44
N LYS B 213 47.01 13.89 -63.50
CA LYS B 213 47.34 15.14 -64.21
C LYS B 213 47.35 16.31 -63.22
N PRO B 214 48.28 17.29 -63.39
CA PRO B 214 48.34 18.47 -62.52
C PRO B 214 47.42 19.59 -62.98
N THR B 215 47.32 20.64 -62.20
CA THR B 215 46.42 21.72 -62.54
C THR B 215 47.02 23.04 -62.14
N GLU B 216 46.40 24.11 -62.67
CA GLU B 216 46.75 25.49 -62.34
C GLU B 216 47.16 25.66 -60.88
N ARG B 217 46.40 25.05 -59.97
CA ARG B 217 46.66 25.21 -58.54
C ARG B 217 47.94 24.45 -58.17
N PRO B 218 48.73 25.00 -57.23
CA PRO B 218 50.07 24.45 -56.97
C PRO B 218 50.05 23.29 -55.99
N GLY B 219 50.32 22.08 -56.47
CA GLY B 219 50.24 20.89 -55.63
C GLY B 219 48.81 20.40 -55.53
N VAL B 220 48.17 20.20 -56.69
CA VAL B 220 46.76 19.80 -56.79
C VAL B 220 46.51 19.07 -58.11
N PHE B 221 46.11 17.80 -58.03
CA PHE B 221 46.07 16.94 -59.22
C PHE B 221 44.71 16.29 -59.46
N THR B 222 44.44 15.87 -60.69
CA THR B 222 43.12 15.34 -61.01
C THR B 222 43.17 13.91 -61.50
N ALA B 223 42.91 12.99 -60.57
CA ALA B 223 42.70 11.57 -60.89
C ALA B 223 41.26 11.35 -61.26
N SER B 224 41.04 10.64 -62.35
CA SER B 224 39.69 10.30 -62.74
C SER B 224 39.58 8.81 -62.82
N ILE B 225 39.00 8.25 -61.77
CA ILE B 225 38.79 6.82 -61.65
C ILE B 225 37.52 6.46 -62.39
N PRO B 226 37.60 5.47 -63.30
CA PRO B 226 36.40 5.05 -64.01
C PRO B 226 35.23 4.86 -63.04
N GLY B 227 34.10 5.52 -63.29
CA GLY B 227 32.89 5.30 -62.49
C GLY B 227 32.73 6.10 -61.20
N ALA B 228 33.70 6.95 -60.89
CA ALA B 228 33.59 7.93 -59.82
C ALA B 228 33.77 9.32 -60.40
N PRO B 229 33.37 10.39 -59.69
CA PRO B 229 33.64 11.73 -60.25
C PRO B 229 35.11 12.12 -60.22
N VAL B 230 35.44 13.13 -61.02
CA VAL B 230 36.81 13.66 -61.07
C VAL B 230 37.27 13.86 -59.63
N LEU B 231 38.25 13.06 -59.24
CA LEU B 231 38.71 13.08 -57.89
C LEU B 231 39.90 14.04 -57.89
N ASN B 232 39.69 15.31 -57.53
CA ASN B 232 40.84 16.25 -57.46
C ASN B 232 41.50 16.29 -56.07
N ILE B 233 42.78 15.92 -56.05
CA ILE B 233 43.56 15.72 -54.82
C ILE B 233 44.49 16.89 -54.50
N SER B 234 44.88 17.00 -53.24
CA SER B 234 45.78 18.04 -52.79
C SER B 234 46.61 17.58 -51.58
N VAL B 235 47.93 17.54 -51.71
CA VAL B 235 48.80 17.09 -50.59
C VAL B 235 49.01 18.23 -49.58
N ASN B 236 49.31 17.89 -48.34
CA ASN B 236 49.34 18.88 -47.26
C ASN B 236 49.98 18.36 -45.97
N ASP B 237 51.26 18.65 -45.79
CA ASP B 237 51.97 18.20 -44.61
C ASP B 237 52.31 19.37 -43.69
N SER B 238 51.60 20.48 -43.84
CA SER B 238 51.85 21.69 -43.04
C SER B 238 50.95 21.68 -41.81
N THR B 239 49.65 21.63 -42.07
CA THR B 239 48.63 21.54 -41.05
C THR B 239 48.58 20.11 -40.48
N PRO B 240 48.47 19.99 -39.14
CA PRO B 240 48.37 18.67 -38.49
C PRO B 240 47.06 17.92 -38.85
N ALA B 241 47.20 16.60 -38.97
CA ALA B 241 46.14 15.75 -39.50
C ALA B 241 44.89 15.79 -38.63
N VAL B 242 43.74 15.66 -39.28
CA VAL B 242 42.42 15.67 -38.64
C VAL B 242 41.70 14.42 -39.08
N GLN B 243 40.72 14.03 -38.27
CA GLN B 243 39.76 12.95 -38.58
C GLN B 243 38.40 13.61 -38.56
N THR B 244 37.71 13.63 -39.69
CA THR B 244 36.50 14.44 -39.79
C THR B 244 35.36 13.64 -39.22
N LEU B 245 34.37 14.33 -38.65
CA LEU B 245 33.25 13.72 -37.89
C LEU B 245 31.91 14.25 -38.36
N SER B 246 31.05 13.32 -38.79
CA SER B 246 29.80 13.67 -39.44
C SER B 246 28.74 12.83 -38.80
N PRO B 247 27.56 13.41 -38.54
CA PRO B 247 26.61 12.67 -37.72
C PRO B 247 26.18 11.33 -38.33
N GLY B 248 26.26 11.23 -39.67
CA GLY B 248 25.82 10.06 -40.38
C GLY B 248 26.83 8.94 -40.44
N VAL B 249 28.11 9.26 -40.32
CA VAL B 249 29.14 8.24 -40.43
C VAL B 249 29.63 7.91 -39.04
N THR B 250 29.45 6.68 -38.57
CA THR B 250 29.88 6.33 -37.21
C THR B 250 31.14 5.48 -37.24
N ASN B 251 31.88 5.44 -36.13
CA ASN B 251 33.14 4.68 -36.04
C ASN B 251 33.03 3.47 -35.15
N ASN B 252 32.56 2.34 -35.69
CA ASN B 252 32.28 1.11 -34.93
C ASN B 252 33.52 0.52 -34.30
N THR B 253 33.57 0.55 -32.96
CA THR B 253 34.76 0.16 -32.17
C THR B 253 35.04 -1.32 -32.25
N ASP B 254 33.97 -2.11 -32.25
CA ASP B 254 34.10 -3.55 -32.42
C ASP B 254 34.83 -3.72 -33.73
N LYS B 255 36.12 -4.06 -33.63
CA LYS B 255 36.94 -4.31 -34.82
C LYS B 255 37.34 -5.78 -34.87
N ASP B 256 36.31 -6.62 -34.85
CA ASP B 256 36.46 -8.05 -35.08
C ASP B 256 36.65 -8.27 -36.58
N VAL B 257 37.33 -9.34 -36.90
CA VAL B 257 37.35 -9.84 -38.26
C VAL B 257 36.13 -10.71 -38.43
N ARG B 258 35.29 -10.37 -39.39
CA ARG B 258 34.09 -11.14 -39.67
C ARG B 258 34.16 -11.54 -41.09
N PRO B 259 33.39 -12.55 -41.49
CA PRO B 259 33.24 -12.81 -42.90
C PRO B 259 32.59 -11.62 -43.52
N ALA B 260 32.83 -11.39 -44.82
CA ALA B 260 32.36 -10.17 -45.49
C ALA B 260 31.31 -10.47 -46.51
N GLY B 261 30.73 -9.39 -47.01
CA GLY B 261 29.70 -9.50 -48.03
C GLY B 261 30.07 -10.31 -49.24
N PHE B 262 29.12 -11.10 -49.71
CA PHE B 262 29.16 -11.58 -51.08
C PHE B 262 29.06 -10.39 -52.03
N THR B 263 28.18 -9.46 -51.73
CA THR B 263 27.97 -8.31 -52.61
C THR B 263 28.95 -7.18 -52.33
N GLN B 264 30.03 -7.46 -51.60
CA GLN B 264 30.98 -6.40 -51.22
C GLN B 264 31.44 -5.65 -52.44
N GLY B 265 31.31 -4.34 -52.43
CA GLY B 265 31.91 -3.50 -53.46
C GLY B 265 30.91 -2.93 -54.41
N GLY B 266 29.70 -3.49 -54.40
CA GLY B 266 28.63 -3.11 -55.34
C GLY B 266 28.38 -1.64 -55.57
N ASN B 267 28.81 -0.77 -54.67
CA ASN B 267 28.71 0.67 -54.90
C ASN B 267 30.00 1.39 -54.57
N THR B 268 31.11 0.79 -54.97
CA THR B 268 32.40 1.33 -54.68
C THR B 268 33.27 1.29 -55.90
N ARG B 269 34.12 2.31 -55.99
CA ARG B 269 35.12 2.44 -57.03
C ARG B 269 36.45 2.89 -56.40
N ASP B 270 37.45 2.03 -56.47
CA ASP B 270 38.75 2.37 -55.95
C ASP B 270 39.82 2.32 -57.01
N ALA B 271 41.00 2.78 -56.63
CA ALA B 271 42.14 2.84 -57.51
C ALA B 271 43.36 3.35 -56.76
N VAL B 272 44.50 2.67 -56.95
CA VAL B 272 45.78 3.23 -56.52
C VAL B 272 46.10 4.32 -57.51
N ILE B 273 46.30 5.53 -57.02
CA ILE B 273 46.62 6.66 -57.89
C ILE B 273 48.08 7.03 -57.72
N ARG B 274 48.76 7.20 -58.84
CA ARG B 274 50.14 7.70 -58.81
C ARG B 274 50.30 9.13 -59.36
N PHE B 275 51.29 9.80 -58.83
CA PHE B 275 51.59 11.14 -59.23
C PHE B 275 52.68 11.09 -60.29
N PRO B 276 52.90 12.20 -61.01
CA PRO B 276 53.98 12.20 -61.99
C PRO B 276 55.33 12.33 -61.28
N LYS B 277 56.38 11.86 -61.92
CA LYS B 277 57.65 11.60 -61.24
C LYS B 277 58.30 12.82 -60.56
N ASP B 278 58.21 13.98 -61.20
CA ASP B 278 58.77 15.22 -60.66
C ASP B 278 57.76 15.96 -59.78
N SER B 279 57.15 15.23 -58.84
CA SER B 279 56.31 15.82 -57.80
C SER B 279 56.71 15.37 -56.39
N GLY B 280 57.36 14.20 -56.28
CA GLY B 280 57.90 13.69 -55.02
C GLY B 280 56.88 13.14 -54.05
N HIS B 281 55.65 12.94 -54.53
CA HIS B 281 54.48 12.59 -53.72
C HIS B 281 54.21 11.10 -53.82
N ASN B 282 54.12 10.40 -52.69
CA ASN B 282 53.84 8.97 -52.69
C ASN B 282 52.49 8.61 -53.30
N ALA B 283 52.45 7.47 -53.99
CA ALA B 283 51.19 6.97 -54.53
C ALA B 283 50.19 6.77 -53.40
N VAL B 284 48.93 7.03 -53.70
CA VAL B 284 47.87 6.99 -52.73
C VAL B 284 46.75 6.13 -53.26
N TYR B 285 46.17 5.30 -52.40
CA TYR B 285 44.99 4.47 -52.70
C TYR B 285 43.75 5.23 -52.32
N VAL B 286 42.72 5.22 -53.15
CA VAL B 286 41.47 5.86 -52.78
C VAL B 286 40.28 5.03 -53.20
N SER B 287 39.35 4.79 -52.26
CA SER B 287 38.06 4.20 -52.63
C SER B 287 36.96 5.20 -52.34
N VAL B 288 36.01 5.25 -53.27
CA VAL B 288 34.92 6.19 -53.23
C VAL B 288 33.62 5.41 -53.37
N SER B 289 32.80 5.38 -52.31
CA SER B 289 31.56 4.57 -52.29
C SER B 289 30.31 5.43 -52.26
N ASP B 290 29.25 4.94 -52.87
CA ASP B 290 27.97 5.63 -52.87
C ASP B 290 27.31 5.46 -51.53
N VAL B 291 26.58 6.48 -51.10
CA VAL B 291 25.76 6.34 -49.90
C VAL B 291 24.43 5.77 -50.29
N LEU B 292 24.20 4.51 -49.97
CA LEU B 292 22.94 3.86 -50.27
C LEU B 292 21.88 4.40 -49.34
N SER B 293 20.69 4.56 -49.90
CA SER B 293 19.46 4.93 -49.19
C SER B 293 18.85 3.64 -48.65
N PRO B 294 18.01 3.75 -47.61
CA PRO B 294 17.65 2.55 -46.87
C PRO B 294 17.04 1.54 -47.79
N ASP B 295 16.20 2.01 -48.71
CA ASP B 295 15.56 1.15 -49.70
C ASP B 295 16.61 0.36 -50.44
N GLN B 296 17.64 1.04 -50.93
CA GLN B 296 18.77 0.36 -51.60
C GLN B 296 19.52 -0.60 -50.70
N VAL B 297 19.46 -0.35 -49.40
CA VAL B 297 20.20 -1.17 -48.44
C VAL B 297 19.45 -2.43 -48.13
N LYS B 298 18.12 -2.33 -48.12
CA LYS B 298 17.28 -3.53 -47.98
C LYS B 298 17.49 -4.39 -49.21
N GLN B 299 17.71 -3.77 -50.36
CA GLN B 299 17.96 -4.51 -51.58
C GLN B 299 19.26 -5.28 -51.50
N ARG B 300 20.31 -4.60 -51.07
CA ARG B 300 21.60 -5.27 -50.90
C ARG B 300 21.49 -6.32 -49.82
N GLN B 301 20.71 -6.01 -48.80
CA GLN B 301 20.51 -6.96 -47.71
C GLN B 301 19.88 -8.23 -48.25
N ASP B 302 18.87 -8.06 -49.10
CA ASP B 302 18.14 -9.20 -49.64
C ASP B 302 19.07 -10.05 -50.53
N GLU B 303 19.77 -9.40 -51.45
CA GLU B 303 20.67 -10.11 -52.35
C GLU B 303 21.73 -10.81 -51.52
N GLU B 304 22.18 -10.16 -50.47
CA GLU B 304 23.21 -10.71 -49.63
C GLU B 304 22.69 -12.05 -49.06
N ASN B 305 21.49 -12.02 -48.48
CA ASN B 305 20.87 -13.22 -47.89
C ASN B 305 20.58 -14.32 -48.90
N ARG B 306 20.20 -13.96 -50.12
CA ARG B 306 20.00 -14.96 -51.18
C ARG B 306 21.31 -15.66 -51.55
N ARG B 307 22.39 -14.90 -51.73
CA ARG B 307 23.66 -15.49 -52.11
C ARG B 307 24.14 -16.45 -51.05
N GLN B 308 23.94 -16.08 -49.79
CA GLN B 308 24.30 -16.96 -48.67
C GLN B 308 23.59 -18.30 -48.71
N GLN B 309 22.30 -18.32 -49.08
CA GLN B 309 21.55 -19.57 -49.25
C GLN B 309 22.24 -20.50 -50.25
N GLU B 310 22.55 -19.97 -51.45
CA GLU B 310 23.26 -20.71 -52.50
C GLU B 310 24.50 -21.33 -51.89
N TRP B 311 25.40 -20.47 -51.43
CA TRP B 311 26.65 -20.93 -50.85
C TRP B 311 26.36 -22.02 -49.82
N ASP B 312 25.33 -21.83 -48.99
CA ASP B 312 25.02 -22.82 -47.96
C ASP B 312 24.72 -24.21 -48.51
N ALA B 313 23.94 -24.30 -49.59
CA ALA B 313 23.61 -25.60 -50.22
C ALA B 313 24.82 -26.26 -50.96
N THR B 314 25.69 -25.43 -51.51
CA THR B 314 26.85 -25.93 -52.21
C THR B 314 28.05 -25.92 -51.29
N HIS B 315 27.86 -25.78 -49.98
CA HIS B 315 28.97 -25.95 -49.05
C HIS B 315 28.51 -26.57 -47.74
N PRO B 316 27.74 -27.67 -47.81
CA PRO B 316 27.26 -28.27 -46.57
C PRO B 316 28.39 -28.54 -45.60
N VAL B 317 29.55 -28.94 -46.14
CA VAL B 317 30.71 -29.35 -45.35
C VAL B 317 30.84 -28.49 -44.10
N GLU B 318 30.59 -27.19 -44.29
CA GLU B 318 30.93 -26.15 -43.33
C GLU B 318 29.84 -25.10 -43.19
N ALA B 319 28.70 -25.30 -43.82
CA ALA B 319 27.54 -24.48 -43.57
C ALA B 319 27.06 -24.88 -42.20
N ALA B 320 27.02 -26.19 -42.00
CA ALA B 320 26.74 -26.77 -40.73
C ALA B 320 27.75 -26.28 -39.72
N GLU B 321 29.04 -26.36 -40.06
CA GLU B 321 30.10 -25.97 -39.11
C GLU B 321 29.93 -24.51 -38.66
N ARG B 322 29.32 -23.68 -39.50
CA ARG B 322 28.96 -22.30 -39.13
C ARG B 322 27.87 -22.22 -38.07
N ASN B 323 26.74 -22.88 -38.31
CA ASN B 323 25.67 -22.92 -37.31
C ASN B 323 26.12 -23.34 -35.92
N CYS B 324 26.93 -24.39 -35.82
CA CYS B 324 27.49 -24.78 -34.52
C CYS B 324 28.06 -23.58 -33.83
N GLU B 325 28.72 -22.72 -34.58
CA GLU B 325 29.30 -21.52 -34.03
C GLU B 325 28.16 -20.62 -33.54
N ARG B 326 27.20 -20.28 -34.38
CA ARG B 326 26.07 -19.42 -33.96
C ARG B 326 25.31 -20.01 -32.79
N ALA B 327 25.15 -21.34 -32.80
CA ALA B 327 24.33 -22.02 -31.82
C ALA B 327 25.08 -22.16 -30.51
N ARG B 328 26.41 -22.22 -30.58
CA ARG B 328 27.25 -22.21 -29.40
C ARG B 328 27.37 -20.80 -28.82
N ALA B 329 27.28 -19.80 -29.66
CA ALA B 329 27.31 -18.43 -29.18
C ALA B 329 26.02 -18.12 -28.48
N GLU B 330 24.91 -18.35 -29.16
CA GLU B 330 23.59 -18.12 -28.57
C GLU B 330 23.52 -18.78 -27.20
N LEU B 331 24.04 -20.02 -27.06
CA LEU B 331 23.95 -20.77 -25.80
C LEU B 331 24.76 -20.12 -24.73
N ASN B 332 25.98 -19.77 -25.08
CA ASN B 332 26.87 -19.16 -24.12
C ASN B 332 26.28 -17.84 -23.63
N GLN B 333 25.59 -17.13 -24.52
CA GLN B 333 24.96 -15.87 -24.18
C GLN B 333 23.81 -16.11 -23.26
N ALA B 334 22.93 -17.01 -23.65
CA ALA B 334 21.77 -17.34 -22.86
C ALA B 334 22.15 -17.87 -21.46
N ASN B 335 23.24 -18.64 -21.38
CA ASN B 335 23.77 -19.02 -20.07
C ASN B 335 23.98 -17.75 -19.24
N GLU B 336 24.70 -16.78 -19.77
CA GLU B 336 24.97 -15.60 -19.01
C GLU B 336 23.69 -14.96 -18.55
N ASP B 337 22.68 -14.92 -19.42
CA ASP B 337 21.38 -14.34 -19.05
C ASP B 337 20.84 -14.91 -17.77
N VAL B 338 20.86 -16.23 -17.66
CA VAL B 338 20.47 -16.90 -16.44
C VAL B 338 21.23 -16.34 -15.26
N ALA B 339 22.55 -16.28 -15.41
CA ALA B 339 23.44 -15.84 -14.36
C ALA B 339 23.15 -14.42 -13.92
N ARG B 340 22.87 -13.54 -14.87
CA ARG B 340 22.56 -12.14 -14.54
C ARG B 340 21.23 -12.03 -13.81
N ASN B 341 20.28 -12.87 -14.20
CA ASN B 341 18.98 -12.89 -13.56
C ASN B 341 19.05 -13.43 -12.17
N GLN B 342 19.83 -14.49 -11.97
CA GLN B 342 20.14 -14.98 -10.62
C GLN B 342 20.69 -13.91 -9.67
N GLU B 343 21.55 -13.05 -10.18
CA GLU B 343 22.02 -11.95 -9.39
C GLU B 343 20.82 -11.11 -8.99
N ARG B 344 20.07 -10.65 -9.96
CA ARG B 344 18.93 -9.76 -9.69
C ARG B 344 17.94 -10.32 -8.70
N GLN B 345 17.69 -11.62 -8.81
CA GLN B 345 16.65 -12.27 -8.03
C GLN B 345 17.18 -12.59 -6.67
N ALA B 346 18.41 -13.05 -6.62
CA ALA B 346 19.06 -13.26 -5.34
C ALA B 346 19.21 -11.93 -4.62
N LYS B 347 19.47 -10.86 -5.36
CA LYS B 347 19.43 -9.55 -4.73
C LYS B 347 18.02 -9.17 -4.26
N ALA B 348 16.98 -9.53 -5.01
CA ALA B 348 15.64 -9.05 -4.66
C ALA B 348 15.09 -9.77 -3.45
N VAL B 349 15.63 -10.96 -3.20
CA VAL B 349 15.35 -11.68 -1.96
C VAL B 349 15.85 -10.94 -0.72
N GLN B 350 17.08 -10.43 -0.70
CA GLN B 350 17.56 -9.71 0.50
C GLN B 350 16.83 -8.37 0.69
N VAL B 351 16.60 -7.66 -0.41
CA VAL B 351 15.85 -6.41 -0.33
C VAL B 351 14.47 -6.67 0.29
N TYR B 352 13.84 -7.78 -0.08
CA TYR B 352 12.53 -8.14 0.43
C TYR B 352 12.64 -8.37 1.91
N ASN B 353 13.52 -9.31 2.27
CA ASN B 353 13.76 -9.71 3.66
C ASN B 353 14.11 -8.51 4.53
N SER B 354 14.97 -7.64 4.02
CA SER B 354 15.25 -6.39 4.72
C SER B 354 13.96 -5.57 4.91
N ARG B 355 13.39 -5.11 3.80
CA ARG B 355 12.22 -4.21 3.79
C ARG B 355 11.11 -4.75 4.64
N LYS B 356 10.99 -6.08 4.66
CA LYS B 356 10.04 -6.81 5.50
C LYS B 356 10.25 -6.53 6.97
N SER B 357 11.48 -6.72 7.44
CA SER B 357 11.81 -6.48 8.85
C SER B 357 11.71 -5.02 9.19
N GLU B 358 12.16 -4.17 8.28
CA GLU B 358 12.00 -2.75 8.49
C GLU B 358 10.54 -2.45 8.85
N LEU B 359 9.62 -3.05 8.09
CA LEU B 359 8.19 -2.86 8.31
C LEU B 359 7.73 -3.40 9.64
N ASP B 360 8.17 -4.62 9.98
CA ASP B 360 7.81 -5.26 11.24
C ASP B 360 8.13 -4.36 12.39
N ALA B 361 9.38 -3.94 12.48
CA ALA B 361 9.76 -3.01 13.51
C ALA B 361 8.92 -1.72 13.50
N ALA B 362 8.66 -1.17 12.33
CA ALA B 362 7.87 0.05 12.27
C ALA B 362 6.47 -0.20 12.75
N ASN B 363 6.01 -1.43 12.56
CA ASN B 363 4.69 -1.82 13.00
C ASN B 363 4.60 -1.98 14.48
N LYS B 364 5.64 -2.55 15.09
CA LYS B 364 5.71 -2.64 16.55
C LYS B 364 5.74 -1.24 17.15
N THR B 365 6.61 -0.38 16.66
CA THR B 365 6.62 1.00 17.14
C THR B 365 5.24 1.66 17.15
N LEU B 366 4.38 1.33 16.20
CA LEU B 366 3.05 1.94 16.14
C LEU B 366 2.20 1.43 17.31
N ALA B 367 2.18 0.10 17.45
CA ALA B 367 1.51 -0.64 18.54
C ALA B 367 1.80 -0.04 19.92
N ASP B 368 3.09 0.22 20.13
CA ASP B 368 3.58 0.86 21.32
C ASP B 368 2.93 2.24 21.41
N ALA B 369 3.25 3.16 20.51
CA ALA B 369 2.62 4.49 20.56
C ALA B 369 1.11 4.43 20.70
N ILE B 370 0.45 3.51 19.99
CA ILE B 370 -1.03 3.42 20.01
C ILE B 370 -1.58 2.84 21.31
N ALA B 371 -0.73 2.18 22.09
CA ALA B 371 -1.05 1.79 23.45
C ALA B 371 -0.89 2.99 24.37
N GLU B 372 0.22 3.70 24.19
CA GLU B 372 0.57 4.87 24.99
C GLU B 372 -0.56 5.90 24.95
N ILE B 373 -1.21 6.02 23.80
CA ILE B 373 -2.34 6.94 23.65
C ILE B 373 -3.57 6.38 24.41
N LYS B 374 -3.74 5.06 24.41
CA LYS B 374 -4.83 4.37 25.16
C LYS B 374 -4.69 4.60 26.65
N GLN B 375 -3.44 4.64 27.09
CA GLN B 375 -3.04 4.93 28.46
C GLN B 375 -3.62 6.27 28.95
N PHE B 376 -3.22 7.37 28.33
CA PHE B 376 -3.61 8.72 28.76
C PHE B 376 -4.91 9.17 28.11
N ASN B 377 -5.64 8.21 27.59
CA ASN B 377 -6.96 8.46 27.04
C ASN B 377 -7.82 9.24 28.03
N ARG B 378 -7.78 8.76 29.26
CA ARG B 378 -8.37 9.44 30.41
C ARG B 378 -8.33 10.96 30.33
N PHE B 379 -7.14 11.47 30.06
CA PHE B 379 -6.88 12.92 30.12
C PHE B 379 -7.43 13.68 28.90
N ALA B 380 -8.14 12.97 28.03
CA ALA B 380 -8.57 13.53 26.75
C ALA B 380 -9.42 14.77 26.87
N HIS B 381 -10.40 14.76 27.77
CA HIS B 381 -11.31 15.88 27.93
C HIS B 381 -10.98 16.74 29.16
N ASP B 382 -9.85 16.53 29.82
CA ASP B 382 -9.51 17.38 30.95
C ASP B 382 -8.37 18.26 30.53
N PRO B 383 -8.67 19.42 29.93
CA PRO B 383 -7.61 20.24 29.34
C PRO B 383 -6.53 20.79 30.26
N MET B 384 -6.76 20.75 31.57
CA MET B 384 -5.80 21.35 32.51
C MET B 384 -5.19 20.32 33.43
N ALA B 385 -4.63 19.28 32.84
CA ALA B 385 -4.08 18.21 33.62
C ALA B 385 -2.74 17.82 33.05
N GLY B 386 -1.90 17.21 33.87
CA GLY B 386 -0.60 16.73 33.42
C GLY B 386 -0.81 15.93 32.15
N GLY B 387 -1.66 14.91 32.26
CA GLY B 387 -1.99 14.03 31.15
C GLY B 387 -2.24 14.66 29.79
N HIS B 388 -3.04 15.73 29.74
CA HIS B 388 -3.51 16.24 28.44
C HIS B 388 -2.42 16.84 27.55
N ARG B 389 -1.21 17.00 28.11
CA ARG B 389 -0.02 17.11 27.27
C ARG B 389 0.42 15.70 26.93
N MET B 390 0.64 14.88 27.95
CA MET B 390 1.15 13.54 27.73
C MET B 390 0.29 12.75 26.70
N TRP B 391 -1.01 13.03 26.64
CA TRP B 391 -1.87 12.48 25.60
C TRP B 391 -1.55 13.04 24.21
N GLN B 392 -1.57 14.37 24.09
CA GLN B 392 -1.23 15.05 22.82
C GLN B 392 0.14 14.65 22.29
N MET B 393 1.08 14.42 23.20
CA MET B 393 2.39 13.91 22.81
C MET B 393 2.25 12.55 22.19
N ALA B 394 1.41 11.68 22.74
CA ALA B 394 1.24 10.35 22.17
C ALA B 394 0.52 10.44 20.81
N GLY B 395 -0.40 11.39 20.68
CA GLY B 395 -1.05 11.69 19.40
C GLY B 395 0.02 11.79 18.32
N LEU B 396 0.96 12.73 18.52
CA LEU B 396 2.10 12.93 17.62
C LEU B 396 2.99 11.72 17.45
N LYS B 397 3.34 11.08 18.54
CA LYS B 397 4.22 9.94 18.45
C LYS B 397 3.59 8.99 17.46
N ALA B 398 2.29 8.73 17.60
CA ALA B 398 1.56 7.84 16.69
C ALA B 398 1.47 8.28 15.21
N GLN B 399 1.07 9.51 14.91
CA GLN B 399 0.97 9.89 13.49
C GLN B 399 2.33 9.82 12.84
N ARG B 400 3.38 10.19 13.56
CA ARG B 400 4.74 9.97 13.07
C ARG B 400 4.96 8.47 12.86
N ALA B 401 4.81 7.67 13.91
CA ALA B 401 5.00 6.22 13.78
C ALA B 401 4.13 5.62 12.71
N GLN B 402 2.91 6.17 12.53
CA GLN B 402 1.96 5.72 11.49
C GLN B 402 2.53 6.04 10.10
N THR B 403 2.73 7.33 9.80
CA THR B 403 3.39 7.75 8.55
C THR B 403 4.55 6.82 8.24
N ASP B 404 5.41 6.54 9.22
CA ASP B 404 6.51 5.60 9.02
C ASP B 404 6.01 4.25 8.51
N VAL B 405 5.01 3.68 9.14
CA VAL B 405 4.50 2.40 8.66
C VAL B 405 4.01 2.46 7.20
N ASN B 406 3.21 3.45 6.86
CA ASN B 406 2.82 3.65 5.47
C ASN B 406 3.94 3.63 4.47
N ASN B 407 5.03 4.31 4.80
CA ASN B 407 6.26 4.31 3.99
C ASN B 407 6.96 2.97 3.91
N LYS B 408 7.15 2.31 5.04
CA LYS B 408 7.78 1.02 5.02
C LYS B 408 6.95 0.07 4.19
N GLN B 409 5.63 0.29 4.13
CA GLN B 409 4.73 -0.59 3.39
C GLN B 409 4.86 -0.43 1.87
N ALA B 410 4.75 0.80 1.38
CA ALA B 410 5.01 1.06 -0.05
C ALA B 410 6.28 0.37 -0.43
N ALA B 411 7.31 0.66 0.34
CA ALA B 411 8.60 0.08 0.13
C ALA B 411 8.55 -1.46 0.16
N PHE B 412 7.88 -2.02 1.16
CA PHE B 412 7.80 -3.45 1.25
C PHE B 412 6.97 -4.06 0.11
N ASP B 413 5.87 -3.41 -0.24
CA ASP B 413 5.10 -3.82 -1.40
C ASP B 413 5.97 -3.84 -2.66
N ALA B 414 6.54 -2.70 -3.00
CA ALA B 414 7.48 -2.57 -4.11
C ALA B 414 8.53 -3.67 -4.12
N ALA B 415 9.02 -4.07 -2.95
CA ALA B 415 10.05 -5.10 -2.93
C ALA B 415 9.45 -6.45 -3.23
N ALA B 416 8.19 -6.62 -2.88
CA ALA B 416 7.49 -7.88 -3.13
C ALA B 416 7.22 -8.08 -4.61
N LYS B 417 6.96 -6.95 -5.27
CA LYS B 417 6.78 -6.86 -6.72
C LYS B 417 8.04 -7.28 -7.41
N GLU B 418 9.12 -6.55 -7.15
CA GLU B 418 10.38 -6.89 -7.72
C GLU B 418 10.74 -8.36 -7.56
N LYS B 419 10.52 -8.90 -6.38
CA LYS B 419 10.89 -10.25 -6.11
C LYS B 419 10.01 -11.19 -6.94
N SER B 420 8.74 -10.84 -7.09
CA SER B 420 7.87 -11.62 -7.96
C SER B 420 8.36 -11.55 -9.40
N ASP B 421 8.54 -10.34 -9.91
CA ASP B 421 8.99 -10.14 -11.30
C ASP B 421 10.30 -10.88 -11.55
N ALA B 422 11.19 -10.82 -10.56
CA ALA B 422 12.51 -11.45 -10.64
C ALA B 422 12.46 -12.93 -10.81
N ASP B 423 11.55 -13.54 -10.07
CA ASP B 423 11.40 -14.99 -10.07
C ASP B 423 10.92 -15.43 -11.41
N ALA B 424 10.12 -14.59 -12.04
CA ALA B 424 9.63 -14.91 -13.37
C ALA B 424 10.73 -14.83 -14.39
N ALA B 425 11.44 -13.71 -14.38
CA ALA B 425 12.61 -13.52 -15.22
C ALA B 425 13.53 -14.72 -15.29
N LEU B 426 13.82 -15.40 -14.17
CA LEU B 426 14.62 -16.64 -14.23
C LEU B 426 13.86 -17.73 -14.93
N SER B 427 12.63 -17.98 -14.53
CA SER B 427 11.92 -19.08 -15.15
C SER B 427 11.93 -18.86 -16.64
N ALA B 428 11.52 -17.66 -17.06
CA ALA B 428 11.49 -17.29 -18.47
C ALA B 428 12.87 -17.34 -19.10
N ALA B 429 13.85 -16.79 -18.39
CA ALA B 429 15.23 -16.81 -18.88
C ALA B 429 15.87 -18.19 -18.85
N GLN B 430 15.46 -19.01 -17.91
CA GLN B 430 16.05 -20.32 -17.74
C GLN B 430 15.36 -21.35 -18.60
N GLU B 431 14.17 -20.98 -19.07
CA GLU B 431 13.52 -21.71 -20.14
C GLU B 431 14.29 -21.50 -21.45
N ARG B 432 14.71 -20.26 -21.72
CA ARG B 432 15.44 -19.98 -22.96
C ARG B 432 16.71 -20.80 -22.99
N ARG B 433 17.46 -20.85 -21.89
CA ARG B 433 18.65 -21.67 -21.87
C ARG B 433 18.36 -23.12 -22.24
N LYS B 434 17.24 -23.68 -21.78
CA LYS B 434 16.90 -25.07 -22.10
C LYS B 434 16.66 -25.26 -23.59
N GLN B 435 16.06 -24.27 -24.26
CA GLN B 435 15.86 -24.32 -25.70
C GLN B 435 17.19 -24.16 -26.42
N LYS B 436 17.99 -23.19 -25.97
CA LYS B 436 19.30 -22.97 -26.59
C LYS B 436 20.30 -24.11 -26.33
N GLU B 437 20.18 -24.81 -25.21
CA GLU B 437 21.02 -25.96 -24.95
C GLU B 437 20.65 -27.11 -25.88
N ASN B 438 19.37 -27.23 -26.24
CA ASN B 438 18.93 -28.22 -27.23
C ASN B 438 19.33 -27.89 -28.63
N LYS B 439 19.22 -26.62 -28.98
CA LYS B 439 19.70 -26.17 -30.26
C LYS B 439 21.17 -26.62 -30.45
N GLU B 440 22.03 -26.22 -29.51
CA GLU B 440 23.49 -26.50 -29.58
C GLU B 440 23.84 -27.97 -29.66
N LYS B 441 23.03 -28.85 -29.07
CA LYS B 441 23.29 -30.28 -29.19
C LYS B 441 22.94 -30.74 -30.60
N ASP B 442 21.80 -30.27 -31.13
CA ASP B 442 21.34 -30.66 -32.47
C ASP B 442 22.41 -30.30 -33.48
N ALA B 443 22.86 -29.05 -33.40
CA ALA B 443 23.92 -28.56 -34.28
C ALA B 443 25.18 -29.41 -34.20
N LYS B 444 25.76 -29.55 -33.01
CA LYS B 444 26.97 -30.37 -32.83
C LYS B 444 26.81 -31.79 -33.35
N ASP B 445 25.62 -32.37 -33.19
CA ASP B 445 25.32 -33.71 -33.74
C ASP B 445 25.43 -33.67 -35.26
N LYS B 446 24.89 -32.59 -35.83
CA LYS B 446 24.91 -32.37 -37.27
C LYS B 446 26.30 -32.02 -37.84
N CYS B 447 27.03 -31.13 -37.16
CA CYS B 447 28.44 -30.83 -37.51
C CYS B 447 29.26 -32.10 -37.61
N ALA B 448 28.98 -33.06 -36.74
CA ALA B 448 29.73 -34.31 -36.69
C ALA B 448 29.39 -35.23 -37.85
N MET B 449 28.11 -35.32 -38.18
CA MET B 449 27.70 -36.08 -39.34
C MET B 449 28.28 -35.48 -40.61
N GLU B 450 28.15 -34.17 -40.75
CA GLU B 450 28.53 -33.49 -41.98
C GLU B 450 30.05 -33.36 -42.07
N SER B 451 30.73 -33.70 -40.98
CA SER B 451 32.17 -33.73 -40.94
C SER B 451 32.72 -34.99 -41.63
N LYS B 452 31.88 -36.02 -41.74
CA LYS B 452 32.32 -37.33 -42.27
C LYS B 452 32.67 -37.25 -43.75
N ARG B 453 31.91 -36.42 -44.44
CA ARG B 453 32.17 -36.17 -45.83
C ARG B 453 33.41 -35.30 -46.01
N ASN B 454 34.21 -35.18 -44.98
CA ASN B 454 35.51 -34.57 -45.10
C ASN B 454 36.61 -35.40 -44.44
N LYS B 455 36.35 -36.71 -44.28
CA LYS B 455 37.31 -37.69 -43.77
C LYS B 455 37.27 -38.93 -44.66
N PRO B 456 38.41 -39.63 -44.80
CA PRO B 456 38.64 -40.74 -45.75
C PRO B 456 37.64 -41.90 -45.79
N GLY B 457 37.74 -42.74 -46.83
CA GLY B 457 36.83 -43.88 -46.97
C GLY B 457 36.95 -44.66 -48.27
N LYS B 458 36.15 -45.72 -48.38
CA LYS B 458 36.21 -46.65 -49.50
C LYS B 458 34.88 -46.74 -50.24
N ALA B 459 34.90 -46.50 -51.54
CA ALA B 459 33.68 -46.50 -52.34
C ALA B 459 33.01 -47.86 -52.31
N THR B 460 31.68 -47.88 -52.39
CA THR B 460 30.92 -49.12 -52.30
C THR B 460 29.65 -49.02 -53.15
N GLY B 461 29.06 -50.16 -53.52
CA GLY B 461 27.82 -50.19 -54.31
C GLY B 461 28.03 -50.50 -55.79
N LYS B 462 26.97 -50.98 -56.44
CA LYS B 462 27.05 -51.40 -57.85
C LYS B 462 26.51 -50.39 -58.83
N GLY B 463 25.62 -49.53 -58.36
CA GLY B 463 24.96 -48.58 -59.24
C GLY B 463 23.94 -49.33 -60.07
N LYS B 464 23.71 -48.84 -61.29
CA LYS B 464 22.74 -49.43 -62.22
C LYS B 464 23.14 -49.13 -63.68
N PRO B 465 22.57 -49.87 -64.64
CA PRO B 465 22.79 -49.55 -66.06
C PRO B 465 22.18 -48.22 -66.48
N VAL B 466 22.74 -47.61 -67.53
CA VAL B 466 22.32 -46.30 -68.03
C VAL B 466 22.26 -46.30 -69.57
N GLY B 467 21.77 -45.22 -70.18
CA GLY B 467 21.66 -45.14 -71.63
C GLY B 467 22.54 -44.07 -72.24
N ASP B 468 22.02 -43.42 -73.28
CA ASP B 468 22.63 -42.24 -73.82
C ASP B 468 22.10 -41.00 -73.09
N LYS B 469 20.84 -41.06 -72.63
CA LYS B 469 20.20 -39.97 -71.89
C LYS B 469 20.63 -39.91 -70.41
N TRP B 470 21.84 -40.37 -70.10
CA TRP B 470 22.32 -40.42 -68.73
C TRP B 470 22.21 -39.06 -68.07
N LEU B 471 22.91 -38.09 -68.63
CA LEU B 471 22.84 -36.72 -68.13
C LEU B 471 21.42 -36.17 -68.24
N ASP B 472 20.77 -36.38 -69.37
CA ASP B 472 19.38 -35.95 -69.52
C ASP B 472 18.54 -36.41 -68.32
N ASP B 473 18.76 -37.65 -67.87
CA ASP B 473 18.05 -38.25 -66.72
C ASP B 473 18.28 -37.48 -65.43
N ALA B 474 19.44 -36.84 -65.30
CA ALA B 474 19.70 -35.97 -64.16
C ALA B 474 18.79 -34.72 -64.11
N GLY B 475 17.95 -34.53 -65.14
CA GLY B 475 16.89 -33.50 -65.12
C GLY B 475 15.48 -34.06 -65.11
N LYS B 476 15.34 -35.34 -64.71
CA LYS B 476 14.04 -36.04 -64.68
C LYS B 476 13.91 -36.89 -63.41
N ASP B 477 12.67 -37.08 -62.95
CA ASP B 477 12.34 -38.02 -61.87
C ASP B 477 13.14 -37.72 -60.59
N SER B 478 13.66 -38.77 -59.94
CA SER B 478 14.55 -38.65 -58.80
C SER B 478 15.98 -38.63 -59.28
N GLY B 479 16.19 -38.04 -60.46
CA GLY B 479 17.51 -37.89 -61.02
C GLY B 479 18.09 -39.19 -61.52
N ALA B 480 19.28 -39.08 -62.09
CA ALA B 480 20.00 -40.20 -62.65
C ALA B 480 20.93 -40.78 -61.59
N PRO B 481 20.94 -42.11 -61.43
CA PRO B 481 21.87 -42.73 -60.48
C PRO B 481 23.29 -42.80 -61.02
N ILE B 482 24.22 -43.21 -60.17
CA ILE B 482 25.58 -43.47 -60.60
C ILE B 482 25.44 -44.58 -61.63
N PRO B 483 26.30 -44.59 -62.66
CA PRO B 483 26.25 -45.71 -63.61
C PRO B 483 26.97 -46.98 -63.11
N ASP B 484 26.42 -48.13 -63.45
CA ASP B 484 27.00 -49.42 -63.04
C ASP B 484 28.46 -49.53 -63.49
N ARG B 485 28.74 -49.13 -64.73
CA ARG B 485 30.09 -49.23 -65.30
C ARG B 485 31.12 -48.35 -64.59
N ILE B 486 30.67 -47.19 -64.12
CA ILE B 486 31.51 -46.30 -63.32
C ILE B 486 31.81 -46.97 -61.98
N ALA B 487 30.75 -47.43 -61.31
CA ALA B 487 30.83 -48.07 -59.98
C ALA B 487 31.87 -49.17 -59.95
N ASP B 488 31.87 -50.01 -60.99
CA ASP B 488 32.85 -51.08 -61.15
C ASP B 488 34.30 -50.57 -61.17
N LYS B 489 34.53 -49.41 -61.78
CA LYS B 489 35.89 -48.85 -61.89
C LYS B 489 36.40 -48.09 -60.65
N LEU B 490 35.49 -47.75 -59.74
CA LEU B 490 35.82 -46.97 -58.54
C LEU B 490 35.85 -47.78 -57.23
N ARG B 491 35.04 -48.84 -57.17
CA ARG B 491 34.83 -49.65 -55.95
C ARG B 491 36.12 -49.99 -55.20
N ASP B 492 36.01 -50.10 -53.89
CA ASP B 492 37.14 -50.46 -53.00
C ASP B 492 38.34 -49.49 -53.07
N LYS B 493 38.25 -48.42 -53.87
CA LYS B 493 39.32 -47.43 -53.95
C LYS B 493 39.15 -46.46 -52.76
N GLU B 494 40.26 -46.02 -52.16
CA GLU B 494 40.21 -45.08 -51.02
C GLU B 494 40.34 -43.62 -51.49
N PHE B 495 39.46 -42.76 -50.95
CA PHE B 495 39.43 -41.31 -51.21
C PHE B 495 39.63 -40.50 -49.93
N LYS B 496 40.41 -39.42 -49.99
CA LYS B 496 40.70 -38.60 -48.81
C LYS B 496 39.50 -37.79 -48.30
N SER B 497 38.53 -37.50 -49.18
CA SER B 497 37.32 -36.72 -48.84
C SER B 497 36.31 -36.81 -49.99
N PHE B 498 35.02 -36.69 -49.69
CA PHE B 498 33.97 -36.79 -50.73
C PHE B 498 34.15 -35.83 -51.90
N ASP B 499 34.75 -34.68 -51.64
CA ASP B 499 35.09 -33.76 -52.71
C ASP B 499 35.92 -34.48 -53.77
N ASP B 500 36.91 -35.26 -53.34
CA ASP B 500 37.77 -35.98 -54.26
C ASP B 500 37.02 -37.09 -55.00
N PHE B 501 36.15 -37.80 -54.29
CA PHE B 501 35.32 -38.82 -54.92
C PHE B 501 34.47 -38.26 -56.06
N ARG B 502 34.05 -37.00 -55.95
CA ARG B 502 33.29 -36.34 -57.02
C ARG B 502 34.19 -36.15 -58.23
N LYS B 503 35.30 -35.46 -58.00
CA LYS B 503 36.29 -35.21 -59.07
C LYS B 503 36.64 -36.49 -59.83
N ALA B 504 36.87 -37.56 -59.08
CA ALA B 504 37.15 -38.84 -59.67
C ALA B 504 36.00 -39.33 -60.55
N VAL B 505 34.77 -39.25 -60.04
CA VAL B 505 33.61 -39.73 -60.81
C VAL B 505 33.56 -39.06 -62.20
N TRP B 506 33.84 -37.76 -62.26
CA TRP B 506 33.77 -37.05 -63.55
C TRP B 506 34.91 -37.45 -64.48
N GLU B 507 36.06 -37.81 -63.92
CA GLU B 507 37.18 -38.32 -64.73
C GLU B 507 36.95 -39.74 -65.30
N GLU B 508 36.02 -40.51 -64.72
CA GLU B 508 35.61 -41.80 -65.29
C GLU B 508 34.45 -41.61 -66.26
N VAL B 509 33.74 -40.50 -66.13
CA VAL B 509 32.72 -40.10 -67.10
C VAL B 509 33.39 -39.46 -68.31
N SER B 510 34.49 -38.72 -68.10
CA SER B 510 35.19 -38.06 -69.23
C SER B 510 35.73 -39.09 -70.22
N LYS B 511 36.23 -40.22 -69.70
CA LYS B 511 36.81 -41.28 -70.53
C LYS B 511 35.80 -42.25 -71.14
N ASP B 512 34.56 -42.24 -70.66
CA ASP B 512 33.54 -43.12 -71.18
C ASP B 512 32.81 -42.42 -72.33
N PRO B 513 32.94 -42.97 -73.56
CA PRO B 513 32.34 -42.38 -74.76
C PRO B 513 30.80 -42.32 -74.77
N GLU B 514 30.13 -43.31 -74.19
CA GLU B 514 28.65 -43.37 -74.19
C GLU B 514 27.98 -42.55 -73.06
N LEU B 515 28.72 -42.38 -71.97
CA LEU B 515 28.34 -41.49 -70.86
C LEU B 515 28.70 -40.03 -71.18
N SER B 516 29.91 -39.83 -71.72
CA SER B 516 30.38 -38.52 -72.21
C SER B 516 29.95 -38.22 -73.67
N LYS B 517 28.98 -38.97 -74.18
CA LYS B 517 28.32 -38.67 -75.44
C LYS B 517 27.71 -37.25 -75.38
N ASN B 518 27.03 -36.95 -74.26
CA ASN B 518 26.33 -35.66 -74.04
C ASN B 518 27.23 -34.43 -73.77
N LEU B 519 28.53 -34.66 -73.62
CA LEU B 519 29.48 -33.61 -73.25
C LEU B 519 30.20 -33.07 -74.47
N ASN B 520 30.41 -31.75 -74.47
CA ASN B 520 31.02 -31.06 -75.59
C ASN B 520 32.46 -30.70 -75.32
N PRO B 521 33.21 -30.34 -76.38
CA PRO B 521 34.64 -30.10 -76.22
C PRO B 521 34.98 -29.20 -75.05
N SER B 522 34.28 -28.07 -74.94
CA SER B 522 34.53 -27.09 -73.87
C SER B 522 34.14 -27.61 -72.48
N ASN B 523 33.14 -28.48 -72.46
CA ASN B 523 32.72 -29.15 -71.23
C ASN B 523 33.76 -30.22 -70.87
N LYS B 524 34.19 -30.99 -71.87
CA LYS B 524 35.24 -32.01 -71.70
C LYS B 524 36.53 -31.47 -71.09
N SER B 525 36.82 -30.19 -71.31
CA SER B 525 37.94 -29.50 -70.66
C SER B 525 37.77 -29.35 -69.14
N SER B 526 36.53 -29.38 -68.67
CA SER B 526 36.24 -29.29 -67.22
C SER B 526 36.35 -30.66 -66.54
N VAL B 527 35.54 -31.63 -66.97
CA VAL B 527 35.51 -32.95 -66.34
C VAL B 527 36.86 -33.65 -66.13
N SER B 528 37.79 -33.49 -67.08
CA SER B 528 39.12 -34.08 -66.98
C SER B 528 40.10 -33.20 -66.16
N LYS B 529 39.78 -31.90 -66.03
CA LYS B 529 40.45 -30.98 -65.09
C LYS B 529 39.89 -31.13 -63.66
N GLY B 530 38.99 -32.10 -63.45
CA GLY B 530 38.34 -32.36 -62.17
C GLY B 530 36.92 -31.83 -62.08
N TYR B 531 36.71 -30.60 -62.55
CA TYR B 531 35.48 -29.83 -62.26
C TYR B 531 34.18 -30.49 -62.74
N SER B 532 33.11 -30.18 -62.04
CA SER B 532 31.77 -30.66 -62.38
C SER B 532 31.32 -29.97 -63.66
N PRO B 533 30.85 -30.76 -64.64
CA PRO B 533 30.44 -30.25 -65.96
C PRO B 533 29.22 -29.37 -65.89
N PHE B 534 29.12 -28.40 -66.80
CA PHE B 534 27.97 -27.50 -66.85
C PHE B 534 26.73 -28.14 -67.45
N THR B 535 25.57 -27.60 -67.06
CA THR B 535 24.29 -28.08 -67.54
C THR B 535 23.77 -27.14 -68.64
N PRO B 536 22.71 -27.57 -69.34
CA PRO B 536 21.96 -26.61 -70.18
C PRO B 536 21.38 -25.48 -69.33
N LYS B 537 21.37 -24.26 -69.87
CA LYS B 537 20.69 -23.13 -69.22
C LYS B 537 19.45 -23.53 -68.42
N ASN B 538 18.42 -24.05 -69.08
CA ASN B 538 17.13 -24.35 -68.43
C ASN B 538 17.21 -25.26 -67.19
N GLN B 539 18.38 -25.87 -66.94
CA GLN B 539 18.65 -26.63 -65.70
C GLN B 539 19.55 -25.92 -64.66
N GLN B 540 19.87 -24.66 -64.89
CA GLN B 540 20.69 -23.91 -63.98
C GLN B 540 19.79 -23.12 -63.04
N VAL B 541 20.37 -22.69 -61.91
CA VAL B 541 19.70 -21.80 -60.96
C VAL B 541 20.74 -20.87 -60.32
N GLY B 542 20.62 -19.55 -60.56
CA GLY B 542 21.57 -18.56 -60.07
C GLY B 542 22.98 -19.03 -60.36
N GLY B 543 23.79 -19.14 -59.32
CA GLY B 543 25.18 -19.63 -59.42
C GLY B 543 25.39 -21.14 -59.50
N ARG B 544 24.34 -21.91 -59.27
CA ARG B 544 24.42 -23.36 -59.41
C ARG B 544 24.12 -23.71 -60.86
N LYS B 545 25.18 -23.72 -61.66
CA LYS B 545 25.08 -23.97 -63.09
C LYS B 545 25.63 -25.35 -63.51
N VAL B 546 26.04 -26.20 -62.57
CA VAL B 546 26.65 -27.49 -62.89
C VAL B 546 25.96 -28.67 -62.21
N TYR B 547 26.12 -29.84 -62.85
CA TYR B 547 25.69 -31.13 -62.30
C TYR B 547 26.22 -31.33 -60.89
N GLU B 548 25.35 -31.86 -60.04
CA GLU B 548 25.64 -31.99 -58.61
C GLU B 548 25.60 -33.47 -58.27
N LEU B 549 26.36 -33.83 -57.24
CA LEU B 549 26.23 -35.15 -56.58
C LEU B 549 25.58 -35.04 -55.19
N HIS B 550 24.36 -35.56 -55.07
CA HIS B 550 23.61 -35.54 -53.82
C HIS B 550 23.44 -36.96 -53.30
N HIS B 551 22.88 -37.11 -52.10
CA HIS B 551 22.59 -38.43 -51.54
C HIS B 551 21.11 -38.61 -51.32
N ASP B 552 20.67 -39.87 -51.39
CA ASP B 552 19.28 -40.19 -51.08
C ASP B 552 19.06 -40.14 -49.58
N LYS B 553 19.59 -41.15 -48.88
CA LYS B 553 19.57 -41.19 -47.43
C LYS B 553 20.66 -40.21 -46.97
N PRO B 554 20.27 -38.99 -46.52
CA PRO B 554 21.25 -37.90 -46.32
C PRO B 554 22.36 -38.20 -45.33
N ILE B 555 23.46 -37.46 -45.47
CA ILE B 555 24.61 -37.60 -44.59
C ILE B 555 24.27 -37.16 -43.17
N SER B 556 23.43 -36.12 -43.04
CA SER B 556 23.04 -35.58 -41.73
C SER B 556 22.21 -36.59 -40.92
N GLN B 557 21.41 -37.39 -41.61
CA GLN B 557 20.66 -38.49 -40.99
C GLN B 557 21.46 -39.79 -41.06
N GLY B 558 22.78 -39.69 -40.83
CA GLY B 558 23.68 -40.84 -40.80
C GLY B 558 23.89 -41.65 -42.07
N GLY B 559 23.40 -41.16 -43.22
CA GLY B 559 23.50 -41.91 -44.49
C GLY B 559 24.91 -41.94 -45.08
N GLU B 560 25.32 -43.12 -45.56
CA GLU B 560 26.72 -43.41 -45.91
C GLU B 560 27.30 -42.44 -46.93
N VAL B 561 28.48 -41.91 -46.63
CA VAL B 561 29.09 -40.88 -47.46
C VAL B 561 29.37 -41.40 -48.86
N TYR B 562 30.09 -42.52 -48.91
CA TYR B 562 30.66 -43.06 -50.14
C TYR B 562 29.89 -44.24 -50.79
N ASP B 563 28.70 -44.56 -50.28
CA ASP B 563 27.84 -45.60 -50.85
C ASP B 563 27.21 -45.18 -52.21
N MET B 564 27.66 -45.78 -53.30
CA MET B 564 27.28 -45.35 -54.65
C MET B 564 25.92 -45.87 -55.09
N ASP B 565 25.24 -46.63 -54.23
CA ASP B 565 23.79 -46.89 -54.37
C ASP B 565 22.98 -45.77 -53.71
N ASN B 566 23.62 -45.02 -52.83
CA ASN B 566 23.01 -43.88 -52.13
C ASN B 566 23.05 -42.63 -52.99
N ILE B 567 24.10 -42.50 -53.79
CA ILE B 567 24.37 -41.29 -54.55
C ILE B 567 23.44 -41.09 -55.76
N ARG B 568 23.15 -39.83 -56.06
CA ARG B 568 22.41 -39.43 -57.25
C ARG B 568 23.06 -38.22 -57.92
N VAL B 569 23.13 -38.26 -59.24
CA VAL B 569 23.51 -37.07 -60.00
C VAL B 569 22.22 -36.32 -60.32
N THR B 570 22.21 -35.02 -60.04
CA THR B 570 21.09 -34.20 -60.44
C THR B 570 21.61 -32.93 -61.08
N THR B 571 20.71 -32.25 -61.80
CA THR B 571 20.96 -30.87 -62.21
C THR B 571 20.55 -29.97 -61.07
N PRO B 572 21.00 -28.72 -61.11
CA PRO B 572 20.61 -27.83 -60.05
C PRO B 572 19.08 -27.70 -59.95
N LYS B 573 18.41 -27.46 -61.07
CA LYS B 573 16.96 -27.25 -61.05
C LYS B 573 16.26 -28.48 -60.51
N ARG B 574 16.70 -29.63 -60.97
CA ARG B 574 16.05 -30.91 -60.65
C ARG B 574 16.06 -31.27 -59.17
N HIS B 575 17.23 -31.17 -58.53
CA HIS B 575 17.33 -31.34 -57.09
C HIS B 575 16.43 -30.36 -56.34
N ILE B 576 16.48 -29.08 -56.72
CA ILE B 576 15.65 -28.04 -56.11
C ILE B 576 14.18 -28.44 -56.17
N ASP B 577 13.73 -28.79 -57.37
CA ASP B 577 12.36 -29.25 -57.58
C ASP B 577 12.00 -30.46 -56.73
N ILE B 578 12.90 -31.43 -56.66
CA ILE B 578 12.68 -32.64 -55.84
C ILE B 578 12.26 -32.30 -54.39
N HIS B 579 12.92 -31.34 -53.76
CA HIS B 579 12.69 -30.98 -52.35
C HIS B 579 11.80 -29.73 -52.20
N ARG B 580 10.47 -29.92 -52.05
CA ARG B 580 9.51 -28.80 -51.91
C ARG B 580 8.13 -29.25 -51.42
N ALA C 85 10.45 -7.15 54.88
CA ALA C 85 9.72 -5.87 55.15
C ALA C 85 10.63 -4.65 54.83
N ALA C 86 10.89 -4.44 53.53
CA ALA C 86 11.80 -3.38 53.05
C ALA C 86 11.32 -1.95 53.39
N PRO C 87 12.01 -1.29 54.34
CA PRO C 87 11.48 -0.11 55.03
C PRO C 87 11.38 1.12 54.16
N VAL C 88 10.38 1.95 54.40
CA VAL C 88 10.03 3.05 53.52
C VAL C 88 10.15 4.38 54.24
N ALA C 89 10.71 5.37 53.57
CA ALA C 89 10.86 6.67 54.20
C ALA C 89 9.56 7.49 54.13
N PHE C 90 9.39 8.34 55.14
CA PHE C 90 8.23 9.22 55.25
C PHE C 90 7.88 9.86 53.92
N GLY C 91 6.60 9.95 53.63
CA GLY C 91 6.10 10.65 52.47
C GLY C 91 6.15 9.88 51.16
N PHE C 92 6.35 8.56 51.25
CA PHE C 92 6.38 7.73 50.04
C PHE C 92 5.22 6.70 50.00
N PRO C 93 4.10 7.05 49.32
CA PRO C 93 3.02 6.10 49.14
C PRO C 93 3.60 4.81 48.63
N ALA C 94 3.14 3.70 49.17
CA ALA C 94 3.72 2.40 48.84
C ALA C 94 2.70 1.31 49.07
N LEU C 95 2.64 0.34 48.18
CA LEU C 95 1.73 -0.77 48.33
C LEU C 95 2.19 -1.67 49.45
N SER C 96 1.28 -2.10 50.32
CA SER C 96 1.53 -3.24 51.18
C SER C 96 0.29 -4.14 51.27
N THR C 97 0.56 -5.42 51.54
CA THR C 97 -0.40 -6.45 51.34
C THR C 97 -0.63 -7.17 52.64
N PRO C 98 -1.83 -7.01 53.21
CA PRO C 98 -2.09 -7.55 54.54
C PRO C 98 -1.93 -9.07 54.61
N GLY C 99 -1.50 -9.56 55.78
CA GLY C 99 -1.62 -10.96 56.15
C GLY C 99 -2.77 -11.03 57.13
N ALA C 100 -2.82 -12.10 57.93
CA ALA C 100 -3.54 -12.01 59.18
C ALA C 100 -2.49 -11.46 60.15
N GLY C 101 -2.95 -10.79 61.21
CA GLY C 101 -2.03 -10.00 62.02
C GLY C 101 -1.53 -8.80 61.22
N GLY C 102 -2.09 -8.60 60.02
CA GLY C 102 -2.18 -7.29 59.37
C GLY C 102 -1.18 -6.83 58.32
N LEU C 103 -1.16 -5.51 58.12
CA LEU C 103 -0.17 -4.83 57.31
C LEU C 103 1.12 -4.77 58.07
N ALA C 104 2.21 -4.95 57.36
CA ALA C 104 3.54 -4.68 57.88
C ALA C 104 4.01 -3.30 57.44
N VAL C 105 3.84 -2.28 58.26
CA VAL C 105 4.42 -0.96 57.94
C VAL C 105 5.74 -0.76 58.72
N SER C 106 6.79 -0.40 57.99
CA SER C 106 8.16 -0.42 58.52
C SER C 106 8.89 0.77 58.01
N ILE C 107 9.07 1.75 58.88
CA ILE C 107 9.41 3.11 58.44
C ILE C 107 10.90 3.40 58.56
N SER C 108 11.38 4.25 57.63
CA SER C 108 12.76 4.75 57.63
C SER C 108 12.76 6.20 58.00
N ALA C 109 12.82 6.47 59.30
CA ALA C 109 12.49 7.79 59.82
C ALA C 109 13.56 8.84 59.62
N SER C 110 14.76 8.43 59.21
CA SER C 110 15.84 9.37 58.93
C SER C 110 15.49 10.31 57.76
N GLU C 111 14.98 9.73 56.67
CA GLU C 111 14.66 10.49 55.46
C GLU C 111 13.20 10.92 55.43
N LEU C 112 12.92 12.01 54.73
CA LEU C 112 11.56 12.44 54.45
C LEU C 112 11.49 12.98 53.03
N SER C 113 10.61 12.43 52.20
CA SER C 113 10.42 12.99 50.85
C SER C 113 10.49 14.52 50.88
N ALA C 114 11.35 15.11 50.04
CA ALA C 114 11.49 16.58 49.96
C ALA C 114 10.29 17.20 49.26
N ALA C 115 9.61 16.36 48.48
CA ALA C 115 8.41 16.76 47.77
C ALA C 115 7.32 17.23 48.71
N ILE C 116 7.14 16.53 49.84
CA ILE C 116 6.03 16.80 50.78
C ILE C 116 6.24 18.04 51.63
N ALA C 117 7.43 18.19 52.19
CA ALA C 117 7.81 19.44 52.86
C ALA C 117 7.39 20.67 52.03
N GLY C 118 7.57 20.57 50.71
CA GLY C 118 7.12 21.58 49.76
C GLY C 118 5.60 21.66 49.56
N ILE C 119 4.94 20.48 49.49
CA ILE C 119 3.47 20.43 49.32
C ILE C 119 2.76 21.04 50.53
N ILE C 120 3.03 20.51 51.71
CA ILE C 120 2.44 21.01 52.94
C ILE C 120 2.61 22.53 53.06
N ALA C 121 3.76 23.03 52.62
CA ALA C 121 4.03 24.46 52.68
C ALA C 121 3.26 25.23 51.63
N LYS C 122 3.42 24.82 50.37
CA LYS C 122 2.62 25.37 49.28
C LYS C 122 1.14 25.33 49.62
N LEU C 123 0.74 24.30 50.35
CA LEU C 123 -0.65 23.99 50.64
C LEU C 123 -1.24 24.84 51.75
N LYS C 124 -0.43 25.70 52.35
CA LYS C 124 -0.86 26.50 53.50
C LYS C 124 -1.32 27.91 53.05
N LYS C 125 -0.53 28.58 52.22
CA LYS C 125 -0.88 29.92 51.72
C LYS C 125 -2.09 29.80 50.76
N PRO C 132 -12.29 22.71 50.19
CA PRO C 132 -11.16 21.80 50.48
C PRO C 132 -10.48 21.35 49.23
N PHE C 133 -9.17 21.59 49.16
CA PHE C 133 -8.37 21.48 47.93
C PHE C 133 -7.11 20.67 48.20
N GLY C 134 -6.42 20.23 47.14
CA GLY C 134 -5.27 19.33 47.34
C GLY C 134 -4.26 19.15 46.21
N VAL C 135 -3.32 18.25 46.45
CA VAL C 135 -2.25 17.96 45.53
C VAL C 135 -2.11 16.45 45.44
N VAL C 136 -1.83 15.95 44.24
CA VAL C 136 -1.59 14.51 44.08
C VAL C 136 -0.15 14.11 44.41
N LEU C 137 0.02 12.89 44.93
CA LEU C 137 1.35 12.31 45.19
C LEU C 137 1.63 11.10 44.35
N SER C 138 0.60 10.35 44.00
CA SER C 138 0.76 9.16 43.18
C SER C 138 -0.55 8.91 42.48
N SER C 139 -0.49 8.10 41.42
CA SER C 139 -1.67 7.54 40.77
C SER C 139 -1.57 6.03 40.80
N LEU C 140 -2.73 5.39 40.77
CA LEU C 140 -2.78 3.96 40.94
C LEU C 140 -3.33 3.32 39.70
N ILE C 141 -2.48 2.59 38.99
CA ILE C 141 -2.92 1.87 37.83
C ILE C 141 -3.31 0.47 38.27
N PRO C 142 -4.63 0.18 38.30
CA PRO C 142 -5.06 -1.03 39.00
C PRO C 142 -4.75 -2.32 38.26
N SER C 143 -4.87 -2.29 36.93
CA SER C 143 -4.54 -3.41 36.07
C SER C 143 -3.09 -3.86 36.25
N GLU C 144 -2.20 -2.90 36.48
CA GLU C 144 -0.84 -3.23 36.96
C GLU C 144 -0.94 -4.01 38.27
N ILE C 145 -1.60 -3.38 39.24
CA ILE C 145 -1.77 -3.91 40.60
C ILE C 145 -2.41 -5.30 40.62
N ALA C 146 -3.41 -5.53 39.78
CA ALA C 146 -4.13 -6.81 39.72
C ALA C 146 -3.24 -8.00 39.35
N LYS C 147 -2.13 -7.73 38.68
CA LYS C 147 -1.10 -8.73 38.39
C LYS C 147 -0.85 -9.61 39.63
N ASP C 148 -0.26 -9.03 40.68
CA ASP C 148 0.13 -9.78 41.87
C ASP C 148 -1.03 -9.92 42.88
N ASP C 149 -1.96 -8.97 42.88
CA ASP C 149 -3.10 -8.98 43.81
C ASP C 149 -4.47 -8.94 43.11
N PRO C 150 -4.93 -10.10 42.66
CA PRO C 150 -6.10 -10.21 41.81
C PRO C 150 -7.42 -9.92 42.50
N ASN C 151 -7.43 -9.92 43.84
CA ASN C 151 -8.66 -9.64 44.60
C ASN C 151 -8.65 -8.23 45.19
N MET C 152 -7.66 -7.43 44.82
CA MET C 152 -7.48 -6.08 45.39
C MET C 152 -7.60 -6.02 46.93
N MET C 153 -6.93 -6.99 47.57
CA MET C 153 -6.68 -7.04 49.02
C MET C 153 -5.58 -6.08 49.48
N SER C 154 -4.80 -5.54 48.55
CA SER C 154 -3.67 -4.69 48.90
C SER C 154 -4.13 -3.32 49.34
N LYS C 155 -3.24 -2.57 49.98
CA LYS C 155 -3.54 -1.23 50.51
C LYS C 155 -2.41 -0.27 50.16
N ILE C 156 -2.63 1.03 50.30
CA ILE C 156 -1.57 2.00 50.02
C ILE C 156 -1.22 2.91 51.19
N VAL C 157 -0.15 2.53 51.83
CA VAL C 157 0.28 3.16 53.05
C VAL C 157 1.22 4.33 52.79
N THR C 158 0.80 5.50 53.20
CA THR C 158 1.69 6.63 53.34
C THR C 158 1.83 6.95 54.80
N SER C 159 3.05 7.20 55.26
CA SER C 159 3.27 7.62 56.64
C SER C 159 4.05 8.91 56.65
N LEU C 160 3.79 9.73 57.67
CA LEU C 160 4.52 10.97 57.91
C LEU C 160 4.83 11.14 59.39
N PRO C 161 5.84 11.98 59.73
CA PRO C 161 5.96 12.30 61.15
C PRO C 161 4.80 13.19 61.58
N ALA C 162 4.20 12.87 62.72
CA ALA C 162 2.93 13.47 63.16
C ALA C 162 3.00 14.98 63.30
N ASP C 163 4.10 15.48 63.84
CA ASP C 163 4.19 16.90 64.18
C ASP C 163 4.24 17.84 62.94
N ASP C 164 4.50 17.31 61.74
CA ASP C 164 4.41 18.10 60.47
C ASP C 164 2.97 18.38 60.05
N ILE C 165 2.04 17.65 60.66
CA ILE C 165 0.64 17.69 60.31
C ILE C 165 -0.16 18.48 61.34
N THR C 166 -0.10 17.99 62.58
CA THR C 166 -1.05 18.30 63.64
C THR C 166 -1.00 19.76 64.01
N GLU C 167 -2.12 20.30 64.47
CA GLU C 167 -2.14 21.71 64.86
C GLU C 167 -1.13 21.95 65.95
N SER C 168 -1.16 21.10 66.99
CA SER C 168 -0.24 21.20 68.13
C SER C 168 0.66 19.98 68.24
N PRO C 169 1.87 20.14 68.79
CA PRO C 169 2.71 18.97 68.97
C PRO C 169 2.04 17.92 69.82
N VAL C 170 2.18 16.66 69.43
CA VAL C 170 1.52 15.53 70.12
C VAL C 170 1.88 15.47 71.60
N SER C 171 3.10 15.92 71.94
CA SER C 171 3.55 16.10 73.33
C SER C 171 2.51 16.70 74.28
N SER C 172 1.78 17.70 73.75
CA SER C 172 0.81 18.50 74.52
C SER C 172 -0.55 17.84 74.66
N LEU C 173 -0.81 16.86 73.80
CA LEU C 173 -2.13 16.25 73.74
C LEU C 173 -2.39 15.27 74.89
N PRO C 174 -3.44 15.55 75.68
CA PRO C 174 -3.86 14.70 76.82
C PRO C 174 -4.16 13.26 76.42
N LEU C 175 -3.86 12.32 77.31
CA LEU C 175 -4.07 10.89 77.03
C LEU C 175 -5.53 10.42 77.22
N ASP C 176 -6.42 11.34 77.58
CA ASP C 176 -7.84 11.04 77.58
C ASP C 176 -8.50 11.58 76.29
N LYS C 177 -7.68 11.96 75.28
CA LYS C 177 -8.18 12.39 73.94
C LYS C 177 -8.12 11.29 72.92
N ALA C 178 -9.22 11.17 72.18
CA ALA C 178 -9.39 10.13 71.18
C ALA C 178 -8.93 10.61 69.84
N THR C 179 -8.88 11.93 69.65
CA THR C 179 -8.57 12.51 68.35
C THR C 179 -7.71 13.77 68.45
N VAL C 180 -7.33 14.29 67.27
CA VAL C 180 -6.33 15.36 67.16
C VAL C 180 -6.54 16.15 65.92
N ASN C 181 -6.71 17.46 66.07
CA ASN C 181 -6.79 18.34 64.91
C ASN C 181 -5.50 18.39 64.09
N VAL C 182 -5.67 18.37 62.78
CA VAL C 182 -4.54 18.36 61.85
C VAL C 182 -4.82 19.36 60.76
N ASN C 183 -3.77 19.71 60.03
CA ASN C 183 -3.90 20.67 58.94
C ASN C 183 -3.92 20.02 57.59
N VAL C 184 -3.34 18.82 57.54
CA VAL C 184 -3.22 18.14 56.29
C VAL C 184 -3.51 16.68 56.49
N ARG C 185 -4.12 16.05 55.49
CA ARG C 185 -4.21 14.58 55.46
C ARG C 185 -3.68 13.95 54.16
N VAL C 186 -3.46 12.65 54.21
CA VAL C 186 -3.12 11.94 53.02
C VAL C 186 -4.28 11.01 52.80
N VAL C 187 -4.88 11.18 51.63
CA VAL C 187 -6.27 10.83 51.37
C VAL C 187 -6.50 10.38 49.93
N ASP C 188 -7.01 9.17 49.72
CA ASP C 188 -7.35 8.70 48.36
C ASP C 188 -8.42 9.60 47.75
N ASP C 189 -8.15 10.06 46.54
CA ASP C 189 -9.07 10.89 45.78
C ASP C 189 -9.30 10.28 44.39
N VAL C 190 -10.22 10.87 43.61
CA VAL C 190 -10.49 10.34 42.27
C VAL C 190 -10.77 11.39 41.23
N LYS C 191 -9.98 11.31 40.16
CA LYS C 191 -9.95 12.32 39.13
C LYS C 191 -9.48 11.69 37.85
N ASP C 192 -10.23 11.97 36.78
CA ASP C 192 -9.97 11.49 35.43
C ASP C 192 -9.79 10.00 35.43
N GLU C 193 -10.83 9.31 35.89
CA GLU C 193 -10.89 7.86 35.93
C GLU C 193 -9.68 7.17 36.57
N ARG C 194 -8.96 7.86 37.46
CA ARG C 194 -7.84 7.28 38.20
C ARG C 194 -7.93 7.62 39.68
N GLN C 195 -7.73 6.62 40.54
CA GLN C 195 -7.62 6.86 41.98
C GLN C 195 -6.27 7.44 42.20
N ASN C 196 -6.15 8.43 43.06
CA ASN C 196 -4.85 8.95 43.41
C ASN C 196 -4.68 9.11 44.92
N ILE C 197 -3.55 8.68 45.48
CA ILE C 197 -3.23 9.07 46.85
C ILE C 197 -2.91 10.53 46.78
N SER C 198 -3.23 11.29 47.82
CA SER C 198 -3.19 12.74 47.69
C SER C 198 -3.28 13.56 48.99
N VAL C 199 -2.51 14.63 49.06
CA VAL C 199 -2.44 15.45 50.24
C VAL C 199 -3.59 16.43 50.12
N VAL C 200 -4.18 16.83 51.23
CA VAL C 200 -5.40 17.61 51.21
C VAL C 200 -5.42 18.54 52.41
N SER C 201 -5.96 19.73 52.22
CA SER C 201 -6.07 20.72 53.28
C SER C 201 -7.26 21.59 52.96
N GLY C 202 -7.50 22.59 53.83
CA GLY C 202 -8.50 23.63 53.55
C GLY C 202 -9.59 23.76 54.60
N VAL C 203 -9.90 22.66 55.29
CA VAL C 203 -10.98 22.66 56.28
C VAL C 203 -10.58 22.04 57.61
N PRO C 204 -11.02 22.65 58.71
CA PRO C 204 -10.66 22.05 59.98
C PRO C 204 -11.06 20.58 59.97
N MET C 205 -10.06 19.72 60.12
CA MET C 205 -10.26 18.27 60.13
C MET C 205 -9.44 17.68 61.30
N SER C 206 -9.92 16.58 61.85
CA SER C 206 -9.22 15.89 62.92
C SER C 206 -9.06 14.45 62.51
N VAL C 207 -8.30 13.70 63.30
CA VAL C 207 -8.10 12.26 63.05
C VAL C 207 -7.91 11.47 64.34
N PRO C 208 -8.16 10.17 64.29
CA PRO C 208 -7.85 9.33 65.42
C PRO C 208 -6.40 9.44 65.88
N VAL C 209 -6.19 9.31 67.18
CA VAL C 209 -4.86 9.16 67.75
C VAL C 209 -4.88 7.79 68.43
N VAL C 210 -3.84 6.97 68.30
CA VAL C 210 -3.92 5.63 68.91
C VAL C 210 -2.57 5.13 69.38
N ASP C 211 -2.57 4.54 70.58
CA ASP C 211 -1.35 4.10 71.27
C ASP C 211 -0.92 2.74 70.75
N ALA C 212 0.36 2.43 70.90
CA ALA C 212 0.88 1.19 70.33
C ALA C 212 1.35 0.20 71.40
N LYS C 213 0.54 -0.81 71.67
CA LYS C 213 1.02 -2.03 72.34
C LYS C 213 2.37 -2.45 71.72
N PRO C 214 3.34 -2.87 72.57
CA PRO C 214 4.59 -3.47 72.11
C PRO C 214 4.47 -4.96 71.86
N THR C 215 5.25 -5.46 70.91
CA THR C 215 5.23 -6.87 70.52
C THR C 215 6.44 -7.59 71.11
N GLU C 216 6.31 -8.91 71.25
CA GLU C 216 7.42 -9.81 71.60
C GLU C 216 8.62 -9.70 70.62
N ARG C 217 8.41 -9.08 69.46
CA ARG C 217 9.48 -8.85 68.47
C ARG C 217 10.43 -7.72 68.89
N PRO C 218 11.68 -7.76 68.36
CA PRO C 218 12.62 -6.67 68.61
C PRO C 218 12.16 -5.34 68.02
N GLY C 219 11.37 -4.59 68.79
CA GLY C 219 11.04 -3.20 68.43
C GLY C 219 9.97 -3.01 67.38
N VAL C 220 8.93 -3.85 67.47
CA VAL C 220 7.78 -3.77 66.58
C VAL C 220 6.55 -3.48 67.44
N PHE C 221 5.82 -2.40 67.13
CA PHE C 221 4.65 -2.03 67.94
C PHE C 221 3.43 -2.15 67.07
N THR C 222 2.36 -2.77 67.59
CA THR C 222 1.13 -2.88 66.81
C THR C 222 0.28 -1.70 67.14
N ALA C 223 -0.23 -1.04 66.10
CA ALA C 223 -1.31 -0.09 66.25
C ALA C 223 -2.56 -0.70 65.63
N SER C 224 -3.72 -0.14 65.96
CA SER C 224 -4.96 -0.69 65.46
C SER C 224 -5.87 0.48 65.09
N ILE C 225 -5.94 0.78 63.79
CA ILE C 225 -6.78 1.89 63.32
C ILE C 225 -8.18 1.34 63.02
N PRO C 226 -9.20 1.96 63.63
CA PRO C 226 -10.50 1.34 63.43
C PRO C 226 -10.89 1.36 61.94
N GLY C 227 -10.95 0.19 61.31
CA GLY C 227 -11.36 0.07 59.91
C GLY C 227 -10.26 -0.59 59.09
N ALA C 228 -9.07 -0.05 59.20
CA ALA C 228 -7.89 -0.64 58.59
C ALA C 228 -7.51 -1.96 59.24
N PRO C 229 -6.55 -2.68 58.64
CA PRO C 229 -6.05 -3.84 59.36
C PRO C 229 -5.23 -3.50 60.58
N VAL C 230 -4.91 -4.57 61.28
CA VAL C 230 -3.95 -4.51 62.34
C VAL C 230 -2.72 -3.93 61.64
N LEU C 231 -2.04 -3.03 62.33
CA LEU C 231 -1.03 -2.21 61.67
C LEU C 231 0.28 -2.30 62.44
N ASN C 232 1.16 -3.21 62.08
CA ASN C 232 2.35 -3.43 62.91
C ASN C 232 3.68 -2.89 62.37
N ILE C 233 4.30 -2.09 63.21
CA ILE C 233 5.20 -1.03 62.80
C ILE C 233 6.64 -1.24 63.25
N SER C 234 7.56 -0.73 62.44
CA SER C 234 8.94 -0.49 62.87
C SER C 234 9.26 0.95 62.55
N VAL C 235 10.08 1.56 63.39
CA VAL C 235 10.58 2.91 63.18
C VAL C 235 12.10 2.84 63.06
N ASN C 236 12.57 2.06 62.08
CA ASN C 236 14.01 1.90 61.87
C ASN C 236 14.63 3.16 61.23
N ASP C 237 15.20 4.03 62.05
CA ASP C 237 15.74 5.31 61.56
C ASP C 237 17.24 5.33 61.45
N SER C 238 17.84 4.15 61.51
CA SER C 238 19.28 4.04 61.56
C SER C 238 19.84 4.17 60.14
N THR C 239 19.27 3.40 59.23
CA THR C 239 19.77 3.34 57.89
C THR C 239 18.77 3.94 56.92
N PRO C 240 19.29 4.63 55.87
CA PRO C 240 18.39 5.05 54.80
C PRO C 240 17.93 3.85 54.00
N ALA C 241 16.74 3.94 53.46
CA ALA C 241 16.19 2.87 52.64
C ALA C 241 16.57 3.13 51.21
N VAL C 242 16.40 2.10 50.38
CA VAL C 242 16.57 2.22 48.94
C VAL C 242 15.24 2.72 48.38
N GLN C 243 15.32 3.61 47.40
CA GLN C 243 14.11 4.18 46.80
C GLN C 243 13.48 3.13 45.91
N THR C 244 12.61 2.32 46.50
CA THR C 244 11.95 1.23 45.79
C THR C 244 10.55 1.67 45.38
N LEU C 245 10.14 1.37 44.14
CA LEU C 245 8.78 1.72 43.66
C LEU C 245 8.05 0.54 43.02
N SER C 246 6.84 0.29 43.51
CA SER C 246 6.00 -0.77 42.96
C SER C 246 5.54 -0.37 41.56
N PRO C 247 5.19 -1.37 40.74
CA PRO C 247 4.73 -1.03 39.39
C PRO C 247 3.47 -0.20 39.36
N GLY C 248 2.42 -0.66 40.03
CA GLY C 248 1.11 -0.01 40.00
C GLY C 248 0.96 1.37 40.63
N VAL C 249 2.04 1.91 41.19
CA VAL C 249 2.01 3.20 41.90
C VAL C 249 2.99 4.17 41.24
N THR C 250 2.47 5.17 40.54
CA THR C 250 3.30 6.07 39.71
C THR C 250 3.30 7.49 40.20
N ASN C 251 4.32 7.84 41.00
CA ASN C 251 4.35 9.16 41.66
C ASN C 251 4.25 10.32 40.67
N ASN C 252 3.09 10.95 40.64
CA ASN C 252 2.83 12.11 39.82
C ASN C 252 3.95 13.14 39.96
N THR C 253 4.24 13.78 38.84
CA THR C 253 5.29 14.81 38.73
C THR C 253 4.74 16.25 38.71
N ASP C 254 3.64 16.45 37.99
CA ASP C 254 2.93 17.71 37.99
C ASP C 254 2.39 17.95 39.40
N LYS C 255 3.03 18.84 40.15
CA LYS C 255 2.62 19.09 41.55
C LYS C 255 1.70 20.31 41.68
N ASP C 256 0.65 20.36 40.86
CA ASP C 256 -0.27 21.46 40.91
C ASP C 256 -1.24 21.34 42.14
N VAL C 257 -1.92 22.43 42.50
CA VAL C 257 -2.85 22.44 43.65
C VAL C 257 -4.28 22.66 43.23
N ARG C 258 -4.98 21.58 42.91
CA ARG C 258 -6.35 21.67 42.41
C ARG C 258 -7.40 21.35 43.52
N PRO C 259 -8.69 21.72 43.32
CA PRO C 259 -9.72 21.38 44.31
C PRO C 259 -9.92 19.88 44.44
N ALA C 260 -10.34 19.44 45.61
CA ALA C 260 -10.37 18.01 45.93
C ALA C 260 -11.72 17.39 45.70
N GLY C 261 -11.71 16.08 45.53
CA GLY C 261 -12.91 15.35 45.28
C GLY C 261 -13.91 15.45 46.42
N PHE C 262 -15.19 15.53 46.05
CA PHE C 262 -16.30 15.53 46.99
C PHE C 262 -16.23 14.25 47.78
N THR C 263 -15.72 13.20 47.15
CA THR C 263 -15.68 11.89 47.76
C THR C 263 -14.36 11.57 48.43
N GLN C 264 -13.58 12.60 48.76
CA GLN C 264 -12.22 12.41 49.29
C GLN C 264 -12.14 11.52 50.53
N GLY C 265 -11.29 10.52 50.45
CA GLY C 265 -11.03 9.68 51.60
C GLY C 265 -12.14 8.71 51.91
N GLY C 266 -12.94 8.40 50.90
CA GLY C 266 -14.02 7.45 51.07
C GLY C 266 -13.55 6.06 51.39
N ASN C 267 -12.32 5.71 50.99
CA ASN C 267 -11.86 4.37 51.21
C ASN C 267 -10.56 4.36 51.93
N THR C 268 -10.24 5.51 52.53
CA THR C 268 -8.97 5.69 53.23
C THR C 268 -9.16 5.96 54.74
N ARG C 269 -8.44 5.17 55.55
CA ARG C 269 -8.46 5.25 57.02
C ARG C 269 -7.08 5.68 57.54
N ASP C 270 -7.04 6.69 58.42
CA ASP C 270 -5.77 7.26 58.89
C ASP C 270 -5.79 7.54 60.37
N ALA C 271 -4.60 7.70 60.92
CA ALA C 271 -4.45 8.09 62.33
C ALA C 271 -3.06 8.63 62.68
N VAL C 272 -2.98 9.26 63.84
CA VAL C 272 -1.71 9.58 64.46
C VAL C 272 -1.41 8.50 65.49
N ILE C 273 -0.18 8.00 65.48
CA ILE C 273 0.17 6.88 66.33
C ILE C 273 1.22 7.25 67.37
N ARG C 274 0.83 7.08 68.63
CA ARG C 274 1.64 7.42 69.77
C ARG C 274 2.35 6.17 70.27
N PHE C 275 3.66 6.29 70.39
CA PHE C 275 4.46 5.18 70.83
C PHE C 275 4.61 5.28 72.32
N PRO C 276 4.88 4.13 72.99
CA PRO C 276 5.07 4.14 74.44
C PRO C 276 6.17 5.11 74.85
N LYS C 277 5.92 5.80 75.97
CA LYS C 277 6.68 6.98 76.39
C LYS C 277 8.17 6.70 76.58
N ASP C 278 8.49 5.44 76.88
CA ASP C 278 9.86 4.98 77.11
C ASP C 278 10.46 4.18 75.94
N SER C 279 10.20 4.60 74.70
CA SER C 279 10.89 4.02 73.52
C SER C 279 11.47 5.07 72.57
N GLY C 280 11.12 6.33 72.78
CA GLY C 280 11.74 7.44 72.08
C GLY C 280 11.57 7.43 70.58
N HIS C 281 10.40 7.00 70.12
CA HIS C 281 9.99 7.19 68.73
C HIS C 281 8.88 8.21 68.75
N ASN C 282 9.15 9.43 68.31
CA ASN C 282 8.08 10.41 68.33
C ASN C 282 6.98 10.02 67.32
N ALA C 283 5.80 10.58 67.50
CA ALA C 283 4.61 10.03 66.83
C ALA C 283 4.66 10.13 65.32
N VAL C 284 4.05 9.12 64.71
CA VAL C 284 3.97 8.96 63.30
C VAL C 284 2.50 9.11 62.90
N TYR C 285 2.26 9.78 61.77
CA TYR C 285 0.94 9.80 61.15
C TYR C 285 0.94 8.75 60.03
N VAL C 286 -0.13 7.99 59.92
CA VAL C 286 -0.24 6.92 58.93
C VAL C 286 -1.60 6.96 58.27
N SER C 287 -1.64 7.09 56.94
CA SER C 287 -2.89 6.89 56.22
C SER C 287 -2.83 5.61 55.43
N VAL C 288 -3.87 4.80 55.58
CA VAL C 288 -4.03 3.53 54.84
C VAL C 288 -5.21 3.67 53.93
N SER C 289 -5.07 3.35 52.66
CA SER C 289 -6.22 3.51 51.77
C SER C 289 -6.47 2.28 50.93
N ASP C 290 -7.73 2.05 50.56
CA ASP C 290 -8.04 0.89 49.77
C ASP C 290 -7.68 1.14 48.32
N VAL C 291 -7.30 0.06 47.62
CA VAL C 291 -6.98 0.10 46.20
C VAL C 291 -8.22 -0.31 45.43
N LEU C 292 -8.44 0.29 44.29
CA LEU C 292 -9.69 0.10 43.58
C LEU C 292 -9.53 -0.52 42.18
N SER C 293 -10.28 -1.59 41.94
CA SER C 293 -10.43 -2.19 40.60
C SER C 293 -11.33 -1.23 39.80
N PRO C 294 -11.05 -1.06 38.48
CA PRO C 294 -11.49 0.15 37.76
C PRO C 294 -13.00 0.32 37.71
N ASP C 295 -13.74 -0.78 37.78
CA ASP C 295 -15.17 -0.69 38.02
C ASP C 295 -15.41 0.20 39.26
N GLN C 296 -14.82 -0.19 40.40
CA GLN C 296 -14.92 0.61 41.64
C GLN C 296 -14.58 2.09 41.37
N VAL C 297 -13.60 2.31 40.50
CA VAL C 297 -13.09 3.65 40.24
C VAL C 297 -14.07 4.48 39.47
N LYS C 298 -14.68 3.86 38.46
CA LYS C 298 -15.74 4.49 37.66
C LYS C 298 -16.89 4.86 38.56
N GLN C 299 -17.22 3.96 39.48
CA GLN C 299 -18.32 4.17 40.44
C GLN C 299 -18.07 5.41 41.28
N ARG C 300 -16.83 5.55 41.74
CA ARG C 300 -16.40 6.75 42.46
C ARG C 300 -16.39 7.99 41.58
N GLN C 301 -15.81 7.84 40.39
CA GLN C 301 -15.70 8.94 39.45
C GLN C 301 -17.07 9.31 38.96
N ASP C 302 -18.01 8.37 38.98
CA ASP C 302 -19.42 8.69 38.70
C ASP C 302 -20.01 9.54 39.83
N GLU C 303 -20.01 8.99 41.04
CA GLU C 303 -20.40 9.72 42.27
C GLU C 303 -19.80 11.12 42.26
N GLU C 304 -18.51 11.16 41.98
CA GLU C 304 -17.76 12.39 41.93
C GLU C 304 -18.35 13.35 40.93
N ASN C 305 -18.74 12.85 39.75
CA ASN C 305 -19.28 13.70 38.68
C ASN C 305 -20.67 14.28 38.91
N ARG C 306 -21.55 13.42 39.42
CA ARG C 306 -22.88 13.85 39.89
C ARG C 306 -22.78 14.98 40.92
N ARG C 307 -21.93 14.81 41.94
N ARG C 307 -21.93 14.80 41.92
CA ARG C 307 -21.77 15.84 42.96
CA ARG C 307 -21.75 15.83 42.95
C ARG C 307 -21.27 17.16 42.34
C ARG C 307 -21.26 17.15 42.35
N GLN C 308 -20.44 17.07 41.30
CA GLN C 308 -19.91 18.27 40.65
C GLN C 308 -20.97 19.09 39.94
N GLN C 309 -22.00 18.43 39.41
CA GLN C 309 -23.11 19.14 38.76
C GLN C 309 -23.97 19.83 39.82
N GLU C 310 -24.21 19.13 40.93
CA GLU C 310 -24.98 19.65 42.09
C GLU C 310 -24.30 20.81 42.82
N TRP C 311 -23.03 21.05 42.55
CA TRP C 311 -22.30 22.18 43.11
C TRP C 311 -22.25 23.35 42.14
N ASP C 312 -22.27 23.04 40.86
CA ASP C 312 -22.37 24.06 39.83
C ASP C 312 -23.73 24.76 39.96
N ALA C 313 -24.78 23.96 40.08
CA ALA C 313 -26.14 24.51 40.20
C ALA C 313 -26.15 25.61 41.27
N THR C 314 -25.66 25.31 42.47
CA THR C 314 -25.72 26.26 43.59
C THR C 314 -24.67 27.35 43.44
N HIS C 315 -23.55 27.04 42.81
CA HIS C 315 -22.50 28.03 42.58
C HIS C 315 -22.36 28.34 41.10
N PRO C 316 -23.25 29.20 40.56
CA PRO C 316 -23.18 29.52 39.14
C PRO C 316 -22.07 30.52 38.82
N VAL C 317 -21.77 31.38 39.78
CA VAL C 317 -20.75 32.42 39.61
C VAL C 317 -19.35 31.82 39.47
N GLU C 318 -18.93 31.08 40.49
CA GLU C 318 -17.61 30.44 40.54
C GLU C 318 -17.44 29.42 39.39
N ALA C 319 -18.54 28.75 39.00
CA ALA C 319 -18.56 27.68 37.96
C ALA C 319 -18.57 28.19 36.54
N ALA C 320 -19.22 29.33 36.32
CA ALA C 320 -19.10 30.04 35.06
C ALA C 320 -17.66 30.51 34.83
N GLU C 321 -16.94 30.85 35.92
CA GLU C 321 -15.52 31.23 35.86
C GLU C 321 -14.59 30.04 35.55
N ARG C 322 -15.03 28.82 35.90
CA ARG C 322 -14.29 27.62 35.53
C ARG C 322 -14.39 27.41 34.02
N ASN C 323 -15.58 27.54 33.44
CA ASN C 323 -15.73 27.49 31.99
C ASN C 323 -14.78 28.40 31.27
N CYS C 324 -14.73 29.65 31.70
CA CYS C 324 -13.80 30.61 31.13
C CYS C 324 -12.39 30.10 31.12
N GLU C 325 -11.91 29.52 32.21
CA GLU C 325 -10.58 28.95 32.18
C GLU C 325 -10.51 27.76 31.21
N ARG C 326 -11.43 26.80 31.33
CA ARG C 326 -11.38 25.58 30.49
C ARG C 326 -11.52 25.92 29.01
N ALA C 327 -12.64 26.55 28.67
CA ALA C 327 -12.95 26.91 27.27
C ALA C 327 -11.88 27.79 26.60
N ARG C 328 -11.22 28.64 27.40
CA ARG C 328 -10.17 29.55 26.91
C ARG C 328 -8.81 28.86 26.88
N ALA C 329 -8.59 27.92 27.79
CA ALA C 329 -7.36 27.12 27.77
C ALA C 329 -7.42 26.01 26.70
N GLU C 330 -8.62 25.73 26.19
CA GLU C 330 -8.79 24.84 25.04
C GLU C 330 -8.37 25.53 23.74
N LEU C 331 -8.71 26.81 23.57
CA LEU C 331 -8.32 27.60 22.38
C LEU C 331 -6.81 27.73 22.27
N ASN C 332 -6.14 27.82 23.40
CA ASN C 332 -4.68 27.80 23.39
C ASN C 332 -4.11 26.50 22.83
N GLN C 333 -4.78 25.39 23.12
CA GLN C 333 -4.35 24.07 22.65
C GLN C 333 -4.73 23.82 21.21
N ALA C 334 -5.94 24.23 20.83
CA ALA C 334 -6.41 24.07 19.44
C ALA C 334 -5.57 24.91 18.49
N ASN C 335 -4.91 25.94 19.03
CA ASN C 335 -3.89 26.67 18.31
C ASN C 335 -2.57 25.91 18.23
N GLU C 336 -2.03 25.51 19.38
CA GLU C 336 -0.84 24.66 19.37
C GLU C 336 -0.96 23.54 18.32
N ASP C 337 -2.17 23.00 18.18
CA ASP C 337 -2.44 21.87 17.27
C ASP C 337 -2.15 22.25 15.84
N VAL C 338 -2.67 23.40 15.43
CA VAL C 338 -2.42 23.90 14.10
C VAL C 338 -0.92 24.09 13.85
N ALA C 339 -0.21 24.70 14.78
CA ALA C 339 1.24 24.87 14.64
C ALA C 339 1.99 23.55 14.48
N ARG C 340 1.62 22.53 15.24
CA ARG C 340 2.27 21.23 15.10
C ARG C 340 1.94 20.60 13.74
N ASN C 341 0.72 20.83 13.23
CA ASN C 341 0.29 20.30 11.91
C ASN C 341 0.96 20.96 10.75
N GLN C 342 1.16 22.26 10.86
CA GLN C 342 1.92 23.00 9.85
C GLN C 342 3.33 22.40 9.69
N GLU C 343 3.92 21.96 10.79
CA GLU C 343 5.24 21.30 10.77
C GLU C 343 5.18 19.99 10.02
N ARG C 344 4.11 19.23 10.23
CA ARG C 344 3.91 17.96 9.54
C ARG C 344 3.58 18.15 8.08
N GLN C 345 2.74 19.14 7.80
CA GLN C 345 2.24 19.39 6.46
C GLN C 345 3.29 20.02 5.59
N ALA C 346 3.98 21.03 6.12
CA ALA C 346 5.10 21.63 5.40
C ALA C 346 6.25 20.64 5.18
N LYS C 347 6.55 19.81 6.16
CA LYS C 347 7.53 18.74 5.99
C LYS C 347 7.15 17.77 4.87
N ALA C 348 5.86 17.40 4.82
CA ALA C 348 5.33 16.45 3.83
C ALA C 348 5.42 16.99 2.42
N VAL C 349 5.38 18.32 2.29
CA VAL C 349 5.69 18.98 1.03
C VAL C 349 7.17 18.81 0.63
N GLN C 350 8.11 19.07 1.55
CA GLN C 350 9.53 18.84 1.23
C GLN C 350 9.81 17.44 0.74
N VAL C 351 9.32 16.43 1.45
CA VAL C 351 9.56 15.06 1.06
C VAL C 351 8.82 14.77 -0.22
N TYR C 352 7.64 15.35 -0.39
CA TYR C 352 6.90 15.16 -1.64
C TYR C 352 7.72 15.56 -2.83
N ASN C 353 8.22 16.78 -2.80
CA ASN C 353 9.00 17.28 -3.90
C ASN C 353 10.27 16.45 -4.16
N SER C 354 11.05 16.20 -3.13
CA SER C 354 12.28 15.45 -3.34
C SER C 354 11.97 14.05 -3.88
N ARG C 355 10.83 13.49 -3.51
CA ARG C 355 10.42 12.18 -4.00
C ARG C 355 9.92 12.21 -5.43
N LYS C 356 9.23 13.28 -5.79
CA LYS C 356 8.82 13.51 -7.17
C LYS C 356 10.03 13.65 -8.08
N SER C 357 11.02 14.40 -7.60
CA SER C 357 12.23 14.70 -8.36
C SER C 357 12.98 13.44 -8.66
N GLU C 358 13.21 12.65 -7.63
CA GLU C 358 13.94 11.43 -7.82
C GLU C 358 13.24 10.54 -8.84
N LEU C 359 11.90 10.55 -8.84
CA LEU C 359 11.10 9.74 -9.76
C LEU C 359 11.14 10.23 -11.19
N ASP C 360 10.86 11.52 -11.41
CA ASP C 360 10.94 12.12 -12.77
C ASP C 360 12.29 11.81 -13.43
N ALA C 361 13.38 12.00 -12.67
CA ALA C 361 14.71 11.53 -13.05
C ALA C 361 14.69 10.08 -13.45
N ALA C 362 14.30 9.21 -12.54
CA ALA C 362 14.33 7.79 -12.87
C ALA C 362 13.54 7.50 -14.13
N ASN C 363 12.53 8.30 -14.44
CA ASN C 363 11.70 8.07 -15.60
C ASN C 363 12.42 8.45 -16.85
N LYS C 364 13.20 9.52 -16.76
CA LYS C 364 14.01 9.93 -17.90
C LYS C 364 15.01 8.81 -18.13
N THR C 365 15.75 8.43 -17.10
CA THR C 365 16.73 7.29 -17.20
C THR C 365 16.21 6.10 -18.00
N LEU C 366 14.91 5.84 -17.86
CA LEU C 366 14.24 4.70 -18.50
C LEU C 366 14.08 4.95 -19.98
N ALA C 367 13.45 6.07 -20.35
CA ALA C 367 13.36 6.39 -21.78
C ALA C 367 14.75 6.31 -22.41
N ASP C 368 15.75 6.90 -21.75
CA ASP C 368 17.16 6.86 -22.16
C ASP C 368 17.60 5.45 -22.43
N ALA C 369 17.24 4.57 -21.52
CA ALA C 369 17.61 3.17 -21.61
C ALA C 369 16.87 2.47 -22.71
N ILE C 370 15.60 2.82 -22.87
CA ILE C 370 14.76 2.17 -23.86
C ILE C 370 15.25 2.53 -25.24
N ALA C 371 15.63 3.79 -25.43
CA ALA C 371 16.17 4.20 -26.70
C ALA C 371 17.39 3.37 -26.99
N GLU C 372 18.33 3.33 -26.05
CA GLU C 372 19.59 2.66 -26.36
C GLU C 372 19.35 1.21 -26.77
N ILE C 373 18.32 0.59 -26.20
CA ILE C 373 17.98 -0.77 -26.60
C ILE C 373 17.37 -0.81 -27.99
N LYS C 374 16.82 0.30 -28.45
CA LYS C 374 16.33 0.38 -29.84
C LYS C 374 17.44 0.71 -30.75
N GLN C 375 18.30 1.61 -30.31
CA GLN C 375 19.46 1.98 -31.08
C GLN C 375 20.09 0.72 -31.59
N PHE C 376 20.23 -0.29 -30.77
CA PHE C 376 20.98 -1.46 -31.17
C PHE C 376 20.12 -2.63 -31.59
N ASN C 377 18.81 -2.46 -31.72
CA ASN C 377 17.94 -3.58 -32.14
C ASN C 377 18.45 -4.27 -33.43
N ARG C 378 19.08 -3.51 -34.34
CA ARG C 378 19.52 -4.10 -35.61
C ARG C 378 20.46 -5.28 -35.43
N PHE C 379 21.14 -5.36 -34.30
CA PHE C 379 22.01 -6.48 -34.04
C PHE C 379 21.33 -7.70 -33.42
N ALA C 380 19.99 -7.64 -33.29
CA ALA C 380 19.27 -8.53 -32.35
C ALA C 380 19.24 -9.98 -32.78
N HIS C 381 19.29 -10.24 -34.08
CA HIS C 381 19.36 -11.62 -34.56
C HIS C 381 20.72 -11.95 -35.17
N ASP C 382 21.77 -11.27 -34.71
CA ASP C 382 23.13 -11.54 -35.16
C ASP C 382 24.04 -11.74 -33.95
N PRO C 383 24.02 -12.98 -33.42
CA PRO C 383 24.70 -13.44 -32.19
C PRO C 383 26.17 -13.18 -32.20
N MET C 384 26.73 -13.24 -33.41
CA MET C 384 28.15 -13.11 -33.62
C MET C 384 28.60 -11.66 -33.82
N ALA C 385 28.22 -10.74 -32.95
CA ALA C 385 28.40 -9.33 -33.26
C ALA C 385 28.57 -8.53 -32.00
N GLY C 386 29.52 -7.62 -31.97
CA GLY C 386 29.69 -6.79 -30.80
C GLY C 386 28.40 -6.09 -30.44
N GLY C 387 27.67 -5.65 -31.44
CA GLY C 387 26.36 -5.05 -31.21
C GLY C 387 25.37 -5.91 -30.45
N HIS C 388 25.36 -7.21 -30.68
CA HIS C 388 24.51 -8.07 -29.92
C HIS C 388 24.89 -8.07 -28.47
N ARG C 389 26.19 -8.06 -28.15
CA ARG C 389 26.65 -7.94 -26.77
C ARG C 389 26.11 -6.64 -26.23
N MET C 390 26.19 -5.58 -27.01
CA MET C 390 25.74 -4.28 -26.56
C MET C 390 24.24 -4.15 -26.46
N TRP C 391 23.51 -4.93 -27.24
CA TRP C 391 22.05 -4.87 -27.23
C TRP C 391 21.58 -5.50 -25.96
N GLN C 392 22.15 -6.65 -25.62
CA GLN C 392 21.89 -7.28 -24.35
C GLN C 392 22.13 -6.32 -23.18
N MET C 393 23.23 -5.57 -23.22
CA MET C 393 23.49 -4.68 -22.12
C MET C 393 22.29 -3.76 -21.99
N ALA C 394 21.94 -3.05 -23.04
CA ALA C 394 20.94 -1.99 -22.92
C ALA C 394 19.57 -2.48 -22.49
N GLY C 395 19.33 -3.78 -22.61
CA GLY C 395 18.15 -4.41 -22.05
C GLY C 395 18.35 -4.62 -20.57
N LEU C 396 19.46 -5.26 -20.24
CA LEU C 396 19.81 -5.46 -18.84
C LEU C 396 19.89 -4.15 -18.14
N LYS C 397 20.22 -3.10 -18.83
CA LYS C 397 20.31 -1.80 -18.23
C LYS C 397 18.91 -1.18 -18.01
N ALA C 398 17.99 -1.58 -18.87
CA ALA C 398 16.65 -1.09 -18.80
C ALA C 398 15.81 -1.78 -17.74
N GLN C 399 16.10 -3.02 -17.37
CA GLN C 399 15.31 -3.61 -16.27
C GLN C 399 15.71 -2.94 -14.98
N ARG C 400 16.99 -2.62 -14.90
CA ARG C 400 17.57 -2.01 -13.73
C ARG C 400 16.99 -0.62 -13.65
N ALA C 401 16.82 0.02 -14.79
CA ALA C 401 16.26 1.36 -14.76
C ALA C 401 14.78 1.33 -14.43
N GLN C 402 14.15 0.20 -14.76
CA GLN C 402 12.71 0.01 -14.56
C GLN C 402 12.46 -0.32 -13.10
N THR C 403 13.15 -1.35 -12.63
CA THR C 403 13.15 -1.63 -11.22
C THR C 403 13.34 -0.35 -10.42
N ASP C 404 14.30 0.49 -10.81
CA ASP C 404 14.52 1.72 -10.04
C ASP C 404 13.30 2.59 -10.15
N VAL C 405 12.71 2.69 -11.32
CA VAL C 405 11.47 3.47 -11.44
C VAL C 405 10.37 2.94 -10.54
N ASN C 406 10.19 1.63 -10.51
CA ASN C 406 9.18 1.02 -9.66
C ASN C 406 9.32 1.41 -8.22
N ASN C 407 10.52 1.29 -7.69
CA ASN C 407 10.72 1.54 -6.29
C ASN C 407 10.55 3.00 -6.01
N LYS C 408 10.89 3.87 -6.95
CA LYS C 408 10.82 5.31 -6.67
C LYS C 408 9.44 5.83 -6.83
N GLN C 409 8.66 5.14 -7.66
CA GLN C 409 7.25 5.46 -7.86
C GLN C 409 6.45 5.09 -6.60
N ALA C 410 6.79 3.97 -5.97
CA ALA C 410 6.12 3.58 -4.72
C ALA C 410 6.34 4.69 -3.73
N ALA C 411 7.60 5.02 -3.54
CA ALA C 411 7.96 5.93 -2.51
C ALA C 411 7.40 7.31 -2.83
N PHE C 412 7.26 7.65 -4.10
CA PHE C 412 6.59 8.91 -4.45
C PHE C 412 5.12 8.88 -4.05
N ASP C 413 4.49 7.74 -4.31
CA ASP C 413 3.08 7.60 -3.97
C ASP C 413 2.94 7.74 -2.46
N ALA C 414 3.83 7.12 -1.70
CA ALA C 414 3.78 7.17 -0.23
C ALA C 414 3.79 8.59 0.29
N ALA C 415 4.67 9.40 -0.28
CA ALA C 415 4.71 10.84 -0.01
C ALA C 415 3.41 11.54 -0.41
N ALA C 416 2.91 11.21 -1.59
CA ALA C 416 1.68 11.79 -2.13
C ALA C 416 0.48 11.61 -1.22
N LYS C 417 0.42 10.46 -0.55
CA LYS C 417 -0.56 10.17 0.48
C LYS C 417 -0.31 11.07 1.68
N GLU C 418 0.84 10.93 2.33
CA GLU C 418 1.12 11.68 3.55
C GLU C 418 0.85 13.18 3.41
N LYS C 419 1.08 13.73 2.23
CA LYS C 419 0.80 15.15 1.99
C LYS C 419 -0.71 15.37 2.02
N SER C 420 -1.42 14.55 1.22
CA SER C 420 -2.89 14.61 1.14
C SER C 420 -3.48 14.40 2.53
N ASP C 421 -2.96 13.43 3.28
CA ASP C 421 -3.39 13.18 4.66
C ASP C 421 -3.21 14.39 5.54
N ALA C 422 -2.05 15.02 5.38
CA ALA C 422 -1.66 16.17 6.18
C ALA C 422 -2.44 17.41 5.79
N ASP C 423 -2.86 17.49 4.53
CA ASP C 423 -3.71 18.61 4.10
C ASP C 423 -5.11 18.52 4.72
N ALA C 424 -5.57 17.29 4.93
CA ALA C 424 -6.84 17.04 5.62
C ALA C 424 -6.69 17.33 7.11
N ALA C 425 -5.58 16.90 7.70
CA ALA C 425 -5.37 17.16 9.10
C ALA C 425 -5.40 18.66 9.35
N LEU C 426 -4.60 19.40 8.60
CA LEU C 426 -4.50 20.85 8.77
C LEU C 426 -5.85 21.53 8.59
N SER C 427 -6.55 21.23 7.50
CA SER C 427 -7.81 21.92 7.24
C SER C 427 -8.83 21.60 8.34
N ALA C 428 -8.83 20.36 8.83
CA ALA C 428 -9.75 19.93 9.90
C ALA C 428 -9.40 20.55 11.25
N ALA C 429 -8.14 20.49 11.63
CA ALA C 429 -7.67 21.07 12.90
C ALA C 429 -7.67 22.61 12.94
N GLN C 430 -8.04 23.23 11.83
CA GLN C 430 -8.33 24.66 11.77
C GLN C 430 -9.80 24.89 12.06
N GLU C 431 -10.67 24.01 11.59
CA GLU C 431 -12.10 24.07 11.95
C GLU C 431 -12.24 24.01 13.46
N ARG C 432 -11.30 23.33 14.12
CA ARG C 432 -11.21 23.34 15.58
C ARG C 432 -10.99 24.72 16.18
N ARG C 433 -10.12 25.53 15.59
CA ARG C 433 -10.03 26.92 16.05
C ARG C 433 -11.34 27.67 15.84
N LYS C 434 -11.84 27.68 14.61
CA LYS C 434 -13.13 28.33 14.30
C LYS C 434 -14.28 27.82 15.18
N GLN C 435 -14.32 26.52 15.42
CA GLN C 435 -15.34 25.90 16.26
C GLN C 435 -15.06 26.09 17.77
N LYS C 436 -13.79 26.12 18.18
CA LYS C 436 -13.42 26.34 19.59
C LYS C 436 -13.10 27.78 19.93
N GLU C 437 -13.07 28.66 18.93
CA GLU C 437 -12.88 30.08 19.19
C GLU C 437 -14.22 30.68 19.59
N ASN C 438 -15.27 30.32 18.85
CA ASN C 438 -16.64 30.71 19.20
C ASN C 438 -16.97 30.33 20.63
N LYS C 439 -16.71 29.08 20.97
CA LYS C 439 -16.93 28.58 22.32
C LYS C 439 -16.29 29.49 23.38
N GLU C 440 -15.02 29.85 23.18
CA GLU C 440 -14.31 30.73 24.11
C GLU C 440 -15.00 32.07 24.27
N LYS C 441 -15.35 32.70 23.15
CA LYS C 441 -15.99 34.01 23.16
C LYS C 441 -17.35 34.01 23.87
N ASP C 442 -18.18 33.02 23.54
CA ASP C 442 -19.48 32.84 24.20
C ASP C 442 -19.33 32.66 25.70
N ALA C 443 -18.32 31.92 26.09
CA ALA C 443 -18.04 31.70 27.50
C ALA C 443 -17.51 32.97 28.17
N LYS C 444 -16.72 33.78 27.45
CA LYS C 444 -16.17 35.03 27.98
C LYS C 444 -17.23 36.12 28.12
N ASP C 445 -18.13 36.19 27.15
CA ASP C 445 -19.28 37.12 27.19
C ASP C 445 -20.23 36.77 28.35
N LYS C 446 -20.30 35.50 28.69
CA LYS C 446 -21.07 35.02 29.85
C LYS C 446 -20.37 35.21 31.22
N CYS C 447 -19.04 35.22 31.24
CA CYS C 447 -18.30 35.45 32.48
C CYS C 447 -18.51 36.84 33.07
N ALA C 448 -18.75 37.83 32.22
CA ALA C 448 -19.19 39.13 32.71
C ALA C 448 -20.66 39.08 33.19
N MET C 449 -21.57 38.56 32.36
CA MET C 449 -23.01 38.44 32.72
C MET C 449 -23.34 37.64 33.99
N GLU C 450 -22.39 36.82 34.45
CA GLU C 450 -22.59 36.07 35.68
C GLU C 450 -21.97 36.79 36.87
N SER C 451 -20.92 37.57 36.64
CA SER C 451 -20.36 38.46 37.69
C SER C 451 -21.16 39.76 37.84
N LYS C 452 -22.30 39.85 37.13
CA LYS C 452 -23.29 40.91 37.32
C LYS C 452 -24.07 40.77 38.63
N ARG C 453 -24.13 39.54 39.16
CA ARG C 453 -24.81 39.28 40.44
C ARG C 453 -23.97 39.64 41.67
N ASN C 454 -22.81 40.27 41.45
CA ASN C 454 -22.03 40.81 42.56
C ASN C 454 -21.67 42.26 42.33
N LYS C 455 -22.52 42.94 41.55
CA LYS C 455 -22.38 44.35 41.28
C LYS C 455 -23.63 45.04 41.82
N PRO C 456 -23.49 46.30 42.23
CA PRO C 456 -24.66 47.04 42.64
C PRO C 456 -25.79 46.99 41.60
N GLY C 457 -26.99 47.38 41.99
CA GLY C 457 -28.11 47.52 41.05
C GLY C 457 -29.39 47.87 41.77
N LYS C 458 -30.37 48.37 41.02
CA LYS C 458 -31.67 48.70 41.59
C LYS C 458 -32.67 47.59 41.30
N ALA C 459 -33.57 47.35 42.25
CA ALA C 459 -34.63 46.38 42.06
C ALA C 459 -35.72 46.99 41.21
N THR C 460 -36.30 46.18 40.33
CA THR C 460 -37.54 46.53 39.63
C THR C 460 -38.45 45.30 39.56
N GLY C 461 -39.72 45.51 39.27
CA GLY C 461 -40.72 44.45 39.23
C GLY C 461 -41.89 44.73 40.16
N LYS C 462 -43.09 44.37 39.71
CA LYS C 462 -44.31 44.58 40.51
C LYS C 462 -44.60 43.38 41.42
N GLY C 463 -44.34 42.19 40.90
CA GLY C 463 -44.65 40.95 41.59
C GLY C 463 -46.03 40.49 41.21
N LYS C 464 -46.58 39.56 41.99
CA LYS C 464 -47.92 39.04 41.75
C LYS C 464 -48.59 38.76 43.09
N PRO C 465 -49.94 38.70 43.11
CA PRO C 465 -50.67 38.35 44.34
C PRO C 465 -50.38 36.91 44.83
N VAL C 466 -50.09 36.76 46.12
CA VAL C 466 -49.78 35.45 46.75
C VAL C 466 -50.67 35.16 47.97
N GLY C 467 -51.08 33.89 48.12
CA GLY C 467 -51.97 33.47 49.20
C GLY C 467 -51.26 32.81 50.36
N ASP C 468 -51.97 31.91 51.07
CA ASP C 468 -51.39 31.07 52.14
C ASP C 468 -50.68 29.81 51.60
N LYS C 469 -50.77 29.56 50.29
CA LYS C 469 -50.04 28.45 49.63
C LYS C 469 -48.89 28.92 48.72
N TRP C 470 -48.23 30.02 49.10
CA TRP C 470 -47.10 30.57 48.33
C TRP C 470 -45.90 29.62 48.35
N LEU C 471 -45.49 29.19 49.53
CA LEU C 471 -44.38 28.25 49.70
C LEU C 471 -44.66 26.86 49.11
N ASP C 472 -45.94 26.50 48.97
CA ASP C 472 -46.37 25.25 48.31
C ASP C 472 -46.24 25.32 46.79
N ASP C 473 -46.53 26.49 46.23
CA ASP C 473 -46.39 26.75 44.79
C ASP C 473 -44.91 26.74 44.33
N ALA C 474 -43.99 26.97 45.26
CA ALA C 474 -42.55 26.89 44.98
C ALA C 474 -42.07 25.47 44.71
N GLY C 475 -42.89 24.46 45.03
CA GLY C 475 -42.59 23.07 44.71
C GLY C 475 -43.30 22.54 43.47
N LYS C 476 -43.83 23.45 42.64
CA LYS C 476 -44.56 23.07 41.40
C LYS C 476 -44.41 24.10 40.26
N ASP C 477 -44.67 23.64 39.04
CA ASP C 477 -44.50 24.44 37.81
C ASP C 477 -43.10 25.05 37.63
N SER C 478 -43.00 26.37 37.52
CA SER C 478 -41.72 27.07 37.43
C SER C 478 -41.46 27.84 38.73
N GLY C 479 -42.09 27.39 39.82
CA GLY C 479 -41.95 28.02 41.13
C GLY C 479 -43.09 28.99 41.39
N ALA C 480 -43.00 29.67 42.53
CA ALA C 480 -43.95 30.72 42.90
C ALA C 480 -43.28 32.08 42.72
N PRO C 481 -44.01 33.07 42.20
CA PRO C 481 -43.42 34.38 41.94
C PRO C 481 -43.14 35.18 43.23
N ILE C 482 -42.27 36.18 43.13
CA ILE C 482 -42.01 37.08 44.26
C ILE C 482 -43.32 37.79 44.65
N PRO C 483 -43.68 37.73 45.96
CA PRO C 483 -44.86 38.46 46.44
C PRO C 483 -44.79 39.95 46.13
N ASP C 484 -45.86 40.48 45.55
CA ASP C 484 -45.95 41.91 45.26
C ASP C 484 -45.72 42.79 46.50
N ARG C 485 -46.18 42.33 47.67
CA ARG C 485 -45.95 43.02 48.96
C ARG C 485 -44.47 43.23 49.27
N ILE C 486 -43.68 42.17 49.10
CA ILE C 486 -42.24 42.22 49.31
C ILE C 486 -41.58 43.01 48.17
N ALA C 487 -42.12 42.88 46.96
CA ALA C 487 -41.63 43.62 45.79
C ALA C 487 -41.90 45.12 45.88
N ASP C 488 -42.95 45.49 46.61
CA ASP C 488 -43.27 46.91 46.80
C ASP C 488 -42.32 47.61 47.78
N LYS C 489 -41.84 46.88 48.80
CA LYS C 489 -40.91 47.45 49.78
C LYS C 489 -39.45 47.38 49.37
N LEU C 490 -39.14 46.54 48.39
CA LEU C 490 -37.78 46.39 47.87
C LEU C 490 -37.50 47.27 46.63
N ARG C 491 -38.51 47.47 45.78
CA ARG C 491 -38.36 48.30 44.57
C ARG C 491 -37.59 49.59 44.86
N ASP C 492 -36.77 50.04 43.91
CA ASP C 492 -35.94 51.26 44.02
C ASP C 492 -34.73 51.17 44.97
N LYS C 493 -34.73 50.21 45.88
CA LYS C 493 -33.62 50.02 46.83
C LYS C 493 -32.37 49.56 46.08
N GLU C 494 -31.23 50.17 46.41
CA GLU C 494 -29.96 49.79 45.79
C GLU C 494 -29.29 48.68 46.60
N PHE C 495 -28.85 47.64 45.89
CA PHE C 495 -28.15 46.51 46.49
C PHE C 495 -26.71 46.46 45.99
N LYS C 496 -25.82 45.84 46.77
CA LYS C 496 -24.41 45.68 46.37
C LYS C 496 -24.15 44.34 45.68
N SER C 497 -25.08 43.40 45.84
CA SER C 497 -25.04 42.11 45.14
C SER C 497 -26.45 41.48 45.10
N PHE C 498 -26.54 40.24 44.63
CA PHE C 498 -27.76 39.44 44.74
C PHE C 498 -27.74 38.62 46.02
N ASP C 499 -26.54 38.36 46.56
CA ASP C 499 -26.38 37.69 47.85
C ASP C 499 -27.08 38.54 48.93
N ASP C 500 -26.86 39.86 48.86
CA ASP C 500 -27.57 40.84 49.69
C ASP C 500 -29.08 40.89 49.42
N PHE C 501 -29.47 40.91 48.15
CA PHE C 501 -30.89 40.99 47.77
C PHE C 501 -31.72 39.81 48.26
N ARG C 502 -31.19 38.59 48.09
CA ARG C 502 -31.87 37.37 48.55
C ARG C 502 -32.07 37.39 50.06
N LYS C 503 -31.06 37.88 50.79
CA LYS C 503 -31.16 38.13 52.22
C LYS C 503 -32.36 39.02 52.52
N ALA C 504 -32.42 40.16 51.85
CA ALA C 504 -33.49 41.15 52.04
C ALA C 504 -34.90 40.62 51.72
N VAL C 505 -35.01 39.70 50.76
CA VAL C 505 -36.31 39.10 50.43
C VAL C 505 -36.85 38.29 51.60
N TRP C 506 -35.94 37.61 52.32
CA TRP C 506 -36.32 36.76 53.46
C TRP C 506 -36.53 37.50 54.79
N GLU C 507 -35.90 38.68 54.93
CA GLU C 507 -36.14 39.55 56.09
C GLU C 507 -37.48 40.29 56.02
N GLU C 508 -37.97 40.53 54.80
CA GLU C 508 -39.27 41.20 54.59
C GLU C 508 -40.44 40.20 54.62
N VAL C 509 -40.15 38.92 54.42
CA VAL C 509 -41.14 37.85 54.57
C VAL C 509 -41.38 37.50 56.04
N SER C 510 -40.32 37.48 56.84
CA SER C 510 -40.46 37.20 58.27
C SER C 510 -41.32 38.26 59.00
N LYS C 511 -41.25 39.52 58.54
CA LYS C 511 -42.05 40.63 59.10
C LYS C 511 -43.49 40.66 58.58
N ASP C 512 -43.78 39.97 57.48
CA ASP C 512 -45.12 39.92 56.93
C ASP C 512 -45.92 38.81 57.63
N PRO C 513 -47.11 39.14 58.16
CA PRO C 513 -47.95 38.17 58.86
C PRO C 513 -48.69 37.19 57.95
N GLU C 514 -48.71 37.48 56.66
CA GLU C 514 -49.32 36.59 55.68
C GLU C 514 -48.30 35.55 55.23
N LEU C 515 -47.14 36.05 54.80
CA LEU C 515 -46.07 35.23 54.26
C LEU C 515 -45.36 34.42 55.35
N SER C 516 -45.17 35.01 56.53
CA SER C 516 -44.54 34.33 57.67
C SER C 516 -45.52 33.43 58.44
N LYS C 517 -46.83 33.65 58.26
CA LYS C 517 -47.87 32.85 58.93
C LYS C 517 -47.76 31.35 58.69
N ASN C 518 -47.26 30.99 57.51
CA ASN C 518 -47.13 29.60 57.12
C ASN C 518 -45.83 28.93 57.58
N LEU C 519 -45.06 29.66 58.39
CA LEU C 519 -43.76 29.20 58.89
C LEU C 519 -43.86 29.00 60.39
N ASN C 520 -43.16 27.98 60.89
CA ASN C 520 -43.14 27.66 62.32
C ASN C 520 -42.06 28.49 63.06
N PRO C 521 -42.06 28.47 64.42
CA PRO C 521 -41.15 29.30 65.24
C PRO C 521 -39.65 29.18 64.92
N SER C 522 -39.15 27.96 64.78
CA SER C 522 -37.73 27.74 64.47
C SER C 522 -37.32 28.25 63.10
N ASN C 523 -38.20 28.07 62.12
CA ASN C 523 -37.98 28.57 60.77
C ASN C 523 -38.00 30.10 60.74
N LYS C 524 -38.98 30.69 61.44
CA LYS C 524 -39.11 32.15 61.52
C LYS C 524 -37.85 32.84 62.08
N SER C 525 -37.15 32.15 62.99
CA SER C 525 -35.89 32.64 63.55
C SER C 525 -34.75 32.60 62.54
N SER C 526 -34.87 31.72 61.55
CA SER C 526 -33.92 31.65 60.45
C SER C 526 -34.15 32.79 59.47
N VAL C 527 -35.40 32.98 59.03
CA VAL C 527 -35.74 34.07 58.09
C VAL C 527 -35.57 35.48 58.65
N SER C 528 -35.66 35.62 59.97
CA SER C 528 -35.42 36.91 60.62
C SER C 528 -33.95 37.33 60.55
N LYS C 529 -33.03 36.37 60.47
CA LYS C 529 -31.58 36.63 60.39
C LYS C 529 -31.09 36.77 58.94
N GLY C 530 -32.03 36.85 58.00
CA GLY C 530 -31.71 36.93 56.59
C GLY C 530 -31.40 35.58 55.95
N TYR C 531 -31.66 34.48 56.67
CA TYR C 531 -31.35 33.14 56.17
C TYR C 531 -32.57 32.51 55.50
N SER C 532 -32.28 31.62 54.55
CA SER C 532 -33.32 30.99 53.74
C SER C 532 -34.09 29.95 54.59
N PRO C 533 -35.44 29.88 54.44
CA PRO C 533 -36.28 28.93 55.19
C PRO C 533 -36.09 27.48 54.74
N PHE C 534 -36.11 26.55 55.69
CA PHE C 534 -35.84 25.13 55.41
C PHE C 534 -37.07 24.39 54.88
N THR C 535 -36.94 23.86 53.66
CA THR C 535 -38.02 23.17 52.99
C THR C 535 -38.28 21.83 53.65
N PRO C 536 -39.43 21.20 53.35
CA PRO C 536 -39.65 19.81 53.76
C PRO C 536 -38.57 18.87 53.20
N LYS C 537 -38.38 17.69 53.81
CA LYS C 537 -37.30 16.75 53.42
C LYS C 537 -37.61 15.97 52.15
N ASN C 538 -38.90 15.85 51.83
CA ASN C 538 -39.34 15.37 50.52
C ASN C 538 -38.85 16.29 49.37
N GLN C 539 -38.64 17.58 49.66
CA GLN C 539 -38.09 18.57 48.70
C GLN C 539 -36.61 18.95 48.94
N GLN C 540 -35.93 18.28 49.88
CA GLN C 540 -34.50 18.53 50.11
C GLN C 540 -33.66 17.71 49.14
N VAL C 541 -32.44 18.16 48.85
CA VAL C 541 -31.49 17.43 47.96
C VAL C 541 -30.02 17.68 48.31
N GLY C 542 -29.37 16.70 48.92
CA GLY C 542 -27.95 16.82 49.27
C GLY C 542 -27.63 17.94 50.26
N GLY C 543 -26.80 18.89 49.84
CA GLY C 543 -26.47 20.06 50.64
C GLY C 543 -27.45 21.23 50.49
N ARG C 544 -28.47 21.02 49.65
CA ARG C 544 -29.50 22.02 49.38
C ARG C 544 -30.77 21.63 50.12
N LYS C 545 -31.01 22.28 51.26
CA LYS C 545 -32.18 21.98 52.09
C LYS C 545 -33.15 23.16 52.21
N VAL C 546 -32.78 24.31 51.65
CA VAL C 546 -33.54 25.55 51.79
C VAL C 546 -34.09 26.03 50.45
N TYR C 547 -35.13 26.85 50.52
CA TYR C 547 -35.72 27.46 49.32
C TYR C 547 -34.65 28.28 48.59
N GLU C 548 -34.62 28.14 47.27
CA GLU C 548 -33.66 28.82 46.44
C GLU C 548 -34.38 29.91 45.65
N LEU C 549 -33.65 30.95 45.27
CA LEU C 549 -34.18 31.97 44.36
C LEU C 549 -33.48 31.91 43.00
N HIS C 550 -34.23 31.54 41.96
CA HIS C 550 -33.72 31.43 40.56
C HIS C 550 -34.46 32.34 39.56
N HIS C 551 -33.73 32.83 38.55
CA HIS C 551 -34.34 33.71 37.55
C HIS C 551 -34.95 32.88 36.42
N ASP C 552 -36.20 33.15 36.09
CA ASP C 552 -36.93 32.45 35.04
C ASP C 552 -36.11 32.44 33.73
N LYS C 553 -35.58 33.61 33.38
CA LYS C 553 -34.64 33.77 32.27
C LYS C 553 -33.23 33.91 32.82
N PRO C 554 -32.34 32.95 32.49
CA PRO C 554 -30.95 32.97 32.98
C PRO C 554 -30.25 34.31 32.76
N ILE C 555 -29.42 34.71 33.70
CA ILE C 555 -28.74 36.00 33.62
C ILE C 555 -27.68 35.99 32.51
N SER C 556 -27.11 34.82 32.26
CA SER C 556 -26.13 34.60 31.20
C SER C 556 -26.63 34.85 29.76
N GLN C 557 -27.95 34.92 29.59
CA GLN C 557 -28.57 35.23 28.29
C GLN C 557 -29.28 36.59 28.28
N GLY C 558 -28.67 37.57 28.94
CA GLY C 558 -29.23 38.93 29.06
C GLY C 558 -30.35 39.09 30.09
N GLY C 559 -30.65 38.03 30.85
CA GLY C 559 -31.75 38.06 31.82
C GLY C 559 -31.49 39.04 32.93
N GLU C 560 -32.58 39.51 33.56
CA GLU C 560 -32.50 40.53 34.59
C GLU C 560 -32.01 39.97 35.95
N VAL C 561 -31.08 40.68 36.59
CA VAL C 561 -30.50 40.30 37.90
C VAL C 561 -31.40 40.69 39.06
N TYR C 562 -32.07 41.83 38.92
CA TYR C 562 -32.89 42.39 39.98
C TYR C 562 -34.37 42.56 39.57
N ASP C 563 -34.78 41.95 38.45
CA ASP C 563 -36.20 41.99 38.02
C ASP C 563 -36.97 40.92 38.76
N MET C 564 -37.86 41.37 39.64
CA MET C 564 -38.72 40.48 40.43
C MET C 564 -39.90 39.94 39.62
N ASP C 565 -40.14 40.52 38.45
CA ASP C 565 -41.02 39.90 37.45
C ASP C 565 -40.33 38.66 36.90
N ASN C 566 -39.00 38.72 36.82
CA ASN C 566 -38.18 37.64 36.29
C ASN C 566 -37.90 36.52 37.31
N ILE C 567 -37.83 36.85 38.61
CA ILE C 567 -37.42 35.88 39.66
C ILE C 567 -38.50 34.84 40.00
N ARG C 568 -38.06 33.63 40.37
CA ARG C 568 -38.95 32.50 40.75
C ARG C 568 -38.40 31.71 41.96
N VAL C 569 -39.14 31.70 43.08
CA VAL C 569 -38.74 30.96 44.30
C VAL C 569 -39.12 29.47 44.21
N THR C 570 -38.13 28.59 44.32
CA THR C 570 -38.33 27.16 44.13
C THR C 570 -37.75 26.36 45.29
N THR C 571 -37.98 25.04 45.30
CA THR C 571 -37.34 24.11 46.25
C THR C 571 -36.18 23.40 45.55
N PRO C 572 -35.15 22.98 46.33
CA PRO C 572 -33.97 22.31 45.78
C PRO C 572 -34.27 21.21 44.76
N LYS C 573 -35.12 20.25 45.13
CA LYS C 573 -35.45 19.13 44.24
C LYS C 573 -36.28 19.59 43.05
N ARG C 574 -37.17 20.55 43.27
CA ARG C 574 -38.06 21.01 42.23
C ARG C 574 -37.28 21.70 41.10
N HIS C 575 -36.32 22.56 41.43
CA HIS C 575 -35.51 23.24 40.40
C HIS C 575 -34.61 22.26 39.62
N ILE C 576 -34.37 21.08 40.18
CA ILE C 576 -33.71 19.97 39.46
C ILE C 576 -34.67 19.27 38.50
N ASP C 577 -35.91 19.04 38.95
CA ASP C 577 -36.93 18.41 38.11
C ASP C 577 -37.29 19.27 36.90
N ILE C 578 -37.38 20.60 37.10
CA ILE C 578 -37.64 21.56 36.02
C ILE C 578 -36.52 21.51 34.96
N HIS C 579 -35.31 21.91 35.31
CA HIS C 579 -34.18 21.92 34.36
C HIS C 579 -33.73 20.49 34.04
N ARG C 580 -34.49 19.82 33.16
CA ARG C 580 -34.22 18.45 32.74
C ARG C 580 -34.31 18.33 31.21
N ALA D 85 1.19 -25.19 -50.26
CA ALA D 85 0.82 -23.90 -50.92
C ALA D 85 -0.69 -23.62 -50.78
N ALA D 86 -1.12 -23.28 -49.56
CA ALA D 86 -2.52 -22.99 -49.25
C ALA D 86 -3.03 -21.69 -49.93
N PRO D 87 -3.80 -21.85 -51.03
CA PRO D 87 -4.07 -20.81 -52.02
C PRO D 87 -4.88 -19.62 -51.51
N VAL D 88 -4.48 -18.42 -51.91
CA VAL D 88 -5.03 -17.17 -51.38
C VAL D 88 -5.87 -16.43 -52.41
N ALA D 89 -6.96 -15.84 -51.95
CA ALA D 89 -7.85 -15.17 -52.87
C ALA D 89 -7.43 -13.74 -53.16
N PHE D 90 -7.67 -13.32 -54.39
CA PHE D 90 -7.39 -11.96 -54.81
C PHE D 90 -7.64 -10.97 -53.68
N GLY D 91 -6.69 -10.06 -53.50
CA GLY D 91 -6.87 -8.91 -52.62
C GLY D 91 -6.44 -9.12 -51.18
N PHE D 92 -5.78 -10.22 -50.91
CA PHE D 92 -5.44 -10.56 -49.54
C PHE D 92 -3.91 -10.57 -49.39
N PRO D 93 -3.35 -9.46 -48.89
CA PRO D 93 -1.93 -9.45 -48.56
C PRO D 93 -1.57 -10.64 -47.72
N ALA D 94 -0.46 -11.29 -48.03
CA ALA D 94 -0.14 -12.56 -47.39
C ALA D 94 1.36 -12.87 -47.44
N LEU D 95 1.96 -13.09 -46.28
CA LEU D 95 3.37 -13.48 -46.19
C LEU D 95 3.68 -14.74 -46.98
N SER D 96 4.71 -14.70 -47.81
CA SER D 96 5.31 -15.92 -48.33
C SER D 96 6.83 -15.77 -48.37
N THR D 97 7.49 -16.91 -48.25
CA THR D 97 8.91 -16.95 -47.94
C THR D 97 9.67 -17.74 -49.00
N PRO D 98 10.43 -17.04 -49.83
CA PRO D 98 11.07 -17.64 -50.97
C PRO D 98 11.95 -18.85 -50.65
N GLY D 99 11.91 -19.87 -51.50
CA GLY D 99 12.93 -20.91 -51.56
C GLY D 99 13.90 -20.50 -52.64
N ALA D 100 14.67 -21.46 -53.17
CA ALA D 100 15.31 -21.22 -54.46
C ALA D 100 14.33 -21.70 -55.54
N GLY D 101 14.37 -21.03 -56.70
CA GLY D 101 13.25 -21.15 -57.63
C GLY D 101 12.05 -20.44 -57.07
N GLY D 102 12.25 -19.68 -55.99
CA GLY D 102 11.44 -18.50 -55.66
C GLY D 102 10.22 -18.58 -54.74
N LEU D 103 9.40 -17.53 -54.82
CA LEU D 103 8.15 -17.45 -54.11
C LEU D 103 7.15 -18.40 -54.71
N ALA D 104 6.38 -19.04 -53.86
CA ALA D 104 5.23 -19.79 -54.28
C ALA D 104 4.00 -18.93 -54.10
N VAL D 105 3.57 -18.28 -55.18
CA VAL D 105 2.26 -17.59 -55.17
C VAL D 105 1.21 -18.51 -55.83
N SER D 106 0.10 -18.74 -55.12
CA SER D 106 -0.92 -19.72 -55.51
C SER D 106 -2.27 -19.15 -55.25
N ILE D 107 -2.99 -18.82 -56.32
CA ILE D 107 -4.15 -17.93 -56.23
C ILE D 107 -5.49 -18.69 -56.25
N SER D 108 -6.48 -18.11 -55.55
CA SER D 108 -7.87 -18.58 -55.52
C SER D 108 -8.72 -17.59 -56.27
N ALA D 109 -8.84 -17.78 -57.57
CA ALA D 109 -9.36 -16.75 -58.45
C ALA D 109 -10.87 -16.63 -58.47
N SER D 110 -11.58 -17.56 -57.85
CA SER D 110 -13.04 -17.48 -57.72
C SER D 110 -13.46 -16.30 -56.87
N GLU D 111 -12.83 -16.15 -55.70
CA GLU D 111 -13.19 -15.09 -54.75
C GLU D 111 -12.34 -13.83 -54.93
N LEU D 112 -12.85 -12.68 -54.50
CA LEU D 112 -12.10 -11.43 -54.44
C LEU D 112 -12.49 -10.59 -53.23
N SER D 113 -11.56 -10.30 -52.34
CA SER D 113 -11.84 -9.42 -51.21
C SER D 113 -12.85 -8.33 -51.56
N ALA D 114 -13.99 -8.33 -50.87
CA ALA D 114 -15.02 -7.31 -51.05
C ALA D 114 -14.56 -5.92 -50.62
N ALA D 115 -13.56 -5.88 -49.75
CA ALA D 115 -12.99 -4.62 -49.29
C ALA D 115 -12.36 -3.83 -50.42
N ILE D 116 -11.70 -4.50 -51.36
CA ILE D 116 -10.91 -3.86 -52.44
C ILE D 116 -11.75 -3.29 -53.56
N ALA D 117 -12.70 -4.07 -54.04
CA ALA D 117 -13.71 -3.54 -54.96
C ALA D 117 -14.21 -2.18 -54.44
N GLY D 118 -14.37 -2.08 -53.13
CA GLY D 118 -14.75 -0.82 -52.49
C GLY D 118 -13.68 0.25 -52.52
N ILE D 119 -12.43 -0.15 -52.22
CA ILE D 119 -11.26 0.77 -52.17
C ILE D 119 -10.97 1.35 -53.53
N ILE D 120 -10.76 0.50 -54.53
CA ILE D 120 -10.54 0.93 -55.91
C ILE D 120 -11.60 1.92 -56.41
N ALA D 121 -12.84 1.72 -55.96
CA ALA D 121 -13.94 2.61 -56.35
C ALA D 121 -13.91 3.91 -55.59
N LYS D 122 -13.90 3.81 -54.26
CA LYS D 122 -13.76 5.00 -53.42
C LYS D 122 -12.59 5.85 -53.91
N LEU D 123 -11.57 5.15 -54.40
CA LEU D 123 -10.27 5.72 -54.75
C LEU D 123 -10.26 6.50 -56.04
N LYS D 124 -11.36 6.47 -56.79
CA LYS D 124 -11.40 7.04 -58.13
C LYS D 124 -12.03 8.44 -58.13
N LYS D 125 -13.11 8.62 -57.37
CA LYS D 125 -13.74 9.92 -57.21
C LYS D 125 -12.77 10.78 -56.38
N PRO D 132 -0.48 12.18 -54.94
CA PRO D 132 -0.75 10.72 -54.93
C PRO D 132 -1.14 10.24 -53.57
N PHE D 133 -2.29 9.59 -53.50
CA PHE D 133 -2.97 9.30 -52.22
C PHE D 133 -3.39 7.83 -52.14
N GLY D 134 -3.78 7.37 -50.94
CA GLY D 134 -4.04 5.93 -50.76
C GLY D 134 -4.86 5.40 -49.57
N VAL D 135 -4.98 4.08 -49.54
CA VAL D 135 -5.72 3.41 -48.49
C VAL D 135 -4.93 2.22 -48.05
N VAL D 136 -4.86 2.02 -46.75
CA VAL D 136 -4.15 0.87 -46.22
C VAL D 136 -5.00 -0.40 -46.33
N LEU D 137 -4.34 -1.56 -46.48
CA LEU D 137 -4.96 -2.90 -46.39
C LEU D 137 -4.45 -3.75 -45.27
N SER D 138 -3.22 -3.53 -44.84
CA SER D 138 -2.67 -4.30 -43.76
C SER D 138 -1.53 -3.55 -43.22
N SER D 139 -1.17 -3.86 -41.98
CA SER D 139 0.04 -3.37 -41.34
C SER D 139 0.90 -4.55 -40.95
N LEU D 140 2.19 -4.31 -40.82
CA LEU D 140 3.12 -5.39 -40.63
C LEU D 140 3.80 -5.22 -39.30
N ILE D 141 3.60 -6.19 -38.41
CA ILE D 141 4.27 -6.18 -37.13
C ILE D 141 5.54 -7.05 -37.24
N PRO D 142 6.72 -6.42 -37.33
CA PRO D 142 7.91 -7.15 -37.76
C PRO D 142 8.49 -8.07 -36.71
N SER D 143 8.32 -7.72 -35.45
CA SER D 143 8.72 -8.56 -34.34
C SER D 143 7.90 -9.85 -34.35
N GLU D 144 6.60 -9.75 -34.64
CA GLU D 144 5.79 -10.94 -34.90
C GLU D 144 6.43 -11.79 -36.00
N ILE D 145 6.62 -11.17 -37.16
CA ILE D 145 7.21 -11.81 -38.34
C ILE D 145 8.58 -12.42 -38.04
N ALA D 146 9.39 -11.75 -37.23
CA ALA D 146 10.78 -12.16 -36.94
C ALA D 146 10.87 -13.50 -36.21
N LYS D 147 9.78 -13.85 -35.53
CA LYS D 147 9.62 -15.18 -34.95
C LYS D 147 10.07 -16.26 -35.94
N ASP D 148 9.33 -16.43 -37.04
CA ASP D 148 9.54 -17.53 -37.98
C ASP D 148 10.57 -17.17 -39.07
N ASP D 149 10.79 -15.88 -39.30
CA ASP D 149 11.75 -15.39 -40.29
C ASP D 149 12.71 -14.33 -39.70
N PRO D 150 13.79 -14.78 -39.05
CA PRO D 150 14.69 -13.89 -38.33
C PRO D 150 15.57 -12.96 -39.20
N ASN D 151 15.81 -13.34 -40.46
CA ASN D 151 16.61 -12.52 -41.40
C ASN D 151 15.76 -11.65 -42.32
N MET D 152 14.45 -11.63 -42.06
CA MET D 152 13.48 -10.89 -42.88
C MET D 152 13.59 -11.13 -44.41
N MET D 153 13.83 -12.40 -44.75
CA MET D 153 13.79 -12.89 -46.13
C MET D 153 12.38 -12.94 -46.72
N SER D 154 11.36 -12.86 -45.86
CA SER D 154 9.96 -12.96 -46.29
C SER D 154 9.57 -11.78 -47.13
N LYS D 155 8.44 -11.96 -47.83
CA LYS D 155 7.86 -10.99 -48.78
C LYS D 155 6.37 -10.91 -48.54
N ILE D 156 5.71 -9.87 -49.05
CA ILE D 156 4.26 -9.75 -48.87
C ILE D 156 3.47 -9.54 -50.16
N VAL D 157 2.92 -10.65 -50.59
CA VAL D 157 2.32 -10.77 -51.89
C VAL D 157 0.84 -10.46 -51.86
N THR D 158 0.48 -9.42 -52.58
CA THR D 158 -0.90 -9.23 -52.93
C THR D 158 -1.04 -9.46 -54.41
N SER D 159 -2.16 -10.08 -54.79
CA SER D 159 -2.51 -10.32 -56.19
C SER D 159 -3.92 -9.85 -56.46
N LEU D 160 -4.15 -9.30 -57.65
CA LEU D 160 -5.47 -8.90 -58.14
C LEU D 160 -5.69 -9.29 -59.60
N PRO D 161 -6.94 -9.35 -60.02
CA PRO D 161 -7.16 -9.54 -61.46
C PRO D 161 -6.76 -8.29 -62.23
N ALA D 162 -5.88 -8.46 -63.21
CA ALA D 162 -5.26 -7.34 -63.89
C ALA D 162 -6.26 -6.31 -64.40
N ASP D 163 -7.41 -6.77 -64.87
CA ASP D 163 -8.34 -5.86 -65.51
C ASP D 163 -9.06 -4.90 -64.54
N ASP D 164 -8.99 -5.14 -63.23
CA ASP D 164 -9.53 -4.19 -62.23
C ASP D 164 -8.63 -2.95 -62.04
N ILE D 165 -7.38 -3.12 -62.45
CA ILE D 165 -6.36 -2.11 -62.33
C ILE D 165 -6.17 -1.33 -63.62
N THR D 166 -5.88 -2.05 -64.70
CA THR D 166 -5.27 -1.47 -65.91
C THR D 166 -6.19 -0.46 -66.57
N GLU D 167 -5.62 0.55 -67.21
CA GLU D 167 -6.43 1.54 -67.96
C GLU D 167 -7.31 0.85 -69.02
N SER D 168 -6.69 -0.06 -69.78
CA SER D 168 -7.39 -0.84 -70.82
C SER D 168 -7.26 -2.34 -70.56
N PRO D 169 -8.27 -3.13 -70.96
CA PRO D 169 -8.14 -4.58 -70.79
C PRO D 169 -6.86 -5.11 -71.41
N VAL D 170 -6.28 -6.14 -70.80
CA VAL D 170 -4.97 -6.66 -71.25
C VAL D 170 -5.04 -7.29 -72.64
N SER D 171 -6.22 -7.80 -73.02
CA SER D 171 -6.54 -8.29 -74.39
C SER D 171 -5.99 -7.42 -75.53
N SER D 172 -6.13 -6.10 -75.31
CA SER D 172 -5.83 -5.04 -76.27
C SER D 172 -4.36 -4.67 -76.27
N LEU D 173 -3.64 -5.08 -75.25
CA LEU D 173 -2.26 -4.72 -75.14
C LEU D 173 -1.38 -5.56 -76.09
N PRO D 174 -0.62 -4.86 -76.95
CA PRO D 174 0.30 -5.52 -77.87
C PRO D 174 1.39 -6.33 -77.18
N LEU D 175 1.85 -7.36 -77.89
CA LEU D 175 2.92 -8.23 -77.42
C LEU D 175 4.33 -7.63 -77.63
N ASP D 176 4.40 -6.43 -78.19
CA ASP D 176 5.66 -5.71 -78.25
C ASP D 176 5.73 -4.60 -77.18
N LYS D 177 4.84 -4.65 -76.18
CA LYS D 177 4.87 -3.71 -75.02
C LYS D 177 5.49 -4.33 -73.78
N ALA D 178 6.35 -3.55 -73.13
CA ALA D 178 7.05 -3.99 -71.93
C ALA D 178 6.32 -3.58 -70.67
N THR D 179 5.44 -2.58 -70.78
CA THR D 179 4.75 -2.05 -69.61
C THR D 179 3.29 -1.71 -69.93
N VAL D 180 2.53 -1.29 -68.91
CA VAL D 180 1.09 -1.09 -69.02
C VAL D 180 0.58 -0.07 -68.04
N ASN D 181 -0.11 0.94 -68.52
CA ASN D 181 -0.75 1.90 -67.63
C ASN D 181 -1.81 1.31 -66.70
N VAL D 182 -1.80 1.78 -65.46
CA VAL D 182 -2.71 1.29 -64.45
C VAL D 182 -3.23 2.49 -63.71
N ASN D 183 -4.33 2.29 -62.98
CA ASN D 183 -4.91 3.35 -62.20
C ASN D 183 -4.57 3.16 -60.76
N VAL D 184 -4.20 1.95 -60.40
CA VAL D 184 -4.01 1.64 -59.01
C VAL D 184 -2.83 0.69 -58.85
N ARG D 185 -2.17 0.77 -57.70
CA ARG D 185 -1.16 -0.23 -57.34
C ARG D 185 -1.25 -0.67 -55.90
N VAL D 186 -0.66 -1.82 -55.64
CA VAL D 186 -0.52 -2.29 -54.29
C VAL D 186 0.94 -2.16 -53.96
N VAL D 187 1.15 -1.38 -52.91
CA VAL D 187 2.40 -0.68 -52.66
C VAL D 187 2.69 -0.60 -51.18
N ASP D 188 3.94 -0.89 -50.79
CA ASP D 188 4.37 -0.72 -49.40
C ASP D 188 4.59 0.74 -49.07
N ASP D 189 4.01 1.16 -47.96
CA ASP D 189 4.12 2.52 -47.47
C ASP D 189 4.55 2.54 -45.99
N VAL D 190 4.80 3.74 -45.47
CA VAL D 190 5.20 3.86 -44.07
C VAL D 190 4.64 5.08 -43.39
N LYS D 191 3.98 4.80 -42.27
CA LYS D 191 3.23 5.77 -41.52
C LYS D 191 3.21 5.33 -40.07
N ASP D 192 3.50 6.27 -39.18
CA ASP D 192 3.51 6.04 -37.74
C ASP D 192 4.30 4.77 -37.45
N GLU D 193 5.56 4.78 -37.86
CA GLU D 193 6.52 3.74 -37.52
C GLU D 193 6.05 2.31 -37.85
N ARG D 194 5.11 2.17 -38.79
CA ARG D 194 4.63 0.85 -39.26
C ARG D 194 4.64 0.78 -40.78
N GLN D 195 5.24 -0.27 -41.32
CA GLN D 195 5.11 -0.56 -42.74
C GLN D 195 3.69 -0.96 -42.97
N ASN D 196 3.10 -0.55 -44.08
CA ASN D 196 1.79 -1.07 -44.42
C ASN D 196 1.71 -1.41 -45.88
N ILE D 197 1.09 -2.54 -46.21
CA ILE D 197 0.76 -2.81 -47.59
C ILE D 197 -0.41 -1.92 -47.87
N SER D 198 -0.51 -1.37 -49.07
CA SER D 198 -1.46 -0.29 -49.26
C SER D 198 -1.81 0.01 -50.76
N VAL D 199 -3.05 0.38 -51.03
CA VAL D 199 -3.53 0.57 -52.40
C VAL D 199 -3.34 2.05 -52.65
N VAL D 200 -2.89 2.41 -53.85
CA VAL D 200 -2.44 3.76 -54.13
C VAL D 200 -2.87 4.19 -55.52
N SER D 201 -3.28 5.45 -55.63
CA SER D 201 -3.65 6.08 -56.91
C SER D 201 -3.26 7.54 -56.89
N GLY D 202 -3.68 8.26 -57.93
CA GLY D 202 -3.60 9.71 -57.96
C GLY D 202 -2.74 10.25 -59.08
N VAL D 203 -1.83 9.42 -59.61
CA VAL D 203 -0.92 9.85 -60.66
C VAL D 203 -0.76 8.82 -61.75
N PRO D 204 -0.58 9.29 -62.98
CA PRO D 204 -0.38 8.34 -64.05
C PRO D 204 0.85 7.50 -63.73
N MET D 205 0.63 6.19 -63.65
CA MET D 205 1.66 5.25 -63.28
C MET D 205 1.48 4.00 -64.14
N SER D 206 2.59 3.37 -64.52
CA SER D 206 2.54 2.15 -65.30
C SER D 206 3.40 1.12 -64.62
N VAL D 207 3.30 -0.13 -65.06
CA VAL D 207 4.05 -1.25 -64.45
C VAL D 207 4.50 -2.26 -65.50
N PRO D 208 5.49 -3.09 -65.19
CA PRO D 208 5.91 -4.17 -66.08
C PRO D 208 4.77 -5.10 -66.48
N VAL D 209 4.85 -5.65 -67.68
CA VAL D 209 3.97 -6.75 -68.14
C VAL D 209 4.87 -7.96 -68.42
N VAL D 210 4.49 -9.16 -67.99
CA VAL D 210 5.40 -10.29 -68.19
C VAL D 210 4.71 -11.65 -68.37
N ASP D 211 5.23 -12.39 -69.35
CA ASP D 211 4.63 -13.63 -69.83
C ASP D 211 5.10 -14.75 -68.98
N ALA D 212 4.28 -15.78 -68.88
CA ALA D 212 4.57 -16.86 -67.94
C ALA D 212 4.92 -18.12 -68.66
N LYS D 213 6.22 -18.37 -68.79
CA LYS D 213 6.67 -19.73 -69.13
C LYS D 213 5.84 -20.78 -68.32
N PRO D 214 5.48 -21.92 -68.97
CA PRO D 214 4.89 -23.07 -68.29
C PRO D 214 5.92 -24.02 -67.70
N THR D 215 5.51 -24.72 -66.64
CA THR D 215 6.37 -25.65 -65.93
C THR D 215 5.92 -27.09 -66.21
N GLU D 216 6.87 -28.01 -66.04
CA GLU D 216 6.63 -29.45 -66.03
C GLU D 216 5.54 -29.87 -65.03
N ARG D 217 5.23 -29.00 -64.06
CA ARG D 217 4.19 -29.25 -63.05
C ARG D 217 2.77 -29.19 -63.62
N PRO D 218 1.79 -29.71 -62.87
CA PRO D 218 0.40 -29.60 -63.30
C PRO D 218 -0.14 -28.19 -63.17
N GLY D 219 0.02 -27.37 -64.21
CA GLY D 219 -0.59 -26.03 -64.24
C GLY D 219 0.04 -25.00 -63.32
N VAL D 220 1.36 -24.92 -63.36
CA VAL D 220 2.11 -23.92 -62.61
C VAL D 220 2.98 -23.18 -63.58
N PHE D 221 2.84 -21.87 -63.66
CA PHE D 221 3.61 -21.09 -64.63
C PHE D 221 4.57 -20.22 -63.86
N THR D 222 5.79 -20.05 -64.33
CA THR D 222 6.73 -19.14 -63.68
C THR D 222 6.64 -17.80 -64.35
N ALA D 223 6.50 -16.76 -63.55
CA ALA D 223 6.79 -15.43 -64.03
C ALA D 223 8.10 -14.98 -63.38
N SER D 224 8.69 -13.93 -63.94
CA SER D 224 9.95 -13.41 -63.44
C SER D 224 9.85 -11.90 -63.46
N ILE D 225 9.57 -11.30 -62.30
CA ILE D 225 9.43 -9.86 -62.19
C ILE D 225 10.78 -9.32 -61.85
N PRO D 226 11.33 -8.43 -62.70
CA PRO D 226 12.70 -8.03 -62.43
C PRO D 226 12.78 -7.33 -61.06
N GLY D 227 13.62 -7.89 -60.17
CA GLY D 227 13.84 -7.36 -58.81
C GLY D 227 13.40 -8.34 -57.74
N ALA D 228 12.20 -8.86 -57.92
CA ALA D 228 11.62 -9.86 -57.03
C ALA D 228 12.28 -11.23 -57.23
N PRO D 229 11.80 -12.24 -56.51
CA PRO D 229 12.21 -13.57 -56.89
C PRO D 229 11.54 -14.12 -58.14
N VAL D 230 11.94 -15.34 -58.43
CA VAL D 230 11.28 -16.14 -59.42
C VAL D 230 9.91 -16.28 -58.80
N LEU D 231 8.90 -16.05 -59.59
CA LEU D 231 7.55 -16.00 -59.08
C LEU D 231 6.81 -17.17 -59.71
N ASN D 232 6.41 -18.17 -58.95
CA ASN D 232 5.73 -19.27 -59.60
C ASN D 232 4.32 -19.49 -59.11
N ILE D 233 3.43 -19.61 -60.06
CA ILE D 233 2.01 -19.37 -59.87
C ILE D 233 1.09 -20.57 -60.15
N SER D 234 -0.03 -20.62 -59.43
CA SER D 234 -1.18 -21.45 -59.76
C SER D 234 -2.40 -20.56 -59.81
N VAL D 235 -3.26 -20.81 -60.79
CA VAL D 235 -4.52 -20.12 -60.85
C VAL D 235 -5.58 -21.17 -60.62
N ASN D 236 -5.65 -21.64 -59.38
CA ASN D 236 -6.69 -22.56 -58.99
C ASN D 236 -7.94 -21.77 -58.64
N ASP D 237 -8.97 -21.84 -59.46
CA ASP D 237 -10.20 -21.06 -59.23
C ASP D 237 -11.43 -21.93 -58.97
N SER D 238 -11.17 -23.21 -58.77
CA SER D 238 -12.23 -24.18 -58.64
C SER D 238 -12.82 -24.02 -57.23
N THR D 239 -11.96 -24.16 -56.23
CA THR D 239 -12.42 -24.19 -54.87
C THR D 239 -12.11 -22.86 -54.18
N PRO D 240 -13.01 -22.41 -53.28
CA PRO D 240 -12.66 -21.28 -52.41
C PRO D 240 -11.66 -21.70 -51.35
N ALA D 241 -10.79 -20.79 -50.97
CA ALA D 241 -9.79 -21.05 -49.93
C ALA D 241 -10.37 -20.73 -48.56
N VAL D 242 -9.67 -21.18 -47.52
CA VAL D 242 -10.02 -20.84 -46.14
C VAL D 242 -9.36 -19.50 -45.84
N GLN D 243 -10.06 -18.64 -45.12
CA GLN D 243 -9.54 -17.30 -44.83
C GLN D 243 -8.43 -17.39 -43.77
N THR D 244 -7.21 -17.63 -44.23
CA THR D 244 -6.06 -17.77 -43.35
C THR D 244 -5.29 -16.45 -43.19
N LEU D 245 -4.90 -16.12 -41.97
CA LEU D 245 -4.07 -14.93 -41.71
C LEU D 245 -2.81 -15.22 -40.91
N SER D 246 -1.68 -14.70 -41.39
CA SER D 246 -0.41 -14.83 -40.69
C SER D 246 -0.43 -13.91 -39.49
N PRO D 247 0.33 -14.25 -38.44
CA PRO D 247 0.34 -13.41 -37.24
C PRO D 247 0.78 -11.95 -37.46
N GLY D 248 1.96 -11.74 -38.06
CA GLY D 248 2.49 -10.39 -38.28
C GLY D 248 1.86 -9.50 -39.36
N VAL D 249 0.73 -9.93 -39.94
CA VAL D 249 -0.03 -9.15 -40.95
C VAL D 249 -1.46 -8.95 -40.47
N THR D 250 -1.78 -7.73 -40.03
CA THR D 250 -3.07 -7.42 -39.37
C THR D 250 -3.91 -6.47 -40.17
N ASN D 251 -4.85 -7.01 -40.92
CA ASN D 251 -5.59 -6.23 -41.93
C ASN D 251 -6.37 -5.06 -41.30
N ASN D 252 -5.81 -3.86 -41.45
CA ASN D 252 -6.40 -2.63 -40.92
C ASN D 252 -7.87 -2.59 -41.21
N THR D 253 -8.62 -2.13 -40.21
CA THR D 253 -10.08 -2.02 -40.29
C THR D 253 -10.53 -0.62 -40.75
N ASP D 254 -9.91 0.43 -40.20
CA ASP D 254 -10.21 1.79 -40.62
C ASP D 254 -9.77 1.95 -42.08
N LYS D 255 -10.73 2.03 -42.99
CA LYS D 255 -10.43 2.17 -44.43
C LYS D 255 -10.47 3.65 -44.92
N ASP D 256 -9.79 4.54 -44.21
CA ASP D 256 -9.80 5.95 -44.58
C ASP D 256 -8.84 6.23 -45.75
N VAL D 257 -9.05 7.33 -46.50
CA VAL D 257 -8.22 7.65 -47.67
C VAL D 257 -7.30 8.82 -47.41
N ARG D 258 -6.10 8.57 -46.92
CA ARG D 258 -5.13 9.62 -46.60
C ARG D 258 -4.06 9.74 -47.71
N PRO D 259 -3.31 10.86 -47.75
CA PRO D 259 -2.23 10.98 -48.76
C PRO D 259 -1.16 9.93 -48.53
N ALA D 260 -0.36 9.68 -49.57
CA ALA D 260 0.55 8.53 -49.56
C ALA D 260 1.99 8.94 -49.39
N GLY D 261 2.76 8.02 -48.84
CA GLY D 261 4.15 8.26 -48.52
C GLY D 261 4.98 8.64 -49.73
N PHE D 262 5.83 9.64 -49.51
CA PHE D 262 6.79 10.14 -50.48
C PHE D 262 7.70 9.00 -50.92
N THR D 263 7.86 7.99 -50.06
CA THR D 263 8.69 6.85 -50.34
C THR D 263 7.89 5.65 -50.80
N GLN D 264 6.68 5.86 -51.31
CA GLN D 264 5.79 4.76 -51.62
C GLN D 264 6.39 3.77 -52.61
N GLY D 265 6.32 2.52 -52.26
CA GLY D 265 6.81 1.48 -53.14
C GLY D 265 8.31 1.24 -53.10
N GLY D 266 9.02 2.00 -52.29
CA GLY D 266 10.46 1.84 -52.16
C GLY D 266 10.92 0.40 -52.22
N ASN D 267 10.22 -0.48 -51.52
CA ASN D 267 10.71 -1.84 -51.36
C ASN D 267 9.77 -2.85 -51.92
N THR D 268 8.87 -2.38 -52.79
CA THR D 268 7.89 -3.26 -53.44
C THR D 268 8.05 -3.34 -54.97
N ARG D 269 8.03 -4.56 -55.50
CA ARG D 269 8.12 -4.81 -56.96
C ARG D 269 6.86 -5.53 -57.50
N ASP D 270 6.20 -4.93 -58.50
CA ASP D 270 4.93 -5.46 -59.02
C ASP D 270 4.97 -5.62 -60.50
N ALA D 271 3.99 -6.34 -61.02
CA ALA D 271 3.82 -6.54 -62.47
C ALA D 271 2.43 -7.07 -62.83
N VAL D 272 2.08 -6.93 -64.10
CA VAL D 272 0.89 -7.59 -64.63
C VAL D 272 1.37 -8.84 -65.33
N ILE D 273 0.72 -9.96 -65.05
CA ILE D 273 1.20 -11.24 -65.57
C ILE D 273 0.24 -11.84 -66.59
N ARG D 274 0.77 -11.99 -67.81
CA ARG D 274 0.05 -12.58 -68.92
C ARG D 274 0.39 -14.05 -68.98
N PHE D 275 -0.64 -14.87 -69.05
CA PHE D 275 -0.47 -16.32 -69.16
C PHE D 275 -0.46 -16.71 -70.64
N PRO D 276 -0.07 -17.97 -70.95
CA PRO D 276 -0.08 -18.43 -72.35
C PRO D 276 -1.47 -18.49 -72.92
N LYS D 277 -1.59 -18.05 -74.17
CA LYS D 277 -2.87 -17.71 -74.78
C LYS D 277 -3.85 -18.88 -74.77
N ASP D 278 -3.32 -20.09 -74.70
CA ASP D 278 -4.13 -21.33 -74.69
C ASP D 278 -4.27 -22.04 -73.32
N SER D 279 -4.39 -21.28 -72.24
CA SER D 279 -4.57 -21.89 -70.90
C SER D 279 -5.75 -21.32 -70.12
N GLY D 280 -6.36 -20.26 -70.64
CA GLY D 280 -7.59 -19.70 -70.08
C GLY D 280 -7.51 -19.24 -68.66
N HIS D 281 -6.44 -18.52 -68.32
CA HIS D 281 -6.35 -17.75 -67.07
C HIS D 281 -6.10 -16.30 -67.45
N ASN D 282 -7.12 -15.45 -67.35
CA ASN D 282 -6.89 -14.05 -67.70
C ASN D 282 -5.91 -13.41 -66.71
N ALA D 283 -5.32 -12.30 -67.10
CA ALA D 283 -4.13 -11.80 -66.41
C ALA D 283 -4.35 -11.48 -64.94
N VAL D 284 -3.27 -11.67 -64.22
CA VAL D 284 -3.20 -11.40 -62.81
C VAL D 284 -2.20 -10.28 -62.60
N TYR D 285 -2.54 -9.37 -61.69
CA TYR D 285 -1.62 -8.36 -61.21
C TYR D 285 -1.05 -8.87 -59.90
N VAL D 286 0.24 -8.69 -59.65
CA VAL D 286 0.88 -9.20 -58.42
C VAL D 286 1.88 -8.21 -57.88
N SER D 287 1.69 -7.70 -56.66
CA SER D 287 2.75 -6.87 -56.04
C SER D 287 3.48 -7.68 -54.98
N VAL D 288 4.80 -7.61 -55.03
CA VAL D 288 5.67 -8.32 -54.09
C VAL D 288 6.47 -7.29 -53.35
N SER D 289 6.30 -7.23 -52.03
CA SER D 289 6.99 -6.19 -51.30
C SER D 289 7.84 -6.75 -50.19
N ASP D 290 8.95 -6.09 -49.89
CA ASP D 290 9.89 -6.56 -48.86
C ASP D 290 9.37 -6.22 -47.47
N VAL D 291 9.75 -7.06 -46.51
CA VAL D 291 9.37 -6.86 -45.11
C VAL D 291 10.51 -6.15 -44.36
N LEU D 292 10.16 -5.31 -43.42
CA LEU D 292 11.14 -4.45 -42.81
C LEU D 292 11.27 -4.62 -41.30
N SER D 293 12.47 -4.97 -40.88
CA SER D 293 12.84 -4.99 -39.46
C SER D 293 12.86 -3.54 -38.99
N PRO D 294 12.45 -3.27 -37.73
CA PRO D 294 12.00 -1.95 -37.35
C PRO D 294 13.06 -0.88 -37.42
N ASP D 295 14.32 -1.27 -37.48
CA ASP D 295 15.33 -0.31 -37.85
C ASP D 295 14.99 0.17 -39.25
N GLN D 296 14.94 -0.74 -40.22
CA GLN D 296 14.59 -0.40 -41.62
C GLN D 296 13.38 0.54 -41.65
N VAL D 297 12.42 0.29 -40.77
CA VAL D 297 11.18 1.04 -40.77
C VAL D 297 11.38 2.48 -40.33
N LYS D 298 12.15 2.67 -39.26
CA LYS D 298 12.51 4.00 -38.77
C LYS D 298 13.24 4.72 -39.87
N GLN D 299 14.22 4.06 -40.47
CA GLN D 299 15.00 4.66 -41.58
C GLN D 299 14.05 5.21 -42.65
N ARG D 300 13.08 4.39 -43.04
CA ARG D 300 12.06 4.83 -43.98
C ARG D 300 11.23 5.95 -43.40
N GLN D 301 10.75 5.75 -42.19
CA GLN D 301 9.84 6.70 -41.56
C GLN D 301 10.57 8.01 -41.32
N ASP D 302 11.91 7.93 -41.27
CA ASP D 302 12.72 9.14 -41.15
C ASP D 302 12.78 9.87 -42.51
N GLU D 303 13.28 9.15 -43.52
CA GLU D 303 13.26 9.63 -44.90
C GLU D 303 11.92 10.33 -45.10
N GLU D 304 10.87 9.63 -44.72
CA GLU D 304 9.52 10.09 -44.91
C GLU D 304 9.27 11.45 -44.24
N ASN D 305 9.67 11.58 -42.98
CA ASN D 305 9.47 12.84 -42.23
C ASN D 305 10.20 14.09 -42.76
N ARG D 306 11.44 13.87 -43.21
CA ARG D 306 12.23 14.90 -43.88
C ARG D 306 11.52 15.40 -45.13
N ARG D 307 11.16 14.49 -46.04
CA ARG D 307 10.49 14.86 -47.27
C ARG D 307 9.16 15.60 -47.00
N GLN D 308 8.53 15.32 -45.85
CA GLN D 308 7.32 16.02 -45.44
C GLN D 308 7.57 17.44 -44.98
N GLN D 309 8.73 17.71 -44.38
CA GLN D 309 9.08 19.09 -44.02
C GLN D 309 9.36 19.91 -45.27
N GLU D 310 10.14 19.30 -46.17
CA GLU D 310 10.51 19.86 -47.47
C GLU D 310 9.34 20.20 -48.38
N TRP D 311 8.22 19.51 -48.20
CA TRP D 311 7.01 19.79 -48.95
C TRP D 311 6.19 20.91 -48.31
N ASP D 312 6.26 21.02 -46.98
CA ASP D 312 5.53 22.05 -46.27
C ASP D 312 6.15 23.39 -46.58
N ALA D 313 7.47 23.40 -46.66
CA ALA D 313 8.21 24.60 -47.02
C ALA D 313 7.66 25.25 -48.31
N THR D 314 7.45 24.43 -49.34
CA THR D 314 7.01 24.92 -50.66
C THR D 314 5.51 25.17 -50.65
N HIS D 315 4.78 24.35 -49.90
CA HIS D 315 3.33 24.46 -49.81
C HIS D 315 2.94 24.95 -48.44
N PRO D 316 2.98 26.27 -48.21
CA PRO D 316 2.63 26.78 -46.90
C PRO D 316 1.13 26.83 -46.71
N VAL D 317 0.40 27.03 -47.81
CA VAL D 317 -1.05 27.20 -47.76
C VAL D 317 -1.76 25.91 -47.36
N GLU D 318 -1.46 24.83 -48.09
CA GLU D 318 -2.04 23.51 -47.89
C GLU D 318 -1.65 22.95 -46.50
N ALA D 319 -0.43 23.30 -46.05
CA ALA D 319 0.19 22.78 -44.81
C ALA D 319 -0.35 23.50 -43.59
N ALA D 320 -0.52 24.82 -43.71
CA ALA D 320 -1.25 25.54 -42.69
C ALA D 320 -2.65 24.95 -42.50
N GLU D 321 -3.29 24.52 -43.59
CA GLU D 321 -4.61 23.88 -43.52
C GLU D 321 -4.57 22.48 -42.86
N ARG D 322 -3.42 21.81 -42.89
CA ARG D 322 -3.29 20.56 -42.16
C ARG D 322 -3.23 20.85 -40.69
N ASN D 323 -2.51 21.89 -40.30
CA ASN D 323 -2.47 22.26 -38.88
C ASN D 323 -3.84 22.51 -38.30
N CYS D 324 -4.67 23.30 -38.98
CA CYS D 324 -6.04 23.57 -38.52
C CYS D 324 -6.82 22.30 -38.29
N GLU D 325 -6.66 21.30 -39.14
CA GLU D 325 -7.32 20.03 -38.87
C GLU D 325 -6.71 19.33 -37.64
N ARG D 326 -5.39 19.16 -37.59
CA ARG D 326 -4.74 18.43 -36.49
C ARG D 326 -4.95 19.14 -35.16
N ALA D 327 -4.54 20.41 -35.12
CA ALA D 327 -4.65 21.23 -33.89
C ALA D 327 -6.08 21.35 -33.34
N ARG D 328 -7.05 21.45 -34.24
CA ARG D 328 -8.46 21.60 -33.86
C ARG D 328 -9.06 20.25 -33.49
N ALA D 329 -8.54 19.17 -34.08
CA ALA D 329 -9.03 17.82 -33.74
C ALA D 329 -8.31 17.22 -32.53
N GLU D 330 -7.29 17.92 -32.04
CA GLU D 330 -6.75 17.66 -30.72
C GLU D 330 -7.68 18.18 -29.64
N LEU D 331 -8.11 19.44 -29.75
CA LEU D 331 -9.04 20.04 -28.77
C LEU D 331 -10.23 19.14 -28.60
N ASN D 332 -10.72 18.57 -29.67
CA ASN D 332 -11.81 17.64 -29.59
C ASN D 332 -11.50 16.44 -28.69
N GLN D 333 -10.28 15.93 -28.75
CA GLN D 333 -9.88 14.79 -27.94
C GLN D 333 -9.52 15.17 -26.53
N ALA D 334 -8.96 16.37 -26.37
CA ALA D 334 -8.58 16.88 -25.06
C ALA D 334 -9.82 17.08 -24.22
N ASN D 335 -10.91 17.44 -24.87
CA ASN D 335 -12.21 17.52 -24.23
C ASN D 335 -12.68 16.13 -23.89
N GLU D 336 -12.92 15.29 -24.89
CA GLU D 336 -13.35 13.92 -24.63
C GLU D 336 -12.66 13.37 -23.38
N ASP D 337 -11.37 13.68 -23.25
CA ASP D 337 -10.54 13.28 -22.10
C ASP D 337 -11.14 13.73 -20.78
N VAL D 338 -11.42 15.03 -20.66
CA VAL D 338 -12.05 15.57 -19.47
C VAL D 338 -13.33 14.79 -19.12
N ALA D 339 -14.21 14.57 -20.10
CA ALA D 339 -15.43 13.78 -19.88
C ALA D 339 -15.17 12.39 -19.33
N ARG D 340 -14.18 11.71 -19.89
CA ARG D 340 -13.84 10.40 -19.37
C ARG D 340 -13.30 10.49 -17.93
N ASN D 341 -12.58 11.57 -17.61
CA ASN D 341 -12.03 11.76 -16.24
C ASN D 341 -13.07 12.08 -15.23
N GLN D 342 -14.01 12.94 -15.60
CA GLN D 342 -15.14 13.22 -14.75
C GLN D 342 -15.86 11.94 -14.37
N GLU D 343 -15.97 10.98 -15.29
CA GLU D 343 -16.58 9.71 -14.95
C GLU D 343 -15.80 9.04 -13.83
N ARG D 344 -14.48 9.00 -13.98
CA ARG D 344 -13.59 8.35 -13.01
C ARG D 344 -13.60 9.02 -11.66
N GLN D 345 -13.57 10.33 -11.69
CA GLN D 345 -13.46 11.14 -10.49
C GLN D 345 -14.77 11.11 -9.74
N ALA D 346 -15.86 11.38 -10.46
CA ALA D 346 -17.19 11.28 -9.84
C ALA D 346 -17.52 9.88 -9.34
N LYS D 347 -17.06 8.85 -10.01
CA LYS D 347 -17.13 7.47 -9.47
C LYS D 347 -16.31 7.28 -8.21
N ALA D 348 -15.08 7.77 -8.24
CA ALA D 348 -14.19 7.69 -7.06
C ALA D 348 -14.75 8.40 -5.83
N VAL D 349 -15.59 9.42 -6.05
CA VAL D 349 -16.34 10.01 -4.96
C VAL D 349 -17.35 9.01 -4.42
N GLN D 350 -18.20 8.44 -5.26
CA GLN D 350 -19.18 7.49 -4.73
C GLN D 350 -18.52 6.42 -3.88
N VAL D 351 -17.46 5.81 -4.42
CA VAL D 351 -16.78 4.75 -3.70
C VAL D 351 -16.19 5.25 -2.40
N TYR D 352 -15.69 6.47 -2.42
CA TYR D 352 -15.08 7.08 -1.25
C TYR D 352 -16.05 7.16 -0.11
N ASN D 353 -17.21 7.71 -0.41
CA ASN D 353 -18.25 7.91 0.58
C ASN D 353 -18.75 6.58 1.10
N SER D 354 -19.14 5.68 0.23
CA SER D 354 -19.63 4.38 0.70
C SER D 354 -18.56 3.66 1.53
N ARG D 355 -17.29 3.91 1.25
CA ARG D 355 -16.21 3.22 1.96
C ARG D 355 -15.95 3.85 3.30
N LYS D 356 -16.10 5.16 3.35
CA LYS D 356 -16.01 5.92 4.58
C LYS D 356 -17.09 5.45 5.54
N SER D 357 -18.30 5.32 5.02
CA SER D 357 -19.50 4.98 5.79
C SER D 357 -19.44 3.60 6.40
N GLU D 358 -18.91 2.66 5.65
CA GLU D 358 -18.75 1.31 6.17
C GLU D 358 -17.75 1.35 7.32
N LEU D 359 -16.72 2.21 7.18
CA LEU D 359 -15.66 2.33 8.19
C LEU D 359 -16.13 3.02 9.45
N ASP D 360 -16.74 4.20 9.29
CA ASP D 360 -17.35 4.91 10.43
C ASP D 360 -18.25 3.98 11.28
N ALA D 361 -19.09 3.22 10.60
CA ALA D 361 -19.89 2.16 11.20
C ALA D 361 -19.03 1.18 11.96
N ALA D 362 -18.03 0.63 11.29
CA ALA D 362 -17.19 -0.36 11.94
C ALA D 362 -16.48 0.20 13.17
N ASN D 363 -16.23 1.50 13.17
CA ASN D 363 -15.59 2.15 14.30
C ASN D 363 -16.56 2.22 15.44
N LYS D 364 -17.78 2.66 15.17
CA LYS D 364 -18.78 2.65 16.24
C LYS D 364 -18.93 1.24 16.82
N THR D 365 -19.03 0.21 15.98
CA THR D 365 -19.11 -1.20 16.46
C THR D 365 -18.02 -1.55 17.45
N LEU D 366 -16.84 -0.94 17.25
CA LEU D 366 -15.68 -1.16 18.11
C LEU D 366 -15.85 -0.54 19.48
N ALA D 367 -16.14 0.76 19.54
CA ALA D 367 -16.41 1.40 20.83
C ALA D 367 -17.44 0.57 21.60
N ASP D 368 -18.53 0.21 20.92
CA ASP D 368 -19.62 -0.62 21.46
C ASP D 368 -19.05 -1.89 22.04
N ALA D 369 -18.16 -2.52 21.29
CA ALA D 369 -17.50 -3.73 21.73
C ALA D 369 -16.67 -3.49 22.96
N ILE D 370 -15.92 -2.40 22.92
CA ILE D 370 -14.97 -2.10 23.98
C ILE D 370 -15.73 -1.86 25.26
N ALA D 371 -16.81 -1.09 25.16
CA ALA D 371 -17.59 -0.82 26.34
C ALA D 371 -18.04 -2.15 26.90
N GLU D 372 -18.64 -2.99 26.08
CA GLU D 372 -19.19 -4.21 26.62
C GLU D 372 -18.10 -4.98 27.38
N ILE D 373 -16.86 -4.89 26.91
CA ILE D 373 -15.78 -5.59 27.59
C ILE D 373 -15.50 -4.91 28.93
N LYS D 374 -15.72 -3.62 29.02
CA LYS D 374 -15.53 -2.91 30.30
C LYS D 374 -16.70 -3.15 31.21
N GLN D 375 -17.88 -3.22 30.61
CA GLN D 375 -19.05 -3.50 31.37
C GLN D 375 -18.88 -4.74 32.21
N PHE D 376 -18.19 -5.75 31.69
CA PHE D 376 -18.04 -7.01 32.41
C PHE D 376 -16.69 -7.22 33.04
N ASN D 377 -15.83 -6.20 33.02
CA ASN D 377 -14.50 -6.33 33.60
C ASN D 377 -14.52 -6.81 35.06
N ARG D 378 -15.56 -6.44 35.82
CA ARG D 378 -15.61 -6.80 37.24
C ARG D 378 -15.55 -8.32 37.47
N PHE D 379 -15.99 -9.10 36.48
CA PHE D 379 -15.92 -10.55 36.57
C PHE D 379 -14.59 -11.13 36.14
N ALA D 380 -13.65 -10.26 35.78
CA ALA D 380 -12.46 -10.66 35.05
C ALA D 380 -11.55 -11.63 35.80
N HIS D 381 -11.56 -11.54 37.14
CA HIS D 381 -10.81 -12.44 37.99
C HIS D 381 -11.72 -13.38 38.74
N ASP D 382 -12.88 -13.69 38.18
CA ASP D 382 -13.78 -14.64 38.83
C ASP D 382 -14.22 -15.76 37.88
N PRO D 383 -13.37 -16.81 37.73
CA PRO D 383 -13.47 -17.92 36.77
C PRO D 383 -14.76 -18.69 36.86
N MET D 384 -15.32 -18.69 38.05
CA MET D 384 -16.50 -19.45 38.35
C MET D 384 -17.78 -18.65 38.18
N ALA D 385 -17.95 -17.96 37.06
CA ALA D 385 -19.04 -16.98 36.96
C ALA D 385 -19.48 -16.76 35.53
N GLY D 386 -20.78 -16.75 35.30
CA GLY D 386 -21.31 -16.47 33.97
C GLY D 386 -20.76 -15.17 33.40
N GLY D 387 -20.61 -14.17 34.26
CA GLY D 387 -19.99 -12.92 33.85
C GLY D 387 -18.59 -13.07 33.30
N HIS D 388 -17.86 -14.09 33.71
CA HIS D 388 -16.57 -14.33 33.12
C HIS D 388 -16.69 -14.87 31.72
N ARG D 389 -17.56 -15.84 31.54
CA ARG D 389 -17.89 -16.36 30.22
C ARG D 389 -18.25 -15.18 29.38
N MET D 390 -19.09 -14.30 29.90
CA MET D 390 -19.57 -13.15 29.10
C MET D 390 -18.54 -12.06 28.92
N TRP D 391 -17.51 -12.02 29.77
CA TRP D 391 -16.40 -11.09 29.61
C TRP D 391 -15.55 -11.56 28.45
N GLN D 392 -15.20 -12.84 28.47
CA GLN D 392 -14.47 -13.45 27.36
C GLN D 392 -15.13 -13.20 26.03
N MET D 393 -16.46 -13.31 26.01
CA MET D 393 -17.18 -13.09 24.78
C MET D 393 -16.85 -11.70 24.30
N ALA D 394 -16.94 -10.73 25.18
CA ALA D 394 -16.83 -9.34 24.75
C ALA D 394 -15.43 -8.95 24.29
N GLY D 395 -14.45 -9.78 24.62
CA GLY D 395 -13.10 -9.62 24.10
C GLY D 395 -12.93 -10.27 22.76
N LEU D 396 -13.38 -11.51 22.69
CA LEU D 396 -13.48 -12.19 21.42
C LEU D 396 -14.34 -11.45 20.43
N LYS D 397 -15.33 -10.73 20.91
CA LYS D 397 -16.16 -10.01 20.02
C LYS D 397 -15.48 -8.73 19.59
N ALA D 398 -14.59 -8.24 20.42
CA ALA D 398 -13.91 -7.01 20.09
C ALA D 398 -12.72 -7.18 19.14
N GLN D 399 -12.05 -8.34 19.13
CA GLN D 399 -11.00 -8.56 18.11
C GLN D 399 -11.61 -8.69 16.71
N ARG D 400 -12.79 -9.29 16.66
CA ARG D 400 -13.54 -9.41 15.44
C ARG D 400 -13.94 -8.01 14.95
N ALA D 401 -14.27 -7.12 15.87
CA ALA D 401 -14.70 -5.79 15.47
C ALA D 401 -13.53 -4.95 15.03
N GLN D 402 -12.37 -5.31 15.58
CA GLN D 402 -11.11 -4.60 15.35
C GLN D 402 -10.64 -4.97 13.98
N THR D 403 -10.42 -6.27 13.80
CA THR D 403 -10.12 -6.84 12.49
C THR D 403 -11.05 -6.21 11.43
N ASP D 404 -12.34 -6.19 11.67
CA ASP D 404 -13.22 -5.58 10.68
C ASP D 404 -12.87 -4.11 10.53
N VAL D 405 -12.50 -3.41 11.60
CA VAL D 405 -12.08 -2.02 11.38
C VAL D 405 -10.83 -1.96 10.52
N ASN D 406 -9.88 -2.84 10.79
CA ASN D 406 -8.64 -2.82 10.05
C ASN D 406 -8.88 -2.98 8.58
N ASN D 407 -9.69 -3.95 8.20
CA ASN D 407 -9.90 -4.25 6.80
C ASN D 407 -10.66 -3.16 6.12
N LYS D 408 -11.51 -2.48 6.87
CA LYS D 408 -12.36 -1.46 6.27
C LYS D 408 -11.68 -0.16 6.21
N GLN D 409 -10.67 0.01 7.07
CA GLN D 409 -9.79 1.19 7.02
C GLN D 409 -8.90 1.09 5.77
N ALA D 410 -8.38 -0.11 5.50
CA ALA D 410 -7.52 -0.34 4.35
C ALA D 410 -8.26 0.17 3.15
N ALA D 411 -9.43 -0.43 2.97
CA ALA D 411 -10.28 -0.17 1.86
C ALA D 411 -10.68 1.33 1.77
N PHE D 412 -11.00 1.95 2.89
CA PHE D 412 -11.27 3.39 2.87
C PHE D 412 -10.06 4.20 2.44
N ASP D 413 -8.89 3.77 2.85
CA ASP D 413 -7.70 4.50 2.45
C ASP D 413 -7.53 4.35 0.94
N ALA D 414 -7.69 3.13 0.43
CA ALA D 414 -7.53 2.90 -1.00
C ALA D 414 -8.42 3.82 -1.84
N ALA D 415 -9.66 4.00 -1.39
CA ALA D 415 -10.57 4.93 -2.06
C ALA D 415 -10.03 6.34 -2.01
N ALA D 416 -9.54 6.73 -0.82
CA ALA D 416 -9.02 8.07 -0.54
C ALA D 416 -7.88 8.43 -1.46
N LYS D 417 -7.04 7.44 -1.73
CA LYS D 417 -6.02 7.56 -2.75
C LYS D 417 -6.70 7.78 -4.10
N GLU D 418 -7.47 6.79 -4.59
CA GLU D 418 -8.06 6.87 -5.93
C GLU D 418 -8.80 8.18 -6.23
N LYS D 419 -9.38 8.77 -5.20
CA LYS D 419 -10.09 10.03 -5.30
C LYS D 419 -9.07 11.12 -5.52
N SER D 420 -8.08 11.21 -4.63
CA SER D 420 -7.03 12.20 -4.74
C SER D 420 -6.32 12.08 -6.08
N ASP D 421 -5.93 10.86 -6.45
CA ASP D 421 -5.33 10.60 -7.76
C ASP D 421 -6.19 11.11 -8.91
N ALA D 422 -7.50 10.88 -8.81
CA ALA D 422 -8.48 11.31 -9.84
C ALA D 422 -8.71 12.81 -9.88
N ASP D 423 -8.56 13.46 -8.72
CA ASP D 423 -8.69 14.91 -8.65
C ASP D 423 -7.52 15.60 -9.35
N ALA D 424 -6.33 15.00 -9.27
CA ALA D 424 -5.17 15.50 -10.00
C ALA D 424 -5.32 15.25 -11.50
N ALA D 425 -5.79 14.07 -11.88
CA ALA D 425 -5.99 13.73 -13.29
C ALA D 425 -6.93 14.72 -13.95
N LEU D 426 -8.04 14.98 -13.30
CA LEU D 426 -9.00 15.94 -13.81
C LEU D 426 -8.39 17.33 -13.94
N SER D 427 -7.86 17.86 -12.85
CA SER D 427 -7.31 19.22 -12.86
C SER D 427 -6.29 19.34 -13.97
N ALA D 428 -5.43 18.33 -14.08
CA ALA D 428 -4.33 18.32 -15.06
C ALA D 428 -4.85 18.22 -16.51
N ALA D 429 -5.82 17.33 -16.71
CA ALA D 429 -6.42 17.14 -18.02
C ALA D 429 -7.26 18.32 -18.48
N GLN D 430 -7.51 19.25 -17.57
CA GLN D 430 -8.20 20.50 -17.89
C GLN D 430 -7.18 21.54 -18.35
N GLU D 431 -6.00 21.55 -17.73
CA GLU D 431 -4.94 22.42 -18.24
C GLU D 431 -4.76 22.12 -19.72
N ARG D 432 -4.77 20.84 -20.10
CA ARG D 432 -4.72 20.45 -21.51
C ARG D 432 -5.71 21.17 -22.39
N ARG D 433 -6.97 21.27 -21.99
CA ARG D 433 -7.91 22.09 -22.76
C ARG D 433 -7.37 23.51 -22.87
N LYS D 434 -7.16 24.17 -21.74
CA LYS D 434 -6.62 25.53 -21.76
C LYS D 434 -5.35 25.59 -22.62
N GLN D 435 -4.45 24.62 -22.46
CA GLN D 435 -3.19 24.59 -23.18
C GLN D 435 -3.37 24.27 -24.69
N LYS D 436 -4.34 23.44 -25.04
CA LYS D 436 -4.59 23.04 -26.45
C LYS D 436 -5.75 23.77 -27.09
N GLU D 437 -6.37 24.68 -26.35
CA GLU D 437 -7.45 25.55 -26.87
C GLU D 437 -6.81 26.79 -27.46
N ASN D 438 -5.79 27.32 -26.78
CA ASN D 438 -4.97 28.38 -27.36
C ASN D 438 -4.39 27.92 -28.68
N LYS D 439 -3.69 26.79 -28.63
CA LYS D 439 -3.07 26.22 -29.80
C LYS D 439 -4.03 26.23 -31.00
N GLU D 440 -5.25 25.74 -30.80
CA GLU D 440 -6.25 25.68 -31.87
C GLU D 440 -6.64 27.05 -32.37
N LYS D 441 -6.91 27.96 -31.45
CA LYS D 441 -7.26 29.33 -31.82
C LYS D 441 -6.15 29.94 -32.68
N ASP D 442 -4.91 29.95 -32.16
CA ASP D 442 -3.74 30.52 -32.85
C ASP D 442 -3.56 29.95 -34.26
N ALA D 443 -3.83 28.65 -34.41
CA ALA D 443 -3.76 28.00 -35.70
C ALA D 443 -4.90 28.45 -36.61
N LYS D 444 -6.09 28.65 -36.03
CA LYS D 444 -7.26 29.10 -36.78
C LYS D 444 -7.02 30.52 -37.33
N ASP D 445 -6.51 31.40 -36.47
CA ASP D 445 -6.18 32.79 -36.84
C ASP D 445 -5.07 32.86 -37.88
N LYS D 446 -4.22 31.83 -37.88
CA LYS D 446 -3.20 31.67 -38.89
C LYS D 446 -3.74 31.09 -40.22
N CYS D 447 -4.73 30.20 -40.16
CA CYS D 447 -5.32 29.62 -41.38
C CYS D 447 -6.01 30.63 -42.28
N ALA D 448 -6.58 31.68 -41.70
CA ALA D 448 -7.04 32.81 -42.51
C ALA D 448 -5.82 33.54 -43.10
N MET D 449 -4.87 33.94 -42.24
CA MET D 449 -3.69 34.72 -42.69
C MET D 449 -2.78 34.07 -43.76
N GLU D 450 -3.03 32.80 -44.05
CA GLU D 450 -2.29 32.13 -45.08
C GLU D 450 -3.12 32.01 -46.34
N SER D 451 -4.44 31.86 -46.20
CA SER D 451 -5.31 31.87 -47.38
C SER D 451 -5.53 33.30 -47.92
N LYS D 452 -4.78 34.28 -47.37
CA LYS D 452 -4.70 35.64 -47.91
C LYS D 452 -3.89 35.71 -49.21
N ARG D 453 -3.00 34.74 -49.42
CA ARG D 453 -2.20 34.69 -50.64
C ARG D 453 -2.99 34.15 -51.83
N ASN D 454 -4.27 33.86 -51.65
CA ASN D 454 -5.14 33.51 -52.75
C ASN D 454 -6.36 34.41 -52.75
N LYS D 455 -6.11 35.68 -52.45
CA LYS D 455 -7.14 36.69 -52.46
C LYS D 455 -6.61 37.93 -53.17
N PRO D 456 -7.48 38.63 -53.92
CA PRO D 456 -7.09 39.89 -54.56
C PRO D 456 -6.36 40.88 -53.62
N GLY D 457 -5.51 41.71 -54.20
CA GLY D 457 -4.82 42.75 -53.45
C GLY D 457 -3.96 43.60 -54.34
N LYS D 458 -3.57 44.77 -53.83
CA LYS D 458 -2.71 45.68 -54.58
C LYS D 458 -1.28 45.60 -54.08
N ALA D 459 -0.35 45.58 -55.02
CA ALA D 459 1.06 45.62 -54.70
C ALA D 459 1.43 46.98 -54.16
N THR D 460 2.32 47.01 -53.18
CA THR D 460 2.90 48.25 -52.67
C THR D 460 4.37 48.02 -52.33
N GLY D 461 5.15 49.10 -52.27
CA GLY D 461 6.57 49.02 -52.02
C GLY D 461 7.39 49.71 -53.10
N LYS D 462 8.59 50.16 -52.73
CA LYS D 462 9.49 50.88 -53.63
C LYS D 462 10.61 50.00 -54.20
N GLY D 463 11.07 49.04 -53.40
CA GLY D 463 12.16 48.16 -53.79
C GLY D 463 13.50 48.79 -53.48
N LYS D 464 14.56 48.26 -54.09
CA LYS D 464 15.91 48.75 -53.87
C LYS D 464 16.75 48.60 -55.14
N PRO D 465 17.81 49.43 -55.29
CA PRO D 465 18.71 49.31 -56.45
C PRO D 465 19.46 47.96 -56.55
N VAL D 466 19.40 47.35 -57.72
CA VAL D 466 20.04 46.04 -57.98
C VAL D 466 21.03 46.09 -59.15
N GLY D 467 22.18 45.43 -58.99
CA GLY D 467 23.23 45.44 -60.02
C GLY D 467 23.21 44.21 -60.89
N ASP D 468 24.36 43.87 -61.48
CA ASP D 468 24.52 42.63 -62.26
C ASP D 468 24.67 41.38 -61.38
N LYS D 469 24.82 41.56 -60.06
CA LYS D 469 24.91 40.43 -59.13
C LYS D 469 23.64 40.21 -58.29
N TRP D 470 22.47 40.51 -58.88
CA TRP D 470 21.19 40.40 -58.18
C TRP D 470 20.85 38.95 -57.84
N LEU D 471 20.93 38.08 -58.84
CA LEU D 471 20.62 36.66 -58.64
C LEU D 471 21.65 35.93 -57.77
N ASP D 472 22.85 36.51 -57.62
CA ASP D 472 23.88 35.97 -56.72
C ASP D 472 23.59 36.32 -55.25
N ASP D 473 23.12 37.55 -55.02
CA ASP D 473 22.71 38.01 -53.70
C ASP D 473 21.56 37.16 -53.13
N ALA D 474 20.79 36.55 -54.02
CA ALA D 474 19.71 35.63 -53.64
C ALA D 474 20.20 34.34 -52.98
N GLY D 475 21.50 34.05 -53.10
CA GLY D 475 22.10 32.90 -52.41
C GLY D 475 22.83 33.27 -51.13
N LYS D 476 22.63 34.51 -50.64
CA LYS D 476 23.32 35.00 -49.42
C LYS D 476 22.47 35.95 -48.56
N ASP D 477 22.84 36.07 -47.28
CA ASP D 477 22.13 36.88 -46.26
C ASP D 477 20.64 36.49 -46.10
N SER D 478 19.72 37.46 -46.25
CA SER D 478 18.27 37.17 -46.21
C SER D 478 17.68 37.26 -47.62
N GLY D 479 18.52 37.09 -48.63
CA GLY D 479 18.12 37.14 -50.03
C GLY D 479 18.35 38.50 -50.64
N ALA D 480 18.06 38.61 -51.93
CA ALA D 480 18.15 39.85 -52.67
C ALA D 480 16.77 40.45 -52.81
N PRO D 481 16.65 41.77 -52.57
CA PRO D 481 15.33 42.41 -52.58
C PRO D 481 14.74 42.52 -53.99
N ILE D 482 13.43 42.73 -54.08
CA ILE D 482 12.76 42.98 -55.36
C ILE D 482 13.36 44.23 -56.02
N PRO D 483 13.80 44.11 -57.28
CA PRO D 483 14.31 45.26 -58.03
C PRO D 483 13.31 46.41 -58.11
N ASP D 484 13.74 47.60 -57.71
CA ASP D 484 12.87 48.78 -57.78
C ASP D 484 12.25 48.97 -59.16
N ARG D 485 13.01 48.64 -60.21
CA ARG D 485 12.50 48.67 -61.60
C ARG D 485 11.24 47.83 -61.83
N ILE D 486 11.26 46.60 -61.32
CA ILE D 486 10.14 45.67 -61.44
C ILE D 486 9.00 46.10 -60.50
N ALA D 487 9.37 46.59 -59.31
CA ALA D 487 8.40 47.09 -58.34
C ALA D 487 7.68 48.35 -58.81
N ASP D 488 8.35 49.14 -59.64
CA ASP D 488 7.75 50.36 -60.18
C ASP D 488 6.64 50.02 -61.19
N LYS D 489 6.88 49.01 -62.02
CA LYS D 489 5.90 48.59 -63.03
C LYS D 489 4.77 47.73 -62.47
N LEU D 490 5.01 47.10 -61.32
CA LEU D 490 4.01 46.27 -60.67
C LEU D 490 3.12 47.08 -59.72
N ARG D 491 3.72 48.00 -58.97
CA ARG D 491 2.94 48.82 -58.02
C ARG D 491 1.63 49.31 -58.62
N ASP D 492 0.60 49.45 -57.79
CA ASP D 492 -0.74 49.90 -58.20
C ASP D 492 -1.55 48.83 -58.96
N LYS D 493 -0.87 47.90 -59.62
CA LYS D 493 -1.51 46.78 -60.30
C LYS D 493 -2.21 45.90 -59.26
N GLU D 494 -3.39 45.41 -59.61
CA GLU D 494 -4.12 44.46 -58.77
C GLU D 494 -3.87 43.03 -59.26
N PHE D 495 -3.84 42.08 -58.31
CA PHE D 495 -3.63 40.66 -58.62
C PHE D 495 -4.72 39.82 -57.99
N LYS D 496 -4.94 38.61 -58.52
CA LYS D 496 -5.94 37.69 -57.97
C LYS D 496 -5.36 36.74 -56.93
N SER D 497 -4.04 36.54 -56.97
CA SER D 497 -3.34 35.76 -55.95
C SER D 497 -1.85 36.14 -55.90
N PHE D 498 -1.09 35.42 -55.08
CA PHE D 498 0.37 35.52 -55.07
C PHE D 498 0.94 34.58 -56.11
N ASP D 499 0.16 33.57 -56.48
CA ASP D 499 0.54 32.66 -57.55
C ASP D 499 0.68 33.47 -58.85
N ASP D 500 -0.28 34.38 -59.08
CA ASP D 500 -0.22 35.33 -60.21
C ASP D 500 0.89 36.35 -60.10
N PHE D 501 1.07 36.95 -58.92
CA PHE D 501 2.06 38.02 -58.72
C PHE D 501 3.49 37.55 -58.96
N ARG D 502 3.82 36.35 -58.47
CA ARG D 502 5.15 35.75 -58.68
C ARG D 502 5.39 35.51 -60.18
N LYS D 503 4.36 35.05 -60.88
CA LYS D 503 4.40 34.92 -62.35
C LYS D 503 4.78 36.26 -62.98
N ALA D 504 4.04 37.30 -62.62
CA ALA D 504 4.27 38.67 -63.10
C ALA D 504 5.69 39.18 -62.83
N VAL D 505 6.22 38.95 -61.64
CA VAL D 505 7.59 39.38 -61.31
C VAL D 505 8.64 38.82 -62.27
N TRP D 506 8.46 37.56 -62.70
CA TRP D 506 9.40 36.91 -63.63
C TRP D 506 9.20 37.30 -65.10
N GLU D 507 7.99 37.71 -65.47
CA GLU D 507 7.72 38.21 -66.84
C GLU D 507 8.32 39.59 -67.07
N GLU D 508 8.36 40.41 -66.02
CA GLU D 508 8.93 41.76 -66.08
C GLU D 508 10.47 41.75 -65.98
N VAL D 509 11.03 40.69 -65.43
CA VAL D 509 12.47 40.53 -65.37
C VAL D 509 13.00 40.14 -66.76
N SER D 510 12.33 39.19 -67.40
CA SER D 510 12.70 38.73 -68.75
C SER D 510 12.83 39.91 -69.72
N LYS D 511 11.88 40.84 -69.65
CA LYS D 511 11.87 42.03 -70.53
C LYS D 511 12.93 43.07 -70.18
N ASP D 512 13.42 43.05 -68.94
CA ASP D 512 14.48 43.98 -68.56
C ASP D 512 15.82 43.48 -69.08
N PRO D 513 16.60 44.38 -69.72
CA PRO D 513 17.93 44.02 -70.23
C PRO D 513 19.03 44.01 -69.17
N GLU D 514 18.73 44.51 -67.97
CA GLU D 514 19.69 44.48 -66.86
C GLU D 514 19.51 43.22 -66.04
N LEU D 515 18.25 42.90 -65.74
CA LEU D 515 17.90 41.74 -64.93
C LEU D 515 17.96 40.43 -65.74
N SER D 516 17.58 40.48 -67.02
CA SER D 516 17.61 39.30 -67.91
C SER D 516 18.99 39.04 -68.55
N LYS D 517 19.84 40.06 -68.56
CA LYS D 517 21.21 39.95 -69.09
C LYS D 517 22.03 38.83 -68.44
N ASN D 518 21.78 38.59 -67.17
CA ASN D 518 22.51 37.58 -66.41
C ASN D 518 21.96 36.15 -66.58
N LEU D 519 20.98 35.99 -67.47
CA LEU D 519 20.28 34.72 -67.72
C LEU D 519 20.54 34.24 -69.13
N ASN D 520 20.81 32.94 -69.29
CA ASN D 520 21.11 32.38 -70.60
C ASN D 520 19.82 32.16 -71.45
N PRO D 521 19.96 31.79 -72.74
CA PRO D 521 18.81 31.63 -73.66
C PRO D 521 17.70 30.66 -73.21
N SER D 522 18.08 29.50 -72.70
CA SER D 522 17.12 28.48 -72.24
C SER D 522 16.37 28.91 -70.98
N ASN D 523 17.08 29.57 -70.07
CA ASN D 523 16.49 30.17 -68.86
C ASN D 523 15.54 31.30 -69.23
N LYS D 524 15.99 32.18 -70.12
CA LYS D 524 15.18 33.31 -70.59
C LYS D 524 13.83 32.88 -71.19
N SER D 525 13.80 31.71 -71.84
CA SER D 525 12.57 31.18 -72.41
C SER D 525 11.61 30.66 -71.34
N SER D 526 12.17 30.35 -70.17
CA SER D 526 11.36 29.93 -69.01
C SER D 526 10.72 31.13 -68.31
N VAL D 527 11.53 32.15 -67.99
CA VAL D 527 10.99 33.39 -67.37
C VAL D 527 10.01 34.17 -68.25
N SER D 528 10.14 34.05 -69.57
CA SER D 528 9.20 34.68 -70.50
C SER D 528 7.79 34.07 -70.45
N LYS D 529 7.67 32.84 -69.94
CA LYS D 529 6.37 32.15 -69.82
C LYS D 529 5.73 32.28 -68.41
N GLY D 530 6.30 33.19 -67.62
CA GLY D 530 5.86 33.40 -66.24
C GLY D 530 6.50 32.45 -65.24
N TYR D 531 7.39 31.57 -65.72
CA TYR D 531 7.98 30.54 -64.88
C TYR D 531 9.22 31.06 -64.16
N SER D 532 9.58 30.40 -63.07
CA SER D 532 10.72 30.80 -62.28
C SER D 532 12.03 30.28 -62.91
N PRO D 533 13.11 31.09 -62.86
CA PRO D 533 14.42 30.71 -63.39
C PRO D 533 15.15 29.64 -62.56
N PHE D 534 15.83 28.72 -63.25
CA PHE D 534 16.51 27.59 -62.60
C PHE D 534 17.86 27.98 -62.01
N THR D 535 18.04 27.72 -60.72
CA THR D 535 19.26 28.08 -60.01
C THR D 535 20.35 27.06 -60.29
N PRO D 536 21.63 27.44 -60.05
CA PRO D 536 22.72 26.47 -60.14
C PRO D 536 22.43 25.22 -59.32
N LYS D 537 23.08 24.10 -59.64
CA LYS D 537 22.83 22.83 -58.94
C LYS D 537 23.42 22.80 -57.53
N ASN D 538 24.42 23.65 -57.27
CA ASN D 538 24.94 23.87 -55.91
C ASN D 538 23.91 24.53 -54.97
N GLN D 539 22.92 25.24 -55.55
CA GLN D 539 21.80 25.85 -54.81
C GLN D 539 20.44 25.16 -55.07
N GLN D 540 20.46 23.95 -55.61
CA GLN D 540 19.22 23.17 -55.80
C GLN D 540 18.98 22.26 -54.59
N VAL D 541 17.72 21.86 -54.37
CA VAL D 541 17.37 20.97 -53.23
C VAL D 541 16.09 20.15 -53.49
N GLY D 542 16.25 18.90 -53.89
CA GLY D 542 15.10 18.01 -54.12
C GLY D 542 14.21 18.45 -55.28
N GLY D 543 12.92 18.66 -55.00
CA GLY D 543 11.98 19.13 -56.02
C GLY D 543 11.97 20.65 -56.21
N ARG D 544 12.83 21.35 -55.47
CA ARG D 544 12.96 22.81 -55.55
C ARG D 544 14.26 23.17 -56.26
N LYS D 545 14.19 23.47 -57.55
CA LYS D 545 15.40 23.76 -58.32
C LYS D 545 15.47 25.21 -58.83
N VAL D 546 14.42 26.00 -58.55
CA VAL D 546 14.24 27.35 -59.10
C VAL D 546 14.22 28.42 -58.01
N TYR D 547 14.45 29.67 -58.39
CA TYR D 547 14.44 30.78 -57.43
C TYR D 547 13.05 30.95 -56.80
N GLU D 548 13.03 31.09 -55.48
CA GLU D 548 11.79 31.20 -54.72
C GLU D 548 11.58 32.63 -54.25
N LEU D 549 10.32 33.01 -54.07
CA LEU D 549 9.99 34.30 -53.49
C LEU D 549 9.37 34.10 -52.11
N HIS D 550 10.10 34.52 -51.07
CA HIS D 550 9.63 34.47 -49.68
C HIS D 550 9.52 35.87 -49.08
N HIS D 551 8.66 36.03 -48.09
CA HIS D 551 8.48 37.31 -47.41
C HIS D 551 9.36 37.37 -46.17
N ASP D 552 10.06 38.49 -45.97
CA ASP D 552 10.95 38.69 -44.81
C ASP D 552 10.19 38.49 -43.51
N LYS D 553 8.99 39.05 -43.44
CA LYS D 553 8.08 38.85 -42.31
C LYS D 553 6.93 37.94 -42.71
N PRO D 554 6.88 36.72 -42.13
CA PRO D 554 5.85 35.73 -42.49
C PRO D 554 4.46 36.34 -42.52
N ILE D 555 3.64 35.89 -43.47
CA ILE D 555 2.28 36.41 -43.62
C ILE D 555 1.36 35.94 -42.49
N SER D 556 1.72 34.81 -41.87
CA SER D 556 1.02 34.30 -40.70
C SER D 556 1.18 35.14 -39.42
N GLN D 557 2.11 36.11 -39.42
CA GLN D 557 2.32 37.03 -38.28
C GLN D 557 2.06 38.51 -38.61
N GLY D 558 1.21 38.78 -39.59
CA GLY D 558 0.76 40.14 -39.91
C GLY D 558 1.70 40.71 -40.94
N GLY D 559 2.37 39.80 -41.66
CA GLY D 559 3.27 40.18 -42.72
C GLY D 559 2.47 40.56 -43.93
N GLU D 560 3.06 41.40 -44.76
CA GLU D 560 2.41 41.85 -45.98
C GLU D 560 2.56 40.85 -47.12
N VAL D 561 1.45 40.54 -47.77
CA VAL D 561 1.39 39.59 -48.89
C VAL D 561 1.98 40.22 -50.14
N TYR D 562 1.59 41.47 -50.42
CA TYR D 562 1.96 42.15 -51.67
C TYR D 562 2.97 43.29 -51.46
N ASP D 563 3.48 43.45 -50.24
CA ASP D 563 4.52 44.46 -49.94
C ASP D 563 5.86 43.98 -50.46
N MET D 564 6.37 44.65 -51.49
CA MET D 564 7.66 44.32 -52.09
C MET D 564 8.86 44.79 -51.26
N ASP D 565 8.65 45.72 -50.33
CA ASP D 565 9.66 46.04 -49.30
C ASP D 565 9.87 44.83 -48.41
N ASN D 566 8.80 44.07 -48.20
CA ASN D 566 8.81 42.87 -47.38
C ASN D 566 9.33 41.60 -48.09
N ILE D 567 9.17 41.52 -49.42
CA ILE D 567 9.56 40.30 -50.19
C ILE D 567 11.07 40.13 -50.39
N ARG D 568 11.53 38.88 -50.39
CA ARG D 568 12.96 38.53 -50.61
C ARG D 568 13.08 37.32 -51.57
N VAL D 569 13.88 37.47 -52.64
CA VAL D 569 14.11 36.40 -53.63
C VAL D 569 15.34 35.55 -53.27
N THR D 570 15.10 34.27 -52.99
CA THR D 570 16.14 33.36 -52.48
C THR D 570 16.36 32.13 -53.40
N THR D 571 17.36 31.31 -53.06
CA THR D 571 17.56 30.00 -53.70
C THR D 571 17.08 28.90 -52.75
N PRO D 572 16.62 27.76 -53.29
CA PRO D 572 16.07 26.67 -52.48
C PRO D 572 16.93 26.29 -51.26
N LYS D 573 18.22 26.02 -51.49
CA LYS D 573 19.11 25.61 -50.40
C LYS D 573 19.37 26.76 -49.42
N ARG D 574 19.40 27.99 -49.94
CA ARG D 574 19.69 29.15 -49.10
C ARG D 574 18.56 29.43 -48.11
N HIS D 575 17.31 29.40 -48.57
CA HIS D 575 16.16 29.63 -47.68
C HIS D 575 16.04 28.55 -46.60
N ILE D 576 16.61 27.36 -46.85
CA ILE D 576 16.70 26.31 -45.82
C ILE D 576 17.79 26.65 -44.80
N ASP D 577 18.96 27.06 -45.28
CA ASP D 577 20.05 27.48 -44.39
C ASP D 577 19.58 28.60 -43.46
N ILE D 578 18.98 29.66 -44.03
CA ILE D 578 18.46 30.80 -43.26
C ILE D 578 17.57 30.33 -42.12
N HIS D 579 16.40 29.76 -42.45
CA HIS D 579 15.50 29.24 -41.42
C HIS D 579 16.11 27.98 -40.80
N ARG D 580 16.97 28.20 -39.80
CA ARG D 580 17.59 27.14 -39.02
C ARG D 580 17.66 27.54 -37.55
N LEU E 3 -29.63 -11.82 65.49
CA LEU E 3 -30.96 -11.21 65.84
C LEU E 3 -30.92 -10.24 67.05
N LYS E 4 -29.73 -9.77 67.43
CA LYS E 4 -29.52 -9.03 68.69
C LYS E 4 -28.26 -8.17 68.59
N HIS E 5 -28.41 -6.88 68.31
CA HIS E 5 -27.24 -6.04 68.04
C HIS E 5 -26.64 -5.33 69.26
N SER E 6 -27.44 -5.14 70.30
CA SER E 6 -26.98 -4.49 71.52
C SER E 6 -27.33 -5.33 72.73
N ILE E 7 -26.52 -5.23 73.78
CA ILE E 7 -26.78 -5.92 75.06
C ILE E 7 -28.10 -5.47 75.69
N SER E 8 -28.56 -4.26 75.34
CA SER E 8 -29.87 -3.77 75.74
C SER E 8 -31.08 -4.42 75.01
N ASP E 9 -30.81 -5.27 74.00
CA ASP E 9 -31.82 -6.22 73.48
C ASP E 9 -32.07 -7.41 74.43
N TYR E 10 -31.10 -7.72 75.29
CA TYR E 10 -31.21 -8.83 76.26
C TYR E 10 -31.72 -8.40 77.64
N THR E 11 -32.60 -9.20 78.20
CA THR E 11 -32.97 -9.06 79.61
C THR E 11 -31.85 -9.75 80.37
N GLU E 12 -31.75 -9.51 81.67
CA GLU E 12 -30.71 -10.17 82.44
C GLU E 12 -30.87 -11.68 82.34
N ALA E 13 -32.09 -12.20 82.52
CA ALA E 13 -32.36 -13.65 82.46
C ALA E 13 -32.14 -14.25 81.05
N GLU E 14 -32.31 -13.44 80.01
CA GLU E 14 -32.03 -13.85 78.62
C GLU E 14 -30.53 -13.98 78.37
N PHE E 15 -29.78 -12.95 78.79
CA PHE E 15 -28.33 -12.95 78.68
C PHE E 15 -27.72 -14.12 79.44
N LEU E 16 -28.17 -14.36 80.67
CA LEU E 16 -27.68 -15.49 81.45
C LEU E 16 -27.74 -16.79 80.66
N GLN E 17 -28.81 -16.98 79.88
CA GLN E 17 -28.95 -18.24 79.13
C GLN E 17 -27.80 -18.47 78.13
N LEU E 18 -27.50 -17.43 77.35
CA LEU E 18 -26.35 -17.44 76.44
C LEU E 18 -25.04 -17.81 77.13
N VAL E 19 -24.80 -17.25 78.32
CA VAL E 19 -23.54 -17.47 79.04
C VAL E 19 -23.53 -18.87 79.67
N THR E 20 -24.72 -19.42 79.94
CA THR E 20 -24.83 -20.81 80.42
C THR E 20 -24.77 -21.81 79.25
N THR E 21 -25.22 -21.38 78.07
CA THR E 21 -25.01 -22.17 76.85
C THR E 21 -23.50 -22.32 76.62
N ILE E 22 -22.80 -21.18 76.52
CA ILE E 22 -21.33 -21.13 76.26
C ILE E 22 -20.45 -21.90 77.27
N CYS E 23 -20.72 -21.74 78.56
CA CYS E 23 -19.90 -22.38 79.60
C CYS E 23 -20.01 -23.88 79.57
N ASN E 24 -21.23 -24.38 79.41
CA ASN E 24 -21.47 -25.82 79.29
C ASN E 24 -21.13 -26.40 77.92
N ALA E 25 -20.85 -25.53 76.94
CA ALA E 25 -20.55 -25.91 75.54
C ALA E 25 -21.76 -26.53 74.84
N ASP E 26 -22.95 -26.08 75.23
CA ASP E 26 -24.21 -26.63 74.71
C ASP E 26 -24.40 -26.14 73.26
N THR E 27 -23.66 -26.77 72.35
CA THR E 27 -23.75 -26.46 70.92
C THR E 27 -23.64 -27.71 70.04
N SER E 28 -24.16 -27.54 68.83
CA SER E 28 -24.14 -28.55 67.79
C SER E 28 -22.74 -28.65 67.12
N SER E 29 -21.97 -27.57 67.16
CA SER E 29 -20.62 -27.54 66.60
C SER E 29 -19.70 -26.56 67.34
N GLU E 30 -18.39 -26.77 67.22
CA GLU E 30 -17.41 -25.83 67.72
C GLU E 30 -17.51 -24.49 66.98
N GLU E 31 -17.98 -24.52 65.73
CA GLU E 31 -18.15 -23.30 64.92
C GLU E 31 -19.31 -22.40 65.39
N GLU E 32 -20.38 -23.03 65.91
CA GLU E 32 -21.50 -22.30 66.50
C GLU E 32 -21.18 -21.84 67.93
N LEU E 33 -20.38 -22.63 68.66
CA LEU E 33 -19.84 -22.19 69.97
C LEU E 33 -19.03 -20.90 69.77
N VAL E 34 -18.01 -20.96 68.91
CA VAL E 34 -17.14 -19.80 68.68
C VAL E 34 -17.95 -18.61 68.15
N LYS E 35 -19.01 -18.89 67.40
CA LYS E 35 -19.91 -17.83 66.96
C LYS E 35 -20.60 -17.17 68.17
N LEU E 36 -21.05 -17.99 69.12
CA LEU E 36 -21.65 -17.48 70.37
C LEU E 36 -20.68 -16.65 71.21
N VAL E 37 -19.47 -17.16 71.43
CA VAL E 37 -18.45 -16.44 72.21
C VAL E 37 -18.09 -15.10 71.56
N THR E 38 -17.89 -15.10 70.24
CA THR E 38 -17.61 -13.88 69.48
C THR E 38 -18.78 -12.90 69.63
N HIS E 39 -19.98 -13.43 69.71
CA HIS E 39 -21.18 -12.62 69.94
C HIS E 39 -21.24 -12.07 71.38
N PHE E 40 -21.06 -12.96 72.37
CA PHE E 40 -20.98 -12.56 73.78
C PHE E 40 -20.02 -11.39 73.95
N GLU E 41 -18.81 -11.55 73.43
CA GLU E 41 -17.77 -10.53 73.53
C GLU E 41 -18.30 -9.15 73.12
N GLU E 42 -18.96 -9.09 71.97
CA GLU E 42 -19.48 -7.83 71.42
C GLU E 42 -20.57 -7.18 72.29
N MET E 43 -21.42 -8.01 72.89
CA MET E 43 -22.45 -7.51 73.81
C MET E 43 -21.81 -6.85 75.03
N THR E 44 -20.83 -7.52 75.64
CA THR E 44 -20.21 -7.01 76.84
C THR E 44 -19.42 -5.74 76.53
N GLU E 45 -18.73 -5.70 75.38
CA GLU E 45 -17.72 -4.66 75.11
C GLU E 45 -16.56 -4.71 76.12
N HIS E 46 -16.42 -5.83 76.84
CA HIS E 46 -15.50 -5.93 77.97
C HIS E 46 -14.07 -6.21 77.53
N PRO E 47 -13.06 -5.63 78.22
CA PRO E 47 -11.66 -5.78 77.84
C PRO E 47 -11.04 -7.16 77.98
N SER E 48 -11.34 -7.85 79.07
CA SER E 48 -10.98 -9.27 79.22
C SER E 48 -11.42 -10.09 78.00
N GLY E 49 -12.58 -9.76 77.42
CA GLY E 49 -13.03 -10.36 76.17
C GLY E 49 -13.62 -11.73 76.42
N SER E 50 -12.99 -12.75 75.84
CA SER E 50 -13.40 -14.15 76.07
C SER E 50 -12.89 -14.65 77.41
N ASP E 51 -11.94 -13.96 77.99
CA ASP E 51 -11.29 -14.46 79.18
C ASP E 51 -12.23 -14.47 80.36
N LEU E 52 -13.27 -13.65 80.33
CA LEU E 52 -14.28 -13.68 81.38
C LEU E 52 -14.78 -15.09 81.58
N ILE E 53 -14.80 -15.89 80.53
CA ILE E 53 -15.35 -17.22 80.63
C ILE E 53 -14.30 -18.30 80.92
N TYR E 54 -13.18 -18.21 80.22
CA TYR E 54 -12.21 -19.28 80.15
C TYR E 54 -10.91 -19.01 80.91
N TYR E 55 -10.70 -17.75 81.31
CA TYR E 55 -9.46 -17.34 81.97
C TYR E 55 -9.72 -16.19 82.96
N PRO E 56 -10.63 -16.41 83.94
CA PRO E 56 -11.06 -15.35 84.84
C PRO E 56 -9.95 -14.86 85.72
N LYS E 57 -10.10 -13.63 86.22
CA LYS E 57 -9.13 -13.05 87.11
C LYS E 57 -9.15 -13.83 88.41
N GLU E 58 -8.19 -13.57 89.28
CA GLU E 58 -8.17 -14.19 90.59
C GLU E 58 -9.41 -13.75 91.39
N GLY E 59 -10.10 -14.71 92.00
CA GLY E 59 -11.19 -14.39 92.91
C GLY E 59 -12.48 -13.90 92.27
N ASP E 60 -12.53 -13.87 90.94
CA ASP E 60 -13.78 -13.61 90.24
C ASP E 60 -14.62 -14.90 90.23
N ASP E 61 -15.93 -14.73 90.10
CA ASP E 61 -16.80 -15.87 89.92
C ASP E 61 -17.01 -16.17 88.43
N ASP E 62 -16.58 -17.37 88.03
CA ASP E 62 -16.63 -17.80 86.63
C ASP E 62 -17.83 -18.69 86.29
N SER E 63 -18.65 -19.05 87.27
CA SER E 63 -19.89 -19.77 87.00
C SER E 63 -20.75 -18.81 86.18
N PRO E 64 -21.65 -19.36 85.35
CA PRO E 64 -22.49 -18.55 84.46
C PRO E 64 -22.98 -17.22 85.06
N SER E 65 -23.61 -17.28 86.24
CA SER E 65 -24.17 -16.10 86.93
C SER E 65 -23.13 -15.03 87.27
N GLY E 66 -22.07 -15.42 87.98
CA GLY E 66 -20.98 -14.51 88.36
C GLY E 66 -20.37 -13.71 87.24
N ILE E 67 -20.34 -14.33 86.05
CA ILE E 67 -19.95 -13.63 84.82
C ILE E 67 -21.01 -12.61 84.40
N VAL E 68 -22.28 -13.00 84.47
CA VAL E 68 -23.32 -12.02 84.17
C VAL E 68 -23.10 -10.89 85.16
N ASN E 69 -22.84 -11.25 86.41
CA ASN E 69 -22.56 -10.26 87.47
C ASN E 69 -21.35 -9.36 87.21
N THR E 70 -20.25 -9.91 86.69
CA THR E 70 -19.08 -9.09 86.37
C THR E 70 -19.33 -8.07 85.26
N VAL E 71 -20.01 -8.52 84.21
CA VAL E 71 -20.33 -7.69 83.05
C VAL E 71 -21.24 -6.54 83.51
N LYS E 72 -22.26 -6.90 84.28
CA LYS E 72 -23.29 -5.99 84.75
C LYS E 72 -22.68 -4.79 85.44
N GLN E 73 -21.92 -5.05 86.50
CA GLN E 73 -21.36 -3.97 87.30
C GLN E 73 -20.23 -3.21 86.60
N TRP E 74 -19.48 -3.89 85.74
CA TRP E 74 -18.45 -3.22 84.94
C TRP E 74 -19.08 -2.19 84.03
N ARG E 75 -20.01 -2.64 83.18
CA ARG E 75 -20.65 -1.77 82.20
C ARG E 75 -21.28 -0.54 82.86
N ALA E 76 -22.03 -0.78 83.94
CA ALA E 76 -22.65 0.27 84.73
C ALA E 76 -21.59 1.25 85.22
N ALA E 77 -20.52 0.73 85.81
CA ALA E 77 -19.43 1.55 86.37
C ALA E 77 -18.52 2.30 85.37
N ASN E 78 -18.69 2.08 84.06
CA ASN E 78 -17.92 2.80 83.03
C ASN E 78 -18.77 3.61 82.03
N GLY E 79 -19.99 3.98 82.41
CA GLY E 79 -20.92 4.69 81.51
C GLY E 79 -21.39 3.91 80.27
N LYS E 80 -22.12 2.81 80.46
CA LYS E 80 -22.60 1.99 79.33
C LYS E 80 -24.05 1.58 79.55
N SER E 81 -24.79 1.37 78.47
CA SER E 81 -26.20 0.95 78.58
C SER E 81 -26.33 -0.39 79.31
N GLY E 82 -27.48 -0.63 79.93
CA GLY E 82 -27.72 -1.81 80.76
C GLY E 82 -28.61 -2.78 80.04
N PHE E 83 -29.22 -3.68 80.80
CA PHE E 83 -30.09 -4.72 80.23
C PHE E 83 -31.48 -4.18 79.86
N LYS E 84 -32.28 -5.03 79.22
CA LYS E 84 -33.66 -4.68 78.92
C LYS E 84 -34.46 -4.67 80.22
N GLN E 85 -35.41 -3.73 80.31
CA GLN E 85 -36.17 -3.39 81.51
C GLN E 85 -35.43 -2.34 82.34
N LEU F 3 35.64 -5.81 -62.69
CA LEU F 3 36.28 -4.60 -63.32
C LEU F 3 35.72 -4.24 -64.72
N LYS F 4 34.56 -4.77 -65.09
CA LYS F 4 34.02 -4.68 -66.45
C LYS F 4 32.48 -4.82 -66.43
N HIS F 5 31.76 -3.72 -66.64
CA HIS F 5 30.29 -3.73 -66.46
C HIS F 5 29.46 -3.85 -67.75
N SER F 6 30.06 -3.54 -68.90
CA SER F 6 29.38 -3.66 -70.19
C SER F 6 30.32 -4.37 -71.16
N ILE F 7 29.75 -5.00 -72.18
CA ILE F 7 30.57 -5.65 -73.23
C ILE F 7 31.37 -4.61 -74.02
N SER F 8 30.88 -3.37 -74.01
CA SER F 8 31.56 -2.23 -74.64
C SER F 8 32.88 -1.80 -73.96
N ASP F 9 33.15 -2.26 -72.74
CA ASP F 9 34.50 -2.16 -72.18
C ASP F 9 35.48 -2.98 -73.00
N TYR F 10 35.01 -4.16 -73.44
CA TYR F 10 35.86 -5.15 -74.12
C TYR F 10 36.11 -4.82 -75.57
N THR F 11 37.36 -4.97 -75.98
CA THR F 11 37.69 -5.02 -77.39
C THR F 11 37.37 -6.45 -77.86
N GLU F 12 37.26 -6.64 -79.16
CA GLU F 12 37.03 -7.97 -79.70
C GLU F 12 38.16 -8.92 -79.29
N ALA F 13 39.40 -8.47 -79.42
CA ALA F 13 40.56 -9.29 -79.02
C ALA F 13 40.63 -9.54 -77.50
N GLU F 14 40.11 -8.61 -76.71
CA GLU F 14 39.99 -8.76 -75.25
C GLU F 14 38.88 -9.71 -74.83
N PHE F 15 37.71 -9.61 -75.49
CA PHE F 15 36.61 -10.55 -75.25
C PHE F 15 36.95 -11.99 -75.69
N LEU F 16 37.65 -12.15 -76.81
CA LEU F 16 38.07 -13.48 -77.26
C LEU F 16 38.80 -14.24 -76.15
N GLN F 17 39.74 -13.58 -75.48
CA GLN F 17 40.54 -14.25 -74.46
C GLN F 17 39.64 -14.88 -73.40
N LEU F 18 38.72 -14.08 -72.87
CA LEU F 18 37.77 -14.55 -71.85
C LEU F 18 37.12 -15.87 -72.28
N VAL F 19 36.63 -15.91 -73.50
CA VAL F 19 35.91 -17.09 -74.01
C VAL F 19 36.84 -18.29 -74.22
N THR F 20 38.11 -18.00 -74.53
CA THR F 20 39.15 -19.02 -74.68
C THR F 20 39.60 -19.55 -73.31
N THR F 21 39.61 -18.67 -72.30
CA THR F 21 39.82 -19.09 -70.92
C THR F 21 38.72 -20.09 -70.56
N ILE F 22 37.47 -19.64 -70.60
CA ILE F 22 36.31 -20.46 -70.21
C ILE F 22 36.22 -21.81 -70.95
N CYS F 23 36.55 -21.83 -72.23
CA CYS F 23 36.43 -23.05 -73.03
C CYS F 23 37.45 -24.11 -72.65
N ASN F 24 38.70 -23.67 -72.46
CA ASN F 24 39.80 -24.55 -72.07
C ASN F 24 39.81 -24.89 -70.57
N ALA F 25 38.99 -24.20 -69.77
CA ALA F 25 38.88 -24.40 -68.31
C ALA F 25 40.10 -23.86 -67.56
N ASP F 26 40.68 -22.80 -68.10
CA ASP F 26 41.94 -22.24 -67.60
C ASP F 26 41.69 -21.40 -66.34
N THR F 27 41.37 -22.10 -65.25
CA THR F 27 41.18 -21.47 -63.95
C THR F 27 41.84 -22.28 -62.84
N SER F 28 41.97 -21.61 -61.70
CA SER F 28 42.49 -22.19 -60.47
C SER F 28 41.44 -23.03 -59.73
N SER F 29 40.17 -22.73 -59.98
CA SER F 29 39.05 -23.44 -59.34
C SER F 29 37.84 -23.50 -60.27
N GLU F 30 36.87 -24.34 -59.93
CA GLU F 30 35.59 -24.33 -60.63
C GLU F 30 34.77 -23.10 -60.24
N GLU F 31 34.99 -22.59 -59.03
CA GLU F 31 34.26 -21.41 -58.54
C GLU F 31 34.58 -20.13 -59.31
N GLU F 32 35.84 -19.97 -59.70
CA GLU F 32 36.24 -18.86 -60.58
C GLU F 32 35.78 -19.12 -62.02
N LEU F 33 35.83 -20.38 -62.48
CA LEU F 33 35.31 -20.72 -63.83
C LEU F 33 33.84 -20.36 -63.95
N VAL F 34 33.05 -20.75 -62.95
CA VAL F 34 31.62 -20.43 -62.93
C VAL F 34 31.40 -18.91 -62.80
N LYS F 35 32.31 -18.22 -62.13
CA LYS F 35 32.23 -16.76 -62.01
C LYS F 35 32.47 -16.09 -63.38
N LEU F 36 33.31 -16.72 -64.21
CA LEU F 36 33.62 -16.25 -65.59
C LEU F 36 32.47 -16.51 -66.57
N VAL F 37 31.85 -17.69 -66.50
CA VAL F 37 30.67 -18.01 -67.33
C VAL F 37 29.50 -17.09 -66.95
N THR F 38 29.26 -16.95 -65.65
CA THR F 38 28.23 -16.03 -65.16
C THR F 38 28.49 -14.61 -65.66
N HIS F 39 29.76 -14.22 -65.73
CA HIS F 39 30.16 -12.90 -66.23
C HIS F 39 29.99 -12.81 -67.75
N PHE F 40 30.42 -13.86 -68.45
CA PHE F 40 30.23 -13.97 -69.91
C PHE F 40 28.76 -13.75 -70.23
N GLU F 41 27.90 -14.56 -69.63
CA GLU F 41 26.46 -14.48 -69.88
C GLU F 41 25.92 -13.04 -69.87
N GLU F 42 26.36 -12.25 -68.89
CA GLU F 42 25.87 -10.87 -68.73
C GLU F 42 26.35 -9.92 -69.81
N MET F 43 27.60 -10.10 -70.25
CA MET F 43 28.15 -9.28 -71.32
C MET F 43 27.40 -9.52 -72.64
N THR F 44 27.18 -10.79 -72.96
CA THR F 44 26.47 -11.12 -74.19
C THR F 44 25.02 -10.62 -74.15
N GLU F 45 24.36 -10.81 -73.02
CA GLU F 45 22.90 -10.63 -72.90
C GLU F 45 22.14 -11.67 -73.73
N HIS F 46 22.82 -12.74 -74.17
CA HIS F 46 22.29 -13.65 -75.18
C HIS F 46 21.32 -14.61 -74.53
N PRO F 47 20.32 -15.12 -75.30
CA PRO F 47 19.30 -16.06 -74.83
C PRO F 47 19.76 -17.48 -74.54
N SER F 48 20.52 -18.06 -75.47
CA SER F 48 21.18 -19.32 -75.19
C SER F 48 21.94 -19.26 -73.84
N GLY F 49 22.52 -18.11 -73.52
CA GLY F 49 23.12 -17.87 -72.20
C GLY F 49 24.50 -18.47 -72.11
N SER F 50 24.64 -19.54 -71.30
CA SER F 50 25.86 -20.38 -71.21
C SER F 50 25.86 -21.52 -72.23
N ASP F 51 24.75 -21.72 -72.94
CA ASP F 51 24.67 -22.78 -73.93
C ASP F 51 25.51 -22.49 -75.18
N LEU F 52 25.84 -21.21 -75.41
CA LEU F 52 26.72 -20.86 -76.52
C LEU F 52 27.98 -21.71 -76.45
N ILE F 53 28.49 -21.88 -75.24
CA ILE F 53 29.78 -22.53 -75.01
C ILE F 53 29.68 -24.06 -74.91
N TYR F 54 28.76 -24.52 -74.09
CA TYR F 54 28.71 -25.93 -73.74
C TYR F 54 27.61 -26.74 -74.44
N TYR F 55 26.67 -26.08 -75.11
CA TYR F 55 25.54 -26.77 -75.73
C TYR F 55 25.09 -26.06 -77.02
N PRO F 56 26.03 -25.84 -77.96
CA PRO F 56 25.78 -24.97 -79.12
C PRO F 56 24.76 -25.56 -80.08
N LYS F 57 24.07 -24.67 -80.80
CA LYS F 57 23.04 -25.06 -81.76
C LYS F 57 23.67 -25.93 -82.82
N GLU F 58 22.82 -26.56 -83.63
CA GLU F 58 23.33 -27.34 -84.74
C GLU F 58 24.07 -26.41 -85.70
N GLY F 59 25.27 -26.79 -86.08
CA GLY F 59 26.03 -26.05 -87.09
C GLY F 59 26.60 -24.71 -86.67
N ASP F 60 26.50 -24.39 -85.38
CA ASP F 60 27.18 -23.21 -84.83
C ASP F 60 28.63 -23.59 -84.55
N ASP F 61 29.53 -22.63 -84.72
CA ASP F 61 30.93 -22.83 -84.38
C ASP F 61 31.11 -22.54 -82.90
N ASP F 62 31.41 -23.60 -82.13
CA ASP F 62 31.62 -23.52 -80.66
C ASP F 62 33.08 -23.28 -80.21
N SER F 63 34.02 -23.25 -81.17
CA SER F 63 35.41 -22.86 -80.91
C SER F 63 35.45 -21.40 -80.43
N PRO F 64 36.40 -21.06 -79.54
CA PRO F 64 36.44 -19.72 -78.95
C PRO F 64 36.01 -18.59 -79.91
N SER F 65 36.62 -18.55 -81.10
CA SER F 65 36.36 -17.50 -82.10
C SER F 65 34.91 -17.47 -82.61
N GLY F 66 34.41 -18.63 -83.04
CA GLY F 66 33.04 -18.76 -83.56
C GLY F 66 31.94 -18.34 -82.60
N ILE F 67 32.19 -18.52 -81.31
CA ILE F 67 31.31 -17.99 -80.26
C ILE F 67 31.36 -16.46 -80.32
N VAL F 68 32.58 -15.90 -80.33
CA VAL F 68 32.72 -14.45 -80.35
C VAL F 68 31.95 -13.93 -81.56
N ASN F 69 32.03 -14.68 -82.67
CA ASN F 69 31.30 -14.34 -83.89
C ASN F 69 29.77 -14.43 -83.71
N THR F 70 29.27 -15.47 -83.05
CA THR F 70 27.83 -15.57 -82.81
C THR F 70 27.31 -14.42 -81.96
N VAL F 71 28.08 -14.12 -80.91
CA VAL F 71 27.73 -13.03 -80.01
C VAL F 71 27.74 -11.70 -80.77
N LYS F 72 28.75 -11.51 -81.62
CA LYS F 72 28.96 -10.24 -82.32
C LYS F 72 27.79 -9.88 -83.21
N GLN F 73 27.49 -10.78 -84.14
CA GLN F 73 26.44 -10.55 -85.12
C GLN F 73 25.03 -10.50 -84.50
N TRP F 74 24.81 -11.30 -83.44
CA TRP F 74 23.52 -11.30 -82.73
C TRP F 74 23.22 -9.93 -82.15
N ARG F 75 24.15 -9.43 -81.33
CA ARG F 75 23.99 -8.15 -80.64
C ARG F 75 23.79 -7.00 -81.62
N ALA F 76 24.57 -7.01 -82.69
CA ALA F 76 24.42 -6.01 -83.76
C ALA F 76 23.05 -6.15 -84.44
N ALA F 77 22.64 -7.38 -84.71
CA ALA F 77 21.37 -7.65 -85.37
C ALA F 77 20.12 -7.40 -84.52
N ASN F 78 20.27 -7.21 -83.19
CA ASN F 78 19.12 -6.93 -82.27
C ASN F 78 19.08 -5.53 -81.60
N GLY F 79 19.83 -4.56 -82.14
CA GLY F 79 19.91 -3.21 -81.54
C GLY F 79 20.64 -3.13 -80.20
N LYS F 80 21.90 -3.53 -80.16
CA LYS F 80 22.71 -3.56 -78.92
C LYS F 80 24.10 -2.96 -79.13
N SER F 81 24.72 -2.48 -78.06
CA SER F 81 26.05 -1.88 -78.17
C SER F 81 27.06 -2.93 -78.63
N GLY F 82 28.17 -2.46 -79.21
CA GLY F 82 29.21 -3.31 -79.78
C GLY F 82 30.48 -3.25 -78.95
N PHE F 83 31.56 -3.79 -79.51
CA PHE F 83 32.85 -3.84 -78.80
C PHE F 83 33.54 -2.47 -78.72
N LYS F 84 34.63 -2.42 -77.96
CA LYS F 84 35.42 -1.19 -77.85
C LYS F 84 36.11 -0.94 -79.19
N GLN F 85 36.30 0.36 -79.49
CA GLN F 85 36.70 0.87 -80.80
C GLN F 85 35.48 1.01 -81.69
N SER G 6 16.09 5.01 -69.29
CA SER G 6 17.52 5.41 -69.47
C SER G 6 17.77 6.07 -70.84
N ILE G 7 18.95 6.66 -71.00
CA ILE G 7 19.31 7.39 -72.23
C ILE G 7 19.53 6.46 -73.44
N SER G 8 19.90 5.20 -73.18
CA SER G 8 20.06 4.22 -74.26
C SER G 8 18.71 3.87 -74.93
N ASP G 9 17.59 4.14 -74.26
CA ASP G 9 16.24 4.02 -74.84
C ASP G 9 15.82 5.21 -75.72
N TYR G 10 16.58 6.30 -75.67
CA TYR G 10 16.33 7.47 -76.50
C TYR G 10 17.31 7.53 -77.67
N THR G 11 16.78 7.73 -78.87
CA THR G 11 17.61 7.90 -80.07
C THR G 11 18.24 9.30 -80.04
N GLU G 12 19.33 9.51 -80.78
CA GLU G 12 20.05 10.78 -80.74
C GLU G 12 19.20 11.97 -81.20
N ALA G 13 18.21 11.70 -82.06
CA ALA G 13 17.23 12.72 -82.53
C ALA G 13 16.08 12.95 -81.54
N GLU G 14 15.61 11.89 -80.88
CA GLU G 14 14.60 12.01 -79.81
C GLU G 14 15.11 12.85 -78.62
N PHE G 15 16.40 12.71 -78.31
CA PHE G 15 17.02 13.43 -77.20
C PHE G 15 17.15 14.93 -77.49
N LEU G 16 17.41 15.27 -78.76
CA LEU G 16 17.49 16.68 -79.17
C LEU G 16 16.17 17.41 -79.00
N GLN G 17 15.06 16.73 -79.28
CA GLN G 17 13.72 17.29 -79.11
C GLN G 17 13.40 17.53 -77.63
N LEU G 18 13.88 16.64 -76.77
CA LEU G 18 13.68 16.74 -75.32
C LEU G 18 14.45 17.90 -74.71
N VAL G 19 15.70 18.08 -75.14
CA VAL G 19 16.52 19.22 -74.72
C VAL G 19 15.88 20.55 -75.16
N THR G 20 15.53 20.63 -76.44
CA THR G 20 14.88 21.82 -77.01
C THR G 20 13.58 22.17 -76.29
N THR G 21 12.78 21.15 -75.94
CA THR G 21 11.52 21.35 -75.21
C THR G 21 11.78 22.16 -73.93
N ILE G 22 12.79 21.75 -73.17
CA ILE G 22 13.14 22.40 -71.90
C ILE G 22 13.79 23.77 -72.12
N CYS G 23 14.61 23.89 -73.16
CA CYS G 23 15.29 25.15 -73.46
C CYS G 23 14.29 26.25 -73.83
N ASN G 24 13.31 25.90 -74.67
CA ASN G 24 12.24 26.83 -75.09
C ASN G 24 11.21 27.07 -73.98
N ALA G 25 11.04 26.07 -73.11
CA ALA G 25 10.02 26.05 -72.04
C ALA G 25 8.62 25.69 -72.56
N ASP G 26 8.58 24.72 -73.46
CA ASP G 26 7.33 24.28 -74.08
C ASP G 26 6.52 23.37 -73.15
N THR G 27 5.85 23.99 -72.19
CA THR G 27 5.02 23.27 -71.22
C THR G 27 3.76 24.08 -70.89
N SER G 28 2.82 23.45 -70.19
CA SER G 28 1.57 24.10 -69.78
C SER G 28 1.71 24.96 -68.52
N SER G 29 2.77 24.69 -67.74
CA SER G 29 2.96 25.33 -66.42
C SER G 29 4.42 25.21 -65.92
N GLU G 30 4.68 25.71 -64.72
CA GLU G 30 6.00 25.55 -64.07
C GLU G 30 6.23 24.11 -63.62
N GLU G 31 5.18 23.48 -63.08
CA GLU G 31 5.25 22.10 -62.61
C GLU G 31 5.76 21.13 -63.69
N GLU G 32 5.10 21.14 -64.84
CA GLU G 32 5.52 20.29 -65.95
C GLU G 32 6.95 20.56 -66.43
N LEU G 33 7.38 21.82 -66.46
CA LEU G 33 8.73 22.19 -66.92
C LEU G 33 9.80 21.57 -66.01
N VAL G 34 9.65 21.79 -64.70
CA VAL G 34 10.56 21.24 -63.69
C VAL G 34 10.57 19.71 -63.78
N LYS G 35 9.37 19.14 -63.94
CA LYS G 35 9.20 17.69 -64.10
C LYS G 35 10.01 17.14 -65.28
N LEU G 36 10.07 17.91 -66.37
CA LEU G 36 10.87 17.53 -67.53
C LEU G 36 12.38 17.71 -67.28
N VAL G 37 12.75 18.67 -66.44
CA VAL G 37 14.15 18.86 -66.06
C VAL G 37 14.66 17.72 -65.16
N THR G 38 13.79 17.16 -64.32
CA THR G 38 14.08 15.95 -63.50
C THR G 38 14.52 14.77 -64.35
N HIS G 39 13.93 14.64 -65.53
CA HIS G 39 14.29 13.58 -66.44
C HIS G 39 15.66 13.82 -67.11
N PHE G 40 15.91 15.05 -67.56
CA PHE G 40 17.23 15.40 -68.16
C PHE G 40 18.39 15.09 -67.22
N GLU G 41 18.22 15.38 -65.93
CA GLU G 41 19.26 15.11 -64.93
C GLU G 41 19.51 13.60 -64.75
N GLU G 42 18.43 12.82 -64.60
CA GLU G 42 18.52 11.35 -64.48
C GLU G 42 19.26 10.69 -65.64
N MET G 43 18.99 11.17 -66.85
CA MET G 43 19.53 10.60 -68.08
C MET G 43 21.01 10.92 -68.28
N THR G 44 21.39 12.19 -68.15
CA THR G 44 22.77 12.63 -68.39
C THR G 44 23.77 12.06 -67.38
N GLU G 45 23.32 11.90 -66.13
CA GLU G 45 24.20 11.52 -65.02
C GLU G 45 25.46 12.38 -64.95
N HIS G 46 25.38 13.58 -65.52
CA HIS G 46 26.52 14.50 -65.59
C HIS G 46 26.64 15.18 -64.22
N PRO G 47 27.86 15.26 -63.65
CA PRO G 47 28.08 15.86 -62.32
C PRO G 47 27.41 17.23 -62.15
N SER G 48 27.55 18.08 -63.15
CA SER G 48 26.85 19.37 -63.21
C SER G 48 25.30 19.26 -63.27
N GLY G 49 24.78 18.14 -63.79
CA GLY G 49 23.34 17.84 -63.76
C GLY G 49 22.55 18.68 -64.75
N SER G 50 21.82 19.67 -64.23
CA SER G 50 21.08 20.61 -65.08
C SER G 50 21.74 22.00 -65.12
N ASP G 51 23.04 22.06 -64.82
CA ASP G 51 23.80 23.31 -64.96
C ASP G 51 24.27 23.52 -66.39
N LEU G 52 24.44 22.44 -67.13
CA LEU G 52 24.92 22.52 -68.51
C LEU G 52 23.94 23.37 -69.29
N ILE G 53 22.65 23.06 -69.12
CA ILE G 53 21.57 23.75 -69.84
C ILE G 53 21.46 25.25 -69.55
N TYR G 54 21.66 25.63 -68.29
CA TYR G 54 21.47 27.02 -67.86
C TYR G 54 22.79 27.76 -67.56
N TYR G 55 23.87 27.01 -67.29
CA TYR G 55 25.17 27.56 -66.87
C TYR G 55 26.35 26.77 -67.50
N PRO G 56 26.77 27.13 -68.73
CA PRO G 56 27.81 26.40 -69.49
C PRO G 56 29.17 26.24 -68.77
N ASP G 60 31.44 26.47 -74.24
CA ASP G 60 30.53 25.47 -74.78
C ASP G 60 29.49 26.10 -75.72
N ASP G 61 28.63 25.25 -76.31
CA ASP G 61 27.52 25.69 -77.16
C ASP G 61 26.19 25.48 -76.42
N ASP G 62 25.68 26.58 -75.84
CA ASP G 62 24.46 26.56 -75.03
C ASP G 62 23.21 26.10 -75.81
N SER G 63 23.24 26.20 -77.15
CA SER G 63 22.10 25.86 -78.01
C SER G 63 21.62 24.40 -77.87
N PRO G 64 20.30 24.15 -78.03
CA PRO G 64 19.68 22.82 -77.82
C PRO G 64 20.38 21.68 -78.54
N SER G 65 20.92 21.97 -79.73
CA SER G 65 21.75 21.03 -80.48
C SER G 65 23.12 20.87 -79.81
N GLY G 66 23.75 22.01 -79.47
CA GLY G 66 25.05 22.00 -78.78
C GLY G 66 25.05 21.32 -77.42
N ILE G 67 23.88 21.25 -76.78
CA ILE G 67 23.71 20.56 -75.48
C ILE G 67 23.86 19.04 -75.60
N VAL G 68 23.23 18.45 -76.62
CA VAL G 68 23.30 17.00 -76.82
C VAL G 68 24.74 16.56 -77.17
N ASN G 69 25.52 17.49 -77.75
CA ASN G 69 26.92 17.21 -78.12
C ASN G 69 27.86 17.06 -76.91
N THR G 70 27.87 18.04 -75.98
CA THR G 70 28.71 17.95 -74.76
C THR G 70 28.22 16.82 -73.84
N VAL G 71 26.97 16.40 -74.02
CA VAL G 71 26.41 15.24 -73.31
C VAL G 71 26.85 13.92 -73.97
N LYS G 72 26.73 13.82 -75.29
CA LYS G 72 27.08 12.57 -76.01
C LYS G 72 28.60 12.28 -76.04
N GLN G 73 29.42 13.33 -76.18
CA GLN G 73 30.89 13.21 -76.17
C GLN G 73 31.46 12.92 -74.77
N TRP G 74 30.82 13.47 -73.74
CA TRP G 74 31.19 13.21 -72.34
C TRP G 74 30.87 11.76 -71.95
N ARG G 75 29.67 11.30 -72.28
CA ARG G 75 29.21 9.93 -71.95
C ARG G 75 30.00 8.84 -72.66
N ALA G 76 30.61 9.19 -73.79
CA ALA G 76 31.56 8.33 -74.48
C ALA G 76 32.95 8.37 -73.81
N ALA G 77 33.43 9.57 -73.50
CA ALA G 77 34.74 9.76 -72.85
C ALA G 77 34.83 9.24 -71.40
N ASN G 78 33.69 8.83 -70.81
CA ASN G 78 33.63 8.24 -69.47
C ASN G 78 33.17 6.76 -69.47
N GLY G 79 32.98 6.17 -70.65
CA GLY G 79 32.47 4.81 -70.78
C GLY G 79 31.02 4.63 -70.36
N LYS G 80 30.11 5.36 -71.02
CA LYS G 80 28.66 5.20 -70.79
C LYS G 80 27.96 5.02 -72.14
N SER G 81 26.86 4.27 -72.14
CA SER G 81 26.24 3.74 -73.39
C SER G 81 25.50 4.76 -74.28
CA SER H 6 -22.60 10.17 67.32
C SER H 6 -23.33 10.73 68.57
N ILE H 7 -24.61 10.38 68.71
CA ILE H 7 -25.49 10.94 69.77
C ILE H 7 -25.20 10.40 71.19
N SER H 8 -24.56 9.22 71.28
CA SER H 8 -24.15 8.66 72.57
C SER H 8 -22.98 9.45 73.20
N ASP H 9 -22.29 10.26 72.39
CA ASP H 9 -21.24 11.21 72.86
C ASP H 9 -21.78 12.56 73.35
N TYR H 10 -23.05 12.84 73.07
CA TYR H 10 -23.71 14.05 73.54
C TYR H 10 -24.59 13.74 74.73
N THR H 11 -24.43 14.50 75.81
CA THR H 11 -25.28 14.37 77.00
C THR H 11 -26.67 14.97 76.68
N GLU H 12 -27.68 14.62 77.47
CA GLU H 12 -29.07 15.08 77.19
C GLU H 12 -29.23 16.61 77.31
N ALA H 13 -28.37 17.24 78.10
CA ALA H 13 -28.31 18.70 78.26
C ALA H 13 -27.49 19.39 77.16
N GLU H 14 -26.43 18.74 76.71
CA GLU H 14 -25.66 19.20 75.55
C GLU H 14 -26.48 19.16 74.25
N PHE H 15 -27.34 18.15 74.12
CA PHE H 15 -28.19 18.00 72.93
C PHE H 15 -29.31 19.05 72.87
N LEU H 16 -29.81 19.47 74.02
CA LEU H 16 -30.84 20.53 74.08
C LEU H 16 -30.32 21.88 73.58
N GLN H 17 -29.08 22.20 73.94
CA GLN H 17 -28.41 23.43 73.51
C GLN H 17 -28.15 23.45 71.99
N LEU H 18 -27.87 22.27 71.41
CA LEU H 18 -27.66 22.12 69.97
C LEU H 18 -28.96 22.28 69.17
N VAL H 19 -30.06 21.77 69.73
CA VAL H 19 -31.40 21.95 69.13
C VAL H 19 -31.82 23.41 69.19
N THR H 20 -31.64 24.05 70.34
CA THR H 20 -31.96 25.47 70.52
C THR H 20 -31.13 26.42 69.61
N THR H 21 -29.86 26.08 69.38
CA THR H 21 -28.98 26.87 68.49
C THR H 21 -29.52 26.94 67.07
N ILE H 22 -30.02 25.81 66.56
CA ILE H 22 -30.58 25.73 65.22
C ILE H 22 -31.98 26.35 65.15
N CYS H 23 -32.76 26.19 66.22
CA CYS H 23 -34.14 26.73 66.27
C CYS H 23 -34.17 28.26 66.27
N ASN H 24 -33.21 28.87 66.98
CA ASN H 24 -33.11 30.34 67.05
C ASN H 24 -32.29 30.95 65.91
N ALA H 25 -31.49 30.11 65.23
CA ALA H 25 -30.59 30.54 64.15
C ALA H 25 -29.41 31.36 64.66
N ASP H 26 -28.80 30.88 65.74
CA ASP H 26 -27.65 31.52 66.35
C ASP H 26 -26.36 31.13 65.60
N THR H 27 -26.20 31.70 64.41
CA THR H 27 -25.03 31.44 63.54
C THR H 27 -24.60 32.71 62.79
N SER H 28 -23.33 32.77 62.39
CA SER H 28 -22.76 33.94 61.72
C SER H 28 -23.26 34.14 60.27
N SER H 29 -23.75 33.06 59.64
CA SER H 29 -24.23 33.10 58.25
C SER H 29 -25.12 31.89 57.91
N GLU H 30 -25.68 31.89 56.69
CA GLU H 30 -26.52 30.78 56.22
C GLU H 30 -25.74 29.47 56.17
N GLU H 31 -24.45 29.56 55.81
CA GLU H 31 -23.56 28.40 55.66
C GLU H 31 -23.38 27.61 56.96
N GLU H 32 -23.06 28.32 58.04
CA GLU H 32 -22.91 27.70 59.37
C GLU H 32 -24.22 27.11 59.92
N LEU H 33 -25.37 27.72 59.59
CA LEU H 33 -26.67 27.22 60.04
C LEU H 33 -26.99 25.89 59.38
N VAL H 34 -26.89 25.84 58.05
CA VAL H 34 -27.10 24.60 57.28
C VAL H 34 -26.08 23.55 57.70
N LYS H 35 -24.86 24.00 58.02
CA LYS H 35 -23.81 23.11 58.50
C LYS H 35 -24.17 22.46 59.85
N LEU H 36 -24.83 23.21 60.72
CA LEU H 36 -25.30 22.67 62.01
C LEU H 36 -26.53 21.75 61.86
N VAL H 37 -27.32 21.95 60.81
CA VAL H 37 -28.48 21.08 60.51
C VAL H 37 -28.05 19.71 59.94
N THR H 38 -26.92 19.67 59.22
CA THR H 38 -26.30 18.41 58.74
C THR H 38 -25.95 17.45 59.88
N HIS H 39 -25.57 18.03 61.02
CA HIS H 39 -25.22 17.26 62.23
C HIS H 39 -26.45 16.72 62.98
N PHE H 40 -27.53 17.51 63.08
CA PHE H 40 -28.78 17.05 63.70
C PHE H 40 -29.38 15.83 62.98
N GLU H 41 -29.35 15.84 61.65
CA GLU H 41 -29.85 14.72 60.84
C GLU H 41 -29.02 13.45 61.04
N GLU H 42 -27.69 13.58 60.96
CA GLU H 42 -26.77 12.46 61.23
C GLU H 42 -27.03 11.83 62.60
N MET H 43 -27.20 12.68 63.61
CA MET H 43 -27.37 12.22 65.01
C MET H 43 -28.71 11.53 65.25
N THR H 44 -29.81 12.17 64.86
CA THR H 44 -31.15 11.64 65.11
C THR H 44 -31.46 10.33 64.39
N GLU H 45 -30.91 10.16 63.19
CA GLU H 45 -31.22 9.02 62.31
C GLU H 45 -32.73 8.79 62.13
N HIS H 46 -33.50 9.86 62.33
CA HIS H 46 -34.94 9.80 62.27
C HIS H 46 -35.35 9.89 60.80
N PRO H 47 -36.26 9.00 60.33
CA PRO H 47 -36.70 8.99 58.94
C PRO H 47 -37.02 10.39 58.37
N SER H 48 -37.84 11.13 59.09
CA SER H 48 -38.17 12.50 58.72
C SER H 48 -36.97 13.48 58.70
N GLY H 49 -35.90 13.16 59.44
CA GLY H 49 -34.63 13.90 59.36
C GLY H 49 -34.65 15.27 60.00
N SER H 50 -34.63 16.32 59.19
CA SER H 50 -34.75 17.70 59.67
C SER H 50 -36.13 18.29 59.36
N ASP H 51 -37.16 17.44 59.39
CA ASP H 51 -38.56 17.88 59.31
C ASP H 51 -39.17 18.05 60.69
N LEU H 52 -38.72 17.25 61.64
CA LEU H 52 -39.21 17.32 63.01
C LEU H 52 -39.07 18.75 63.51
N ILE H 53 -37.93 19.36 63.20
CA ILE H 53 -37.60 20.73 63.62
C ILE H 53 -38.45 21.81 62.92
N TYR H 54 -38.75 21.63 61.64
CA TYR H 54 -39.48 22.63 60.88
C TYR H 54 -40.92 22.24 60.51
N TYR H 55 -41.27 20.95 60.62
CA TYR H 55 -42.59 20.42 60.21
C TYR H 55 -43.03 19.25 61.11
N PRO H 56 -43.66 19.54 62.28
CA PRO H 56 -44.04 18.52 63.27
C PRO H 56 -44.89 17.37 62.75
N ASP H 61 -44.36 18.54 70.12
CA ASP H 61 -43.97 19.83 70.70
C ASP H 61 -42.82 20.43 69.90
N ASP H 62 -43.13 21.46 69.12
CA ASP H 62 -42.15 22.11 68.25
C ASP H 62 -41.01 22.83 68.99
N SER H 63 -41.21 23.20 70.25
CA SER H 63 -40.18 23.94 71.03
C SER H 63 -38.85 23.17 71.21
N PRO H 64 -37.72 23.89 71.39
CA PRO H 64 -36.38 23.28 71.48
C PRO H 64 -36.25 22.17 72.53
N SER H 65 -36.99 22.29 73.63
CA SER H 65 -37.04 21.25 74.67
C SER H 65 -37.95 20.09 74.26
N GLY H 66 -39.04 20.39 73.54
CA GLY H 66 -39.95 19.36 73.04
C GLY H 66 -39.41 18.53 71.88
N ILE H 67 -38.42 19.07 71.17
CA ILE H 67 -37.74 18.38 70.06
C ILE H 67 -36.87 17.22 70.54
N VAL H 68 -36.09 17.45 71.62
CA VAL H 68 -35.22 16.41 72.17
C VAL H 68 -36.04 15.27 72.79
N ASN H 69 -37.28 15.56 73.18
CA ASN H 69 -38.16 14.56 73.78
C ASN H 69 -38.64 13.51 72.78
N THR H 70 -39.23 13.94 71.67
CA THR H 70 -39.70 13.01 70.62
C THR H 70 -38.51 12.33 69.90
N VAL H 71 -37.32 12.93 69.99
CA VAL H 71 -36.08 12.29 69.53
C VAL H 71 -35.58 11.22 70.53
N LYS H 72 -35.60 11.52 71.83
CA LYS H 72 -35.10 10.60 72.86
C LYS H 72 -36.05 9.42 73.17
N GLN H 73 -37.36 9.64 72.99
CA GLN H 73 -38.38 8.58 73.16
C GLN H 73 -38.51 7.66 71.93
N TRP H 74 -38.26 8.22 70.73
CA TRP H 74 -38.23 7.45 69.48
C TRP H 74 -37.00 6.50 69.44
N ARG H 75 -35.80 7.05 69.73
CA ARG H 75 -34.53 6.28 69.70
C ARG H 75 -34.43 5.15 70.73
N ALA H 76 -35.27 5.27 71.76
CA ALA H 76 -35.49 4.19 72.72
C ALA H 76 -36.53 3.21 72.17
N ALA H 77 -37.64 3.71 71.65
CA ALA H 77 -38.72 2.88 71.06
C ALA H 77 -38.36 2.20 69.72
N ASN H 78 -37.13 2.39 69.25
CA ASN H 78 -36.55 1.68 68.09
C ASN H 78 -35.17 1.05 68.42
N GLY H 79 -34.89 0.84 69.71
CA GLY H 79 -33.61 0.28 70.16
C GLY H 79 -32.56 1.37 70.26
#